data_9HEJ
#
_entry.id   9HEJ
#
_cell.length_a   1.00
_cell.length_b   1.00
_cell.length_c   1.00
_cell.angle_alpha   90.00
_cell.angle_beta   90.00
_cell.angle_gamma   90.00
#
_symmetry.space_group_name_H-M   'P 1'
#
loop_
_entity.id
_entity.type
_entity.pdbx_description
1 polymer 'Scavenger receptor cysteine-rich type 1 protein M130'
2 polymer 'Hemoglobin subunit alpha'
3 polymer 'Hemoglobin subunit beta'
4 polymer 'Isoform 2 of Haptoglobin'
5 branched 2-acetamido-2-deoxy-beta-D-glucopyranose-(1-4)-2-acetamido-2-deoxy-beta-D-glucopyranose
6 non-polymer 2-acetamido-2-deoxy-beta-D-glucopyranose
7 non-polymer 'CALCIUM ION'
8 non-polymer 'PROTOPORPHYRIN IX CONTAINING FE'
9 non-polymer 'OXYGEN MOLECULE'
#
loop_
_entity_poly.entity_id
_entity_poly.type
_entity_poly.pdbx_seq_one_letter_code
_entity_poly.pdbx_strand_id
1 'polypeptide(L)'
;MSKLRMVLLEDSGSADFRRHFVNLSPFTITVVLLLSACFVTSSLGGTDKELRLVDGENKCSGRVEVKVQEEWGTVCNNGW
SMEAVSVICNQLGCPTAIKAPGWANSSAGSGRIWMDHVSCRGNESALWDCKHDGWGKHSNCTHQQDAGVTCSDGSNLEMR
LTRGGNMCSGRIEIKFQGRWGTVCDDNFNIDHASVICRQLECGSAVSFSGSSNFGEGSGPIWFDDLICNGNESALWNCKH
QGWGKHNCDHAEDAGVICSKGADLSLRLVDGVTECSGRLEVRFQGEWGTICDDGWDSYDAAVACKQLGCPTAVTAIGRVN
ASKGFGHIWLDSVSCQGHEPAIWQCKHHEWGKHYCNHNEDAGVTCSDGSDLELRLRGGGSRCAGTVEVEIQRLLGKVCDR
GWGLKEADVVCRQLGCGSALKTSYQVYSKIQATNTWLFLSSCNGNETSLWDCKNWQWGGLTCDHYEEAKITCSAHREPRL
VGGDIPCSGRVEVKHGDTWGSICDSDFSLEAASVLCRELQCGTVVSILGGAHFGEGNGQIWAEEFQCEGHESHLSLCPVA
PRPEGTCSHSRDVGVVCSRYTEIRLVNGKTPCEGRVELKTLGAWGSLCNSHWDIEDAHVLCQQLKCGVALSTPGGARFGK
GNGQIWRHMFHCTGTEQHMGDCPVTALGASLCPSEQVASVICSGNQSQTLSSCNSSSLGPTRPTIPEESAVACIESGQLR
LVNGGGRCAGRVEIYHEGSWGTICDDSWDLSDAHVVCRQLGCGEAINATGSAHFGEGTGPIWLDEMKCNGKESRIWQCHS
HGWGQQNCRHKEDAGVICSEFMSLRLTSEASREACAGRLEVFYNGAWGTVGKSSMSETTVGVVCRQLGCADKGKINPASL
DKAMSIPMWVDNVQCPKGPDTLWQCPSSPWEKRLASPSEETWITCDNKIRLQEGPTSCSGRVEIWHGGSWGTVCDDSWDL
DDAQVVCQQLGCGPALKAFKEAEFGQGTGPIWLNEVKCKGNESSLWDCPARRWGHSECGHKEDAAVNCTDISVQKTPQKA
TTGRSSRQSSFIAVGILGVVLLAIFVALFFLTKKRRQRQRLAVSSRGENLVHQIQYREMNSCLNADDLDLMNSSENSHES
ADFSAAELISVSKFLPISGMEKEAILSHTEKENGNL
;
A,B
2 'polypeptide(L)'
;MVLSPADKTNVKAAWGKVGAHAGEYGAEALERMFLSFPTTKTYFPHFDLSHGSAQVKGHGKKVADALTNAVAHVDDMPNA
LSALSDLHAHKLRVDPVNFKLLSHCLLVTLAAHLPAEFTPAVHASLDKFLASVSTVLTSKYR
;
D
3 'polypeptide(L)'
;MVHLTPEEKSAVTALWGKVNVDEVGGEALGRLLVVYPWTQRFFESFGDLSTPDAVMGNPKVKAHGKKVLGAFSDGLAHLD
NLKGTFATLSELHCDKLHVDPENFRLLGNVLVCVLAHHFGKEFTPPVQAAYQKVVAGVANALAHKYH
;
E
4 'polypeptide(L)'
;MSALGAVIALLLWGQLFAVDSGNDVTDIADDGCPKPPEIAHGYVEHSVRYQCKNYYKLRTEGDGVYTLNNEKQWINKAVG
DKLPECEAVCGKPKNPANPVQRILGGHLDAKGSFPWQAKMVSHHNLTTGATLINEQWLLTTAKNLFLNHSENATAKDIAP
TLTLYVGKKQLVEIEKVVLHPNYSQVDIGLIKLKQKVSVNERVMPICLPSKDYAEVGRVGYVSGWGRNANFKFTDHLKYV
MLPVADQDQCIRHYEGSTVPEKKTPKSPVGVQPILNEHTFCAGMSKYQEDTCYGDAGSAFAVHDLEEDTWYATGILSFDK
SCAVAEYGVYVKVTSIQDWVQKTIAEN
;
F,G
#
# COMPACT_ATOMS: atom_id res chain seq x y z
N SER A 152 -65.08 -21.24 44.11
CA SER A 152 -65.26 -20.68 42.78
C SER A 152 -65.24 -21.77 41.70
N ASP A 153 -66.28 -21.79 40.87
CA ASP A 153 -66.38 -22.75 39.77
C ASP A 153 -65.66 -22.29 38.51
N GLY A 154 -65.17 -21.06 38.48
CA GLY A 154 -64.51 -20.53 37.30
C GLY A 154 -65.33 -19.57 36.47
N SER A 155 -66.52 -19.18 36.94
CA SER A 155 -67.34 -18.26 36.16
C SER A 155 -66.85 -16.83 36.25
N ASN A 156 -66.36 -16.41 37.41
CA ASN A 156 -66.01 -15.01 37.62
C ASN A 156 -64.63 -14.65 37.06
N LEU A 157 -63.80 -15.63 36.75
CA LEU A 157 -62.48 -15.34 36.20
C LEU A 157 -62.59 -14.84 34.76
N GLU A 158 -61.59 -14.07 34.35
CA GLU A 158 -61.53 -13.57 32.98
C GLU A 158 -60.07 -13.49 32.55
N MET A 159 -59.84 -13.76 31.26
CA MET A 159 -58.50 -13.84 30.70
C MET A 159 -58.35 -12.80 29.60
N ARG A 160 -57.12 -12.29 29.46
CA ARG A 160 -56.84 -11.18 28.57
C ARG A 160 -55.43 -11.34 28.01
N LEU A 161 -55.22 -10.77 26.82
CA LEU A 161 -53.90 -10.71 26.20
C LEU A 161 -53.54 -9.25 25.97
N THR A 162 -52.39 -8.82 26.50
CA THR A 162 -52.01 -7.42 26.53
C THR A 162 -50.62 -7.24 25.94
N ARG A 163 -50.37 -6.01 25.46
CA ARG A 163 -49.09 -5.60 24.90
C ARG A 163 -48.70 -6.43 23.69
N GLY A 164 -49.68 -6.79 22.86
CA GLY A 164 -49.44 -7.43 21.59
C GLY A 164 -49.79 -6.55 20.41
N GLY A 165 -49.62 -7.13 19.23
CA GLY A 165 -50.00 -6.44 18.01
C GLY A 165 -51.50 -6.27 17.83
N ASN A 166 -52.30 -7.10 18.48
CA ASN A 166 -53.75 -6.99 18.46
C ASN A 166 -54.31 -7.89 19.56
N MET A 167 -55.64 -7.98 19.60
CA MET A 167 -56.31 -8.63 20.72
C MET A 167 -56.04 -10.13 20.77
N CYS A 168 -55.55 -10.72 19.69
CA CYS A 168 -55.26 -12.15 19.65
C CYS A 168 -53.76 -12.44 19.77
N SER A 169 -53.01 -11.54 20.39
CA SER A 169 -51.59 -11.77 20.64
C SER A 169 -51.15 -10.91 21.81
N GLY A 170 -50.28 -11.44 22.64
CA GLY A 170 -49.69 -10.68 23.71
C GLY A 170 -49.49 -11.52 24.96
N ARG A 171 -49.23 -10.82 26.05
CA ARG A 171 -48.94 -11.46 27.33
C ARG A 171 -50.21 -11.96 27.99
N ILE A 172 -50.13 -13.17 28.54
CA ILE A 172 -51.28 -13.80 29.18
C ILE A 172 -51.51 -13.15 30.53
N GLU A 173 -52.74 -12.71 30.78
CA GLU A 173 -53.10 -12.09 32.05
C GLU A 173 -54.43 -12.65 32.52
N ILE A 174 -54.56 -12.84 33.83
CA ILE A 174 -55.76 -13.40 34.44
C ILE A 174 -56.12 -12.55 35.65
N LYS A 175 -57.40 -12.20 35.77
CA LYS A 175 -57.94 -11.54 36.95
C LYS A 175 -58.44 -12.59 37.95
N PHE A 176 -58.06 -12.41 39.21
CA PHE A 176 -58.58 -13.25 40.29
C PHE A 176 -58.43 -12.49 41.60
N GLN A 177 -59.52 -12.44 42.38
CA GLN A 177 -59.57 -11.70 43.64
C GLN A 177 -59.33 -10.21 43.41
N GLY A 178 -59.69 -9.74 42.23
CA GLY A 178 -59.61 -8.33 41.91
C GLY A 178 -58.25 -7.83 41.48
N ARG A 179 -57.31 -8.72 41.23
CA ARG A 179 -55.96 -8.35 40.84
C ARG A 179 -55.62 -9.00 39.50
N TRP A 180 -55.00 -8.23 38.62
CA TRP A 180 -54.48 -8.76 37.37
C TRP A 180 -53.18 -9.52 37.63
N GLY A 181 -53.02 -10.67 36.97
CA GLY A 181 -51.84 -11.48 37.17
C GLY A 181 -51.50 -12.29 35.95
N THR A 182 -50.25 -12.74 35.91
CA THR A 182 -49.70 -13.43 34.76
C THR A 182 -49.50 -14.92 35.08
N VAL A 183 -48.94 -15.64 34.12
CA VAL A 183 -48.62 -17.05 34.25
C VAL A 183 -47.17 -17.26 33.84
N CYS A 184 -46.42 -18.01 34.64
CA CYS A 184 -45.03 -18.23 34.30
C CYS A 184 -44.90 -19.23 33.15
N ASP A 185 -43.74 -19.19 32.49
CA ASP A 185 -43.51 -19.95 31.27
C ASP A 185 -42.86 -21.31 31.52
N ASP A 186 -42.66 -21.70 32.77
CA ASP A 186 -42.14 -23.03 33.06
C ASP A 186 -43.12 -24.09 32.56
N ASN A 187 -42.59 -25.09 31.86
CA ASN A 187 -43.39 -26.18 31.29
C ASN A 187 -44.50 -25.66 30.37
N PHE A 188 -44.27 -24.49 29.77
CA PHE A 188 -45.20 -23.94 28.79
C PHE A 188 -44.86 -24.48 27.41
N ASN A 189 -45.89 -24.90 26.68
CA ASN A 189 -45.71 -25.53 25.38
C ASN A 189 -46.95 -25.24 24.54
N ILE A 190 -46.99 -25.83 23.35
CA ILE A 190 -48.05 -25.53 22.40
C ILE A 190 -49.41 -26.00 22.89
N ASP A 191 -49.45 -26.94 23.83
CA ASP A 191 -50.73 -27.37 24.38
C ASP A 191 -51.38 -26.26 25.19
N HIS A 192 -50.60 -25.56 26.01
CA HIS A 192 -51.12 -24.42 26.76
C HIS A 192 -51.62 -23.34 25.81
N ALA A 193 -50.85 -23.07 24.74
CA ALA A 193 -51.26 -22.06 23.78
C ALA A 193 -52.56 -22.43 23.08
N SER A 194 -52.69 -23.71 22.68
CA SER A 194 -53.93 -24.17 22.06
C SER A 194 -55.10 -24.03 23.02
N VAL A 195 -54.90 -24.38 24.29
CA VAL A 195 -55.95 -24.22 25.29
C VAL A 195 -56.32 -22.74 25.44
N ILE A 196 -55.32 -21.86 25.42
CA ILE A 196 -55.58 -20.44 25.60
C ILE A 196 -56.25 -19.84 24.36
N CYS A 197 -55.80 -20.21 23.16
CA CYS A 197 -56.48 -19.72 21.97
C CYS A 197 -57.70 -20.56 21.68
N ARG A 198 -58.51 -20.79 22.70
CA ARG A 198 -59.82 -21.41 22.57
C ARG A 198 -60.87 -20.67 23.36
N GLN A 199 -60.52 -20.15 24.53
CA GLN A 199 -61.46 -19.46 25.40
C GLN A 199 -61.52 -17.96 25.16
N LEU A 200 -60.64 -17.40 24.34
CA LEU A 200 -60.74 -16.02 23.91
C LEU A 200 -61.30 -15.88 22.50
N GLU A 201 -61.72 -16.99 21.88
CA GLU A 201 -62.32 -17.07 20.55
C GLU A 201 -61.31 -16.85 19.44
N CYS A 202 -60.05 -16.55 19.75
CA CYS A 202 -59.01 -16.51 18.75
C CYS A 202 -58.52 -17.94 18.52
N GLY A 203 -58.59 -18.41 17.28
CA GLY A 203 -58.41 -19.81 17.00
C GLY A 203 -57.00 -20.20 16.60
N SER A 204 -56.69 -21.48 16.75
CA SER A 204 -55.54 -22.14 16.12
C SER A 204 -54.22 -21.46 16.52
N ALA A 205 -53.86 -21.64 17.78
CA ALA A 205 -52.64 -21.08 18.34
C ALA A 205 -51.46 -21.27 17.40
N VAL A 206 -50.83 -20.16 17.03
CA VAL A 206 -49.73 -20.18 16.07
C VAL A 206 -48.38 -20.33 16.76
N SER A 207 -48.13 -19.52 17.78
CA SER A 207 -46.85 -19.59 18.48
C SER A 207 -47.07 -19.22 19.94
N PHE A 208 -46.13 -19.65 20.76
CA PHE A 208 -46.11 -19.32 22.18
C PHE A 208 -44.77 -18.69 22.52
N SER A 209 -44.76 -17.89 23.56
CA SER A 209 -43.60 -17.09 23.91
C SER A 209 -43.17 -17.39 25.34
N GLY A 210 -42.00 -16.86 25.69
CA GLY A 210 -41.48 -16.94 27.04
C GLY A 210 -40.68 -15.69 27.34
N SER A 211 -40.08 -15.68 28.52
CA SER A 211 -39.13 -14.66 28.97
C SER A 211 -39.53 -13.26 28.51
N SER A 212 -40.73 -12.87 28.89
CA SER A 212 -41.28 -11.53 28.71
C SER A 212 -40.95 -10.94 27.33
N ASN A 213 -41.33 -11.67 26.28
CA ASN A 213 -41.15 -11.18 24.92
C ASN A 213 -42.00 -9.94 24.67
N PHE A 214 -43.01 -9.69 25.51
CA PHE A 214 -43.95 -8.59 25.34
C PHE A 214 -43.83 -7.60 26.49
N GLY A 215 -42.69 -7.57 27.16
CA GLY A 215 -42.47 -6.69 28.28
C GLY A 215 -42.80 -7.34 29.60
N GLU A 216 -42.09 -6.94 30.63
CA GLU A 216 -42.31 -7.50 31.95
C GLU A 216 -43.66 -7.05 32.50
N GLY A 217 -44.35 -7.97 33.16
CA GLY A 217 -45.65 -7.67 33.73
C GLY A 217 -45.56 -7.15 35.15
N SER A 218 -46.69 -7.16 35.83
CA SER A 218 -46.76 -6.69 37.20
C SER A 218 -47.87 -7.46 37.91
N GLY A 219 -47.79 -7.48 39.23
CA GLY A 219 -48.80 -8.12 40.04
C GLY A 219 -48.46 -9.55 40.37
N PRO A 220 -49.44 -10.29 40.88
CA PRO A 220 -49.19 -11.68 41.28
C PRO A 220 -48.96 -12.59 40.08
N ILE A 221 -48.29 -13.71 40.35
CA ILE A 221 -48.11 -14.78 39.39
C ILE A 221 -48.99 -15.93 39.83
N TRP A 222 -49.96 -16.30 38.98
CA TRP A 222 -50.97 -17.25 39.39
C TRP A 222 -50.59 -18.71 39.13
N PHE A 223 -49.94 -19.00 38.01
CA PHE A 223 -49.69 -20.37 37.61
C PHE A 223 -48.21 -20.61 37.35
N ASP A 224 -47.78 -21.85 37.57
CA ASP A 224 -46.41 -22.27 37.31
C ASP A 224 -46.38 -23.79 37.22
N ASP A 225 -45.59 -24.30 36.27
CA ASP A 225 -45.36 -25.74 36.11
C ASP A 225 -46.67 -26.49 35.84
N LEU A 226 -47.56 -25.88 35.07
CA LEU A 226 -48.81 -26.54 34.69
C LEU A 226 -48.55 -27.57 33.59
N ILE A 227 -49.29 -28.68 33.66
CA ILE A 227 -49.31 -29.67 32.60
C ILE A 227 -50.73 -29.73 32.03
N CYS A 228 -50.84 -29.51 30.71
CA CYS A 228 -52.13 -29.49 30.04
C CYS A 228 -52.09 -30.49 28.90
N ASN A 229 -53.28 -30.97 28.52
CA ASN A 229 -53.38 -32.05 27.55
C ASN A 229 -53.74 -31.58 26.15
N GLY A 230 -53.85 -30.26 25.93
CA GLY A 230 -54.09 -29.73 24.62
C GLY A 230 -55.54 -29.57 24.23
N ASN A 231 -56.49 -29.90 25.12
CA ASN A 231 -57.90 -29.88 24.78
C ASN A 231 -58.78 -29.69 26.00
N GLU A 232 -58.59 -28.60 26.71
CA GLU A 232 -59.41 -28.27 27.87
C GLU A 232 -60.28 -27.05 27.59
N SER A 233 -61.22 -26.81 28.50
CA SER A 233 -62.13 -25.68 28.35
C SER A 233 -61.47 -24.35 28.67
N ALA A 234 -60.43 -24.36 29.49
CA ALA A 234 -59.72 -23.13 29.86
C ALA A 234 -58.42 -23.53 30.54
N LEU A 235 -57.60 -22.52 30.82
CA LEU A 235 -56.30 -22.76 31.43
C LEU A 235 -56.41 -23.24 32.87
N TRP A 236 -57.43 -22.80 33.59
CA TRP A 236 -57.54 -23.15 35.00
C TRP A 236 -58.09 -24.55 35.23
N ASN A 237 -58.31 -25.33 34.18
CA ASN A 237 -58.74 -26.72 34.35
C ASN A 237 -57.58 -27.70 34.37
N CYS A 238 -56.35 -27.22 34.20
CA CYS A 238 -55.20 -28.10 34.22
C CYS A 238 -54.78 -28.41 35.65
N LYS A 239 -53.99 -29.47 35.81
CA LYS A 239 -53.46 -29.84 37.12
C LYS A 239 -52.27 -28.96 37.47
N HIS A 240 -52.22 -28.50 38.73
CA HIS A 240 -51.17 -27.62 39.18
C HIS A 240 -50.96 -27.78 40.68
N GLN A 241 -49.82 -27.27 41.16
CA GLN A 241 -49.48 -27.40 42.57
C GLN A 241 -50.41 -26.57 43.44
N GLY A 242 -50.78 -25.38 43.00
CA GLY A 242 -51.66 -24.53 43.77
C GLY A 242 -51.72 -23.09 43.27
N TRP A 243 -52.86 -22.44 43.48
CA TRP A 243 -53.01 -21.04 43.09
C TRP A 243 -51.99 -20.17 43.82
N GLY A 244 -51.31 -19.31 43.06
CA GLY A 244 -50.35 -18.40 43.63
C GLY A 244 -49.09 -19.02 44.17
N LYS A 245 -48.88 -20.33 43.95
CA LYS A 245 -47.68 -21.01 44.39
C LYS A 245 -46.76 -21.17 43.19
N HIS A 246 -45.50 -20.75 43.36
CA HIS A 246 -44.59 -20.65 42.23
C HIS A 246 -43.18 -20.35 42.75
N ASN A 247 -42.21 -20.50 41.86
CA ASN A 247 -40.83 -20.05 42.06
C ASN A 247 -40.37 -19.26 40.84
N CYS A 248 -41.22 -18.33 40.39
CA CYS A 248 -41.02 -17.61 39.14
C CYS A 248 -41.07 -16.12 39.43
N ASP A 249 -40.62 -15.32 38.46
CA ASP A 249 -40.66 -13.87 38.56
C ASP A 249 -41.07 -13.28 37.23
N HIS A 250 -41.20 -11.96 37.18
CA HIS A 250 -41.75 -11.27 36.02
C HIS A 250 -40.78 -11.18 34.86
N ALA A 251 -39.63 -11.84 34.93
CA ALA A 251 -38.78 -12.05 33.77
C ALA A 251 -39.14 -13.33 33.04
N GLU A 252 -40.21 -14.01 33.45
CA GLU A 252 -40.60 -15.29 32.90
C GLU A 252 -42.09 -15.33 32.57
N ASP A 253 -42.66 -14.19 32.16
CA ASP A 253 -44.07 -14.16 31.80
C ASP A 253 -44.28 -14.89 30.48
N ALA A 254 -45.48 -15.41 30.30
CA ALA A 254 -45.82 -16.18 29.10
C ALA A 254 -46.57 -15.32 28.11
N GLY A 255 -46.52 -15.74 26.85
CA GLY A 255 -47.19 -15.02 25.77
C GLY A 255 -47.66 -16.00 24.72
N VAL A 256 -48.56 -15.52 23.87
CA VAL A 256 -49.23 -16.39 22.91
C VAL A 256 -49.59 -15.56 21.68
N ILE A 257 -49.43 -16.15 20.50
CA ILE A 257 -49.92 -15.60 19.24
C ILE A 257 -50.93 -16.58 18.66
N CYS A 258 -52.16 -16.11 18.45
CA CYS A 258 -53.21 -16.93 17.88
C CYS A 258 -53.42 -16.57 16.41
N SER A 259 -54.08 -17.48 15.69
CA SER A 259 -54.19 -17.37 14.24
C SER A 259 -55.21 -16.33 13.79
N LYS A 260 -56.30 -16.16 14.55
CA LYS A 260 -57.33 -15.21 14.14
C LYS A 260 -56.78 -13.81 13.91
N GLY A 261 -55.73 -13.44 14.63
CA GLY A 261 -55.09 -12.16 14.41
C GLY A 261 -54.08 -12.20 13.29
N ALA A 262 -53.13 -13.12 13.37
CA ALA A 262 -52.04 -13.24 12.40
C ALA A 262 -52.58 -13.89 11.13
N ASP A 263 -53.11 -13.06 10.23
CA ASP A 263 -53.62 -13.53 8.94
C ASP A 263 -52.42 -13.83 8.04
N LEU A 264 -51.78 -14.95 8.32
CA LEU A 264 -50.48 -15.24 7.72
C LEU A 264 -50.62 -15.61 6.24
N SER A 265 -49.65 -15.17 5.45
CA SER A 265 -49.62 -15.44 4.02
C SER A 265 -48.19 -15.32 3.54
N LEU A 266 -47.94 -15.81 2.33
CA LEU A 266 -46.62 -15.77 1.73
C LEU A 266 -46.76 -15.41 0.25
N ARG A 267 -45.77 -14.70 -0.28
CA ARG A 267 -45.76 -14.32 -1.68
C ARG A 267 -44.33 -14.11 -2.14
N LEU A 268 -44.14 -14.15 -3.45
CA LEU A 268 -42.88 -13.83 -4.11
C LEU A 268 -43.09 -12.63 -5.01
N VAL A 269 -42.13 -11.69 -4.98
CA VAL A 269 -42.28 -10.42 -5.68
C VAL A 269 -40.95 -9.99 -6.29
N ASP A 270 -41.05 -9.24 -7.39
CA ASP A 270 -39.90 -8.56 -8.01
C ASP A 270 -38.87 -9.54 -8.53
N GLY A 271 -39.33 -10.56 -9.26
CA GLY A 271 -38.45 -11.56 -9.81
C GLY A 271 -38.82 -11.89 -11.24
N VAL A 272 -38.09 -12.86 -11.80
CA VAL A 272 -38.18 -13.13 -13.23
C VAL A 272 -39.52 -13.79 -13.58
N THR A 273 -40.00 -14.69 -12.72
CA THR A 273 -41.19 -15.48 -13.03
C THR A 273 -42.21 -15.32 -11.90
N GLU A 274 -43.31 -16.06 -12.01
CA GLU A 274 -44.36 -15.99 -11.01
C GLU A 274 -43.88 -16.44 -9.63
N CYS A 275 -42.94 -17.38 -9.57
CA CYS A 275 -42.41 -17.83 -8.29
C CYS A 275 -40.88 -17.92 -8.34
N SER A 276 -40.27 -16.82 -8.74
CA SER A 276 -38.89 -16.51 -8.38
C SER A 276 -38.83 -15.07 -7.89
N GLY A 277 -38.05 -14.82 -6.86
CA GLY A 277 -37.86 -13.46 -6.39
C GLY A 277 -37.69 -13.42 -4.87
N ARG A 278 -38.16 -12.32 -4.30
CA ARG A 278 -37.98 -12.01 -2.88
C ARG A 278 -39.19 -12.48 -2.09
N LEU A 279 -38.93 -13.13 -0.95
CA LEU A 279 -40.00 -13.64 -0.11
C LEU A 279 -40.52 -12.56 0.83
N GLU A 280 -41.84 -12.51 0.99
CA GLU A 280 -42.50 -11.56 1.87
C GLU A 280 -43.57 -12.28 2.67
N VAL A 281 -43.61 -12.02 3.98
CA VAL A 281 -44.56 -12.64 4.89
C VAL A 281 -45.51 -11.59 5.41
N ARG A 282 -46.80 -11.93 5.43
CA ARG A 282 -47.83 -11.06 5.99
C ARG A 282 -48.11 -11.48 7.43
N PHE A 283 -47.96 -10.54 8.35
CA PHE A 283 -48.17 -10.79 9.77
C PHE A 283 -48.96 -9.63 10.34
N GLN A 284 -50.18 -9.91 10.80
CA GLN A 284 -51.09 -8.89 11.33
C GLN A 284 -51.34 -7.79 10.30
N GLY A 285 -51.52 -8.19 9.04
CA GLY A 285 -51.93 -7.27 8.00
C GLY A 285 -50.81 -6.49 7.34
N GLU A 286 -49.57 -6.66 7.80
CA GLU A 286 -48.43 -5.93 7.28
C GLU A 286 -47.46 -6.88 6.62
N TRP A 287 -46.97 -6.52 5.45
CA TRP A 287 -46.03 -7.35 4.71
C TRP A 287 -44.60 -7.06 5.16
N GLY A 288 -43.83 -8.14 5.31
CA GLY A 288 -42.46 -8.01 5.75
C GLY A 288 -41.63 -9.13 5.16
N THR A 289 -40.33 -9.03 5.34
CA THR A 289 -39.37 -9.89 4.68
C THR A 289 -38.75 -10.87 5.67
N ILE A 290 -37.84 -11.69 5.16
CA ILE A 290 -37.16 -12.74 5.93
C ILE A 290 -35.66 -12.51 5.82
N CYS A 291 -34.98 -12.47 6.96
CA CYS A 291 -33.53 -12.36 6.98
C CYS A 291 -32.91 -13.65 6.47
N ASP A 292 -31.81 -13.52 5.74
CA ASP A 292 -31.17 -14.67 5.12
C ASP A 292 -30.29 -15.47 6.09
N ASP A 293 -30.10 -14.99 7.30
CA ASP A 293 -29.37 -15.74 8.31
C ASP A 293 -30.10 -17.04 8.61
N GLY A 294 -29.44 -18.17 8.36
CA GLY A 294 -30.05 -19.46 8.55
C GLY A 294 -30.95 -19.91 7.42
N TRP A 295 -31.03 -19.14 6.34
CA TRP A 295 -31.85 -19.53 5.20
C TRP A 295 -31.04 -20.45 4.29
N ASP A 296 -31.59 -21.63 4.00
CA ASP A 296 -30.88 -22.66 3.26
C ASP A 296 -31.86 -23.36 2.33
N SER A 297 -31.38 -24.41 1.65
CA SER A 297 -32.17 -25.08 0.63
C SER A 297 -33.42 -25.74 1.19
N TYR A 298 -33.37 -26.29 2.42
CA TYR A 298 -34.55 -26.91 3.00
C TYR A 298 -35.67 -25.90 3.21
N ASP A 299 -35.32 -24.70 3.68
CA ASP A 299 -36.32 -23.65 3.82
C ASP A 299 -36.89 -23.25 2.47
N ALA A 300 -36.03 -23.12 1.46
CA ALA A 300 -36.52 -22.80 0.13
C ALA A 300 -37.45 -23.89 -0.40
N ALA A 301 -37.17 -25.15 -0.05
CA ALA A 301 -38.04 -26.24 -0.46
C ALA A 301 -39.40 -26.11 0.18
N VAL A 302 -39.43 -25.82 1.49
CA VAL A 302 -40.70 -25.67 2.19
C VAL A 302 -41.49 -24.50 1.61
N ALA A 303 -40.81 -23.38 1.34
CA ALA A 303 -41.48 -22.21 0.78
C ALA A 303 -42.03 -22.49 -0.62
N CYS A 304 -41.23 -23.15 -1.46
CA CYS A 304 -41.66 -23.46 -2.82
C CYS A 304 -42.87 -24.38 -2.79
N LYS A 305 -42.85 -25.38 -1.92
CA LYS A 305 -43.98 -26.29 -1.79
C LYS A 305 -45.21 -25.56 -1.27
N GLN A 306 -45.01 -24.61 -0.36
CA GLN A 306 -46.13 -23.84 0.19
C GLN A 306 -46.80 -22.99 -0.88
N LEU A 307 -46.00 -22.31 -1.71
CA LEU A 307 -46.56 -21.45 -2.73
C LEU A 307 -47.15 -22.25 -3.90
N GLY A 308 -46.77 -23.51 -4.05
CA GLY A 308 -47.38 -24.36 -5.06
C GLY A 308 -46.77 -24.24 -6.44
N CYS A 309 -45.45 -24.31 -6.53
CA CYS A 309 -44.79 -24.33 -7.83
C CYS A 309 -43.58 -25.27 -7.74
N PRO A 310 -42.94 -25.64 -8.86
CA PRO A 310 -42.11 -26.85 -8.86
C PRO A 310 -41.07 -26.89 -7.76
N THR A 311 -40.95 -28.06 -7.12
CA THR A 311 -40.00 -28.30 -6.05
C THR A 311 -38.80 -29.11 -6.52
N ALA A 312 -38.63 -29.28 -7.82
CA ALA A 312 -37.49 -30.03 -8.35
C ALA A 312 -36.18 -29.39 -7.92
N VAL A 313 -35.91 -28.17 -8.41
CA VAL A 313 -34.75 -27.40 -8.01
C VAL A 313 -35.25 -26.18 -7.26
N THR A 314 -34.84 -26.03 -6.00
CA THR A 314 -35.26 -24.95 -5.13
C THR A 314 -34.01 -24.30 -4.54
N ALA A 315 -33.58 -23.20 -5.13
CA ALA A 315 -32.38 -22.50 -4.69
C ALA A 315 -32.76 -21.24 -3.92
N ILE A 316 -31.82 -20.77 -3.13
CA ILE A 316 -32.00 -19.56 -2.34
C ILE A 316 -31.39 -18.38 -3.08
N GLY A 317 -31.82 -17.18 -2.71
CA GLY A 317 -31.27 -15.97 -3.31
C GLY A 317 -32.36 -15.17 -4.01
N ARG A 318 -32.42 -13.88 -3.70
CA ARG A 318 -33.41 -12.99 -4.31
C ARG A 318 -32.86 -12.49 -5.64
N VAL A 319 -33.04 -13.31 -6.67
CA VAL A 319 -32.56 -12.97 -8.01
C VAL A 319 -33.21 -11.67 -8.45
N ASN A 320 -32.40 -10.73 -8.91
CA ASN A 320 -32.87 -9.59 -9.70
C ASN A 320 -33.72 -8.65 -8.84
N ALA A 321 -33.97 -9.00 -7.58
CA ALA A 321 -34.89 -8.25 -6.73
C ALA A 321 -34.13 -7.31 -5.82
N SER A 322 -34.77 -6.22 -5.47
CA SER A 322 -34.16 -5.19 -4.66
C SER A 322 -34.48 -5.42 -3.19
N LYS A 323 -33.73 -4.73 -2.33
CA LYS A 323 -33.99 -4.78 -0.90
C LYS A 323 -35.41 -4.33 -0.61
N GLY A 324 -36.07 -5.04 0.31
CA GLY A 324 -37.42 -4.69 0.67
C GLY A 324 -37.48 -3.58 1.69
N PHE A 325 -38.69 -3.18 2.03
CA PHE A 325 -38.94 -2.15 3.03
C PHE A 325 -39.99 -2.65 4.01
N GLY A 326 -39.90 -2.16 5.24
CA GLY A 326 -40.85 -2.53 6.26
C GLY A 326 -40.24 -3.38 7.36
N HIS A 327 -40.99 -4.37 7.82
CA HIS A 327 -40.53 -5.23 8.90
C HIS A 327 -39.73 -6.40 8.37
N ILE A 328 -38.90 -6.97 9.25
CA ILE A 328 -38.25 -8.25 9.02
C ILE A 328 -38.86 -9.24 9.99
N TRP A 329 -39.89 -9.96 9.55
CA TRP A 329 -40.71 -10.75 10.47
C TRP A 329 -39.99 -12.01 10.95
N LEU A 330 -39.29 -12.71 10.05
CA LEU A 330 -38.71 -13.99 10.38
C LEU A 330 -37.20 -13.94 10.30
N ASP A 331 -36.55 -14.81 11.07
CA ASP A 331 -35.10 -14.92 11.09
C ASP A 331 -34.74 -16.27 11.67
N SER A 332 -33.58 -16.79 11.25
CA SER A 332 -33.06 -18.08 11.71
C SER A 332 -34.11 -19.19 11.57
N VAL A 333 -34.74 -19.25 10.41
CA VAL A 333 -35.70 -20.32 10.14
C VAL A 333 -34.96 -21.64 10.06
N SER A 334 -35.54 -22.68 10.66
CA SER A 334 -34.88 -23.97 10.84
C SER A 334 -35.76 -25.12 10.37
N CYS A 335 -36.35 -24.99 9.18
CA CYS A 335 -37.19 -26.06 8.65
C CYS A 335 -36.34 -27.29 8.30
N GLN A 336 -36.91 -28.48 8.53
CA GLN A 336 -36.26 -29.72 8.15
C GLN A 336 -36.54 -30.12 6.70
N GLY A 337 -37.51 -29.50 6.05
CA GLY A 337 -37.76 -29.73 4.65
C GLY A 337 -39.10 -30.37 4.32
N HIS A 338 -39.91 -30.71 5.33
CA HIS A 338 -41.18 -31.37 5.11
C HIS A 338 -42.37 -30.67 5.75
N GLU A 339 -42.16 -29.53 6.40
CA GLU A 339 -43.25 -28.86 7.08
C GLU A 339 -44.24 -28.29 6.07
N PRO A 340 -45.49 -28.07 6.48
CA PRO A 340 -46.48 -27.54 5.54
C PRO A 340 -46.41 -26.04 5.33
N ALA A 341 -45.76 -25.30 6.24
CA ALA A 341 -45.63 -23.86 6.10
C ALA A 341 -44.35 -23.40 6.77
N ILE A 342 -43.84 -22.25 6.31
CA ILE A 342 -42.55 -21.77 6.78
C ILE A 342 -42.60 -21.39 8.25
N TRP A 343 -43.77 -21.00 8.75
CA TRP A 343 -43.90 -20.59 10.14
C TRP A 343 -44.20 -21.75 11.09
N GLN A 344 -44.42 -22.96 10.57
CA GLN A 344 -44.54 -24.12 11.43
C GLN A 344 -43.19 -24.68 11.87
N CYS A 345 -42.09 -24.23 11.26
CA CYS A 345 -40.76 -24.60 11.68
C CYS A 345 -40.33 -23.76 12.86
N LYS A 346 -39.13 -24.04 13.37
CA LYS A 346 -38.55 -23.26 14.45
C LYS A 346 -37.85 -22.04 13.87
N HIS A 347 -38.04 -20.90 14.51
CA HIS A 347 -37.43 -19.66 14.04
C HIS A 347 -37.30 -18.70 15.22
N HIS A 348 -36.59 -17.60 14.97
CA HIS A 348 -36.34 -16.61 16.00
C HIS A 348 -37.61 -15.82 16.28
N GLU A 349 -37.66 -15.22 17.47
CA GLU A 349 -38.83 -14.47 17.90
C GLU A 349 -39.09 -13.31 16.96
N TRP A 350 -40.38 -13.00 16.76
CA TRP A 350 -40.78 -12.03 15.75
C TRP A 350 -40.21 -10.64 16.01
N GLY A 351 -39.84 -10.34 17.26
CA GLY A 351 -39.44 -9.00 17.62
C GLY A 351 -37.97 -8.68 17.39
N LYS A 352 -37.08 -9.43 18.03
CA LYS A 352 -35.68 -9.02 18.14
C LYS A 352 -34.87 -9.62 16.99
N HIS A 353 -34.63 -8.82 15.97
CA HIS A 353 -33.70 -9.14 14.90
C HIS A 353 -32.80 -7.93 14.66
N TYR A 354 -31.52 -8.20 14.41
CA TYR A 354 -30.55 -7.15 14.09
C TYR A 354 -30.25 -7.07 12.60
N CYS A 355 -31.05 -7.73 11.78
CA CYS A 355 -30.81 -7.75 10.34
C CYS A 355 -31.17 -6.41 9.73
N ASN A 356 -30.71 -6.22 8.49
CA ASN A 356 -31.07 -5.08 7.67
C ASN A 356 -31.55 -5.58 6.32
N HIS A 357 -32.15 -4.67 5.54
CA HIS A 357 -32.86 -5.09 4.34
C HIS A 357 -31.92 -5.47 3.20
N ASN A 358 -30.62 -5.28 3.34
CA ASN A 358 -29.75 -5.87 2.33
C ASN A 358 -29.69 -7.39 2.45
N GLU A 359 -30.21 -7.95 3.53
CA GLU A 359 -30.16 -9.37 3.81
C GLU A 359 -31.47 -10.09 3.53
N ASP A 360 -32.39 -9.48 2.77
CA ASP A 360 -33.68 -10.13 2.55
C ASP A 360 -33.48 -11.47 1.82
N ALA A 361 -34.31 -12.43 2.18
CA ALA A 361 -34.21 -13.77 1.61
C ALA A 361 -35.13 -13.90 0.39
N GLY A 362 -34.88 -14.96 -0.37
CA GLY A 362 -35.68 -15.22 -1.56
C GLY A 362 -35.42 -16.64 -2.02
N VAL A 363 -36.21 -17.08 -3.00
CA VAL A 363 -36.11 -18.43 -3.54
C VAL A 363 -36.32 -18.36 -5.05
N THR A 364 -35.87 -19.42 -5.73
CA THR A 364 -36.16 -19.63 -7.13
C THR A 364 -36.57 -21.08 -7.31
N CYS A 365 -37.84 -21.31 -7.66
CA CYS A 365 -38.38 -22.64 -7.85
C CYS A 365 -38.46 -22.95 -9.33
N SER A 366 -38.06 -24.16 -9.71
CA SER A 366 -38.02 -24.53 -11.11
C SER A 366 -38.21 -26.03 -11.28
N ASP A 367 -38.62 -26.43 -12.48
CA ASP A 367 -38.75 -27.84 -12.82
C ASP A 367 -37.40 -28.50 -13.10
N GLY A 368 -36.35 -27.73 -13.32
CA GLY A 368 -35.07 -28.26 -13.73
C GLY A 368 -34.77 -28.11 -15.20
N SER A 369 -35.72 -27.68 -16.02
CA SER A 369 -35.53 -27.56 -17.45
C SER A 369 -35.11 -26.17 -17.89
N ASP A 370 -34.92 -25.23 -16.96
CA ASP A 370 -34.64 -23.85 -17.30
C ASP A 370 -33.30 -23.36 -16.74
N LEU A 371 -32.43 -24.28 -16.34
CA LEU A 371 -31.12 -23.92 -15.80
C LEU A 371 -30.04 -24.36 -16.78
N GLU A 372 -29.19 -23.41 -17.18
CA GLU A 372 -28.17 -23.64 -18.18
C GLU A 372 -26.84 -23.06 -17.73
N LEU A 373 -25.76 -23.63 -18.25
CA LEU A 373 -24.41 -23.25 -17.87
C LEU A 373 -23.56 -23.22 -19.13
N ARG A 374 -22.78 -22.16 -19.29
CA ARG A 374 -21.99 -21.99 -20.50
C ARG A 374 -20.68 -21.30 -20.16
N LEU A 375 -19.70 -21.48 -21.04
CA LEU A 375 -18.43 -20.78 -20.97
C LEU A 375 -18.38 -19.79 -22.13
N ARG A 376 -18.18 -18.52 -21.84
CA ARG A 376 -18.31 -17.46 -22.83
C ARG A 376 -17.07 -16.58 -22.81
N GLY A 377 -16.50 -16.37 -23.99
CA GLY A 377 -15.25 -15.65 -24.12
C GLY A 377 -14.09 -16.62 -24.17
N GLY A 378 -13.55 -16.86 -25.36
CA GLY A 378 -12.53 -17.88 -25.49
C GLY A 378 -12.66 -18.67 -26.78
N GLY A 379 -11.67 -19.49 -27.09
CA GLY A 379 -11.60 -20.16 -28.37
C GLY A 379 -12.34 -21.47 -28.45
N SER A 380 -13.08 -21.84 -27.41
CA SER A 380 -13.78 -23.11 -27.41
C SER A 380 -14.96 -23.02 -26.46
N ARG A 381 -15.83 -24.03 -26.53
CA ARG A 381 -16.88 -24.21 -25.54
C ARG A 381 -16.32 -24.70 -24.20
N CYS A 382 -15.04 -25.07 -24.14
CA CYS A 382 -14.44 -25.66 -22.95
C CYS A 382 -13.42 -24.73 -22.30
N ALA A 383 -13.51 -23.43 -22.55
CA ALA A 383 -12.68 -22.46 -21.85
C ALA A 383 -13.35 -21.10 -21.92
N GLY A 384 -13.38 -20.40 -20.80
CA GLY A 384 -13.91 -19.05 -20.77
C GLY A 384 -14.54 -18.74 -19.43
N THR A 385 -15.16 -17.57 -19.36
CA THR A 385 -15.87 -17.15 -18.16
C THR A 385 -17.14 -17.98 -18.01
N VAL A 386 -17.35 -18.53 -16.82
CA VAL A 386 -18.51 -19.37 -16.56
C VAL A 386 -19.72 -18.47 -16.35
N GLU A 387 -20.70 -18.56 -17.25
CA GLU A 387 -21.90 -17.76 -17.17
C GLU A 387 -23.11 -18.66 -17.01
N VAL A 388 -24.11 -18.15 -16.28
CA VAL A 388 -25.28 -18.91 -15.89
C VAL A 388 -26.51 -18.27 -16.49
N GLU A 389 -27.40 -19.10 -17.04
CA GLU A 389 -28.69 -18.64 -17.52
C GLU A 389 -29.76 -19.45 -16.78
N ILE A 390 -30.33 -18.87 -15.74
CA ILE A 390 -31.41 -19.48 -14.98
C ILE A 390 -32.67 -18.71 -15.34
N GLN A 391 -33.75 -19.43 -15.60
CA GLN A 391 -34.93 -18.85 -16.23
C GLN A 391 -34.42 -18.22 -17.53
N ARG A 392 -34.75 -16.98 -17.84
CA ARG A 392 -34.11 -16.28 -18.97
C ARG A 392 -33.17 -15.18 -18.50
N LEU A 393 -32.61 -15.28 -17.30
CA LEU A 393 -31.69 -14.27 -16.79
C LEU A 393 -30.25 -14.74 -16.94
N LEU A 394 -29.40 -13.87 -17.48
CA LEU A 394 -27.99 -14.15 -17.67
C LEU A 394 -27.19 -13.61 -16.50
N GLY A 395 -26.19 -14.38 -16.07
CA GLY A 395 -25.37 -13.95 -14.95
C GLY A 395 -24.02 -14.62 -14.95
N LYS A 396 -23.22 -14.27 -13.95
CA LYS A 396 -21.88 -14.78 -13.78
C LYS A 396 -21.78 -15.51 -12.45
N VAL A 397 -20.68 -16.24 -12.28
CA VAL A 397 -20.34 -16.85 -11.00
C VAL A 397 -19.31 -15.98 -10.30
N CYS A 398 -19.38 -15.96 -8.96
CA CYS A 398 -18.47 -15.17 -8.15
C CYS A 398 -17.39 -16.07 -7.56
N ASP A 399 -16.16 -15.56 -7.49
CA ASP A 399 -15.02 -16.33 -7.02
C ASP A 399 -14.79 -16.20 -5.52
N ARG A 400 -15.85 -15.99 -4.74
CA ARG A 400 -15.70 -15.92 -3.28
C ARG A 400 -14.96 -17.13 -2.76
N GLY A 401 -15.25 -18.31 -3.30
CA GLY A 401 -14.58 -19.53 -2.91
C GLY A 401 -14.25 -20.41 -4.10
N TRP A 402 -14.02 -19.78 -5.24
CA TRP A 402 -13.80 -20.52 -6.48
C TRP A 402 -12.45 -21.22 -6.46
N GLY A 403 -12.44 -22.49 -6.82
CA GLY A 403 -11.23 -23.27 -6.87
C GLY A 403 -11.39 -24.44 -7.82
N LEU A 404 -10.30 -25.19 -7.97
CA LEU A 404 -10.30 -26.30 -8.93
C LEU A 404 -11.30 -27.38 -8.57
N LYS A 405 -11.63 -27.50 -7.28
CA LYS A 405 -12.54 -28.56 -6.85
C LYS A 405 -13.92 -28.40 -7.46
N GLU A 406 -14.41 -27.18 -7.56
CA GLU A 406 -15.72 -26.90 -8.14
C GLU A 406 -15.65 -26.62 -9.63
N ALA A 407 -14.51 -26.11 -10.10
CA ALA A 407 -14.27 -26.06 -11.54
C ALA A 407 -14.35 -27.43 -12.15
N ASP A 408 -13.90 -28.45 -11.41
CA ASP A 408 -14.03 -29.84 -11.87
C ASP A 408 -15.50 -30.20 -12.04
N VAL A 409 -16.35 -29.79 -11.09
CA VAL A 409 -17.77 -30.09 -11.19
C VAL A 409 -18.38 -29.40 -12.41
N VAL A 410 -18.00 -28.14 -12.63
CA VAL A 410 -18.53 -27.41 -13.78
C VAL A 410 -18.11 -28.09 -15.08
N CYS A 411 -16.84 -28.48 -15.18
CA CYS A 411 -16.34 -29.11 -16.39
C CYS A 411 -16.99 -30.47 -16.61
N ARG A 412 -17.20 -31.23 -15.53
CA ARG A 412 -17.92 -32.50 -15.64
C ARG A 412 -19.34 -32.28 -16.15
N GLN A 413 -20.00 -31.23 -15.66
CA GLN A 413 -21.33 -30.90 -16.14
C GLN A 413 -21.32 -30.61 -17.63
N LEU A 414 -20.41 -29.74 -18.08
CA LEU A 414 -20.38 -29.35 -19.48
C LEU A 414 -19.85 -30.46 -20.39
N GLY A 415 -19.23 -31.49 -19.82
CA GLY A 415 -18.67 -32.56 -20.63
C GLY A 415 -17.33 -32.22 -21.27
N CYS A 416 -16.54 -31.36 -20.63
CA CYS A 416 -15.26 -30.93 -21.18
C CYS A 416 -14.07 -31.58 -20.50
N GLY A 417 -14.29 -32.61 -19.69
CA GLY A 417 -13.17 -33.32 -19.08
C GLY A 417 -12.89 -32.90 -17.65
N SER A 418 -11.70 -32.36 -17.40
CA SER A 418 -11.29 -31.94 -16.08
C SER A 418 -10.72 -30.53 -16.13
N ALA A 419 -10.87 -29.82 -15.02
CA ALA A 419 -10.44 -28.43 -14.94
C ALA A 419 -8.93 -28.35 -14.74
N LEU A 420 -8.30 -27.45 -15.49
CA LEU A 420 -6.85 -27.29 -15.45
C LEU A 420 -6.42 -25.96 -14.84
N LYS A 421 -6.90 -24.85 -15.41
CA LYS A 421 -6.46 -23.52 -15.01
C LYS A 421 -7.70 -22.67 -14.71
N THR A 422 -7.53 -21.73 -13.79
CA THR A 422 -8.57 -20.73 -13.50
C THR A 422 -8.29 -19.44 -14.28
N SER A 423 -8.23 -19.59 -15.61
CA SER A 423 -8.16 -18.46 -16.53
C SER A 423 -8.30 -18.99 -17.95
N TYR A 424 -8.38 -18.07 -18.90
CA TYR A 424 -8.53 -18.42 -20.31
C TYR A 424 -7.69 -17.44 -21.15
N GLN A 425 -7.86 -17.51 -22.48
CA GLN A 425 -7.02 -16.76 -23.41
C GLN A 425 -7.73 -15.56 -24.05
N VAL A 426 -8.94 -15.24 -23.61
CA VAL A 426 -9.67 -14.03 -23.99
C VAL A 426 -9.76 -13.94 -25.53
N TYR A 427 -10.26 -15.00 -26.17
CA TYR A 427 -10.41 -14.83 -27.62
C TYR A 427 -11.59 -13.94 -28.00
N SER A 428 -12.30 -13.26 -27.10
CA SER A 428 -13.50 -12.51 -27.45
C SER A 428 -13.97 -11.74 -26.23
N LYS A 429 -15.00 -10.92 -26.44
CA LYS A 429 -15.52 -10.03 -25.41
C LYS A 429 -16.90 -10.50 -24.97
N ILE A 430 -17.15 -10.45 -23.67
CA ILE A 430 -18.38 -10.91 -23.05
C ILE A 430 -19.14 -9.72 -22.50
N GLN A 431 -20.48 -9.79 -22.56
CA GLN A 431 -21.29 -8.67 -22.14
C GLN A 431 -21.32 -8.56 -20.62
N ALA A 432 -21.83 -7.42 -20.15
CA ALA A 432 -21.91 -7.15 -18.72
C ALA A 432 -23.27 -7.57 -18.17
N THR A 433 -23.25 -8.02 -16.90
CA THR A 433 -24.44 -8.47 -16.21
C THR A 433 -24.31 -8.10 -14.74
N ASN A 434 -25.47 -7.98 -14.07
CA ASN A 434 -25.50 -7.47 -12.70
C ASN A 434 -25.83 -8.54 -11.67
N THR A 435 -26.24 -9.73 -12.09
CA THR A 435 -26.63 -10.80 -11.18
C THR A 435 -25.51 -11.85 -11.09
N TRP A 436 -25.35 -12.43 -9.91
CA TRP A 436 -24.25 -13.32 -9.62
C TRP A 436 -24.74 -14.59 -8.93
N LEU A 437 -23.95 -15.65 -9.07
CA LEU A 437 -24.19 -16.93 -8.41
C LEU A 437 -23.08 -17.18 -7.40
N PHE A 438 -23.46 -17.53 -6.18
CA PHE A 438 -22.52 -17.72 -5.09
C PHE A 438 -22.57 -19.17 -4.62
N LEU A 439 -21.41 -19.80 -4.50
CA LEU A 439 -21.30 -21.21 -4.15
C LEU A 439 -20.62 -21.36 -2.80
N SER A 440 -20.84 -22.52 -2.18
CA SER A 440 -20.26 -22.83 -0.87
C SER A 440 -19.68 -24.24 -0.88
N SER A 441 -18.40 -24.34 -1.27
CA SER A 441 -17.56 -25.51 -1.00
C SER A 441 -18.18 -26.81 -1.52
N CYS A 442 -18.32 -26.90 -2.83
CA CYS A 442 -18.73 -28.16 -3.45
C CYS A 442 -17.74 -29.26 -3.10
N ASN A 443 -18.26 -30.44 -2.79
CA ASN A 443 -17.40 -31.55 -2.35
C ASN A 443 -16.44 -31.98 -3.45
N GLY A 444 -16.85 -31.92 -4.70
CA GLY A 444 -16.00 -32.24 -5.83
C GLY A 444 -16.48 -33.39 -6.68
N ASN A 445 -17.32 -34.28 -6.14
CA ASN A 445 -17.81 -35.43 -6.89
C ASN A 445 -19.28 -35.28 -7.28
N GLU A 446 -19.80 -34.06 -7.31
CA GLU A 446 -21.15 -33.84 -7.81
C GLU A 446 -21.20 -33.96 -9.32
N THR A 447 -22.34 -34.39 -9.83
CA THR A 447 -22.52 -34.54 -11.27
C THR A 447 -22.96 -33.26 -11.95
N SER A 448 -23.30 -32.22 -11.19
CA SER A 448 -23.71 -30.95 -11.74
C SER A 448 -23.50 -29.87 -10.70
N LEU A 449 -23.43 -28.62 -11.17
CA LEU A 449 -23.25 -27.50 -10.26
C LEU A 449 -24.50 -27.19 -9.47
N TRP A 450 -25.66 -27.65 -9.93
CA TRP A 450 -26.91 -27.44 -9.21
C TRP A 450 -27.01 -28.28 -7.96
N ASP A 451 -26.30 -29.39 -7.88
CA ASP A 451 -26.37 -30.27 -6.72
C ASP A 451 -25.50 -29.81 -5.56
N CYS A 452 -24.66 -28.79 -5.76
CA CYS A 452 -23.89 -28.25 -4.64
C CYS A 452 -24.82 -27.71 -3.57
N LYS A 453 -24.43 -27.90 -2.32
CA LYS A 453 -25.28 -27.51 -1.21
C LYS A 453 -25.33 -26.00 -1.06
N ASN A 454 -26.55 -25.47 -0.99
CA ASN A 454 -26.81 -24.06 -0.66
C ASN A 454 -26.04 -23.11 -1.57
N TRP A 455 -26.30 -23.23 -2.87
CA TRP A 455 -25.88 -22.21 -3.82
C TRP A 455 -26.95 -21.14 -3.92
N GLN A 456 -26.52 -19.90 -4.09
CA GLN A 456 -27.38 -18.74 -4.02
C GLN A 456 -27.40 -18.02 -5.35
N TRP A 457 -28.59 -17.60 -5.76
CA TRP A 457 -28.84 -16.97 -7.06
C TRP A 457 -29.31 -15.54 -6.81
N GLY A 458 -28.36 -14.62 -6.68
CA GLY A 458 -28.66 -13.23 -6.42
C GLY A 458 -28.72 -12.91 -4.95
N GLY A 459 -28.85 -11.61 -4.66
CA GLY A 459 -29.01 -11.15 -3.31
C GLY A 459 -27.74 -10.75 -2.58
N LEU A 460 -26.62 -10.76 -3.32
CA LEU A 460 -25.32 -10.37 -2.74
C LEU A 460 -24.53 -9.56 -3.77
N THR A 461 -23.39 -9.03 -3.37
CA THR A 461 -22.51 -8.25 -4.24
C THR A 461 -21.15 -8.91 -4.32
N CYS A 462 -20.45 -8.63 -5.42
CA CYS A 462 -19.09 -9.12 -5.63
C CYS A 462 -18.11 -7.96 -5.70
N ASP A 463 -18.25 -7.00 -4.79
CA ASP A 463 -17.36 -5.86 -4.75
C ASP A 463 -15.93 -6.31 -4.52
N HIS A 464 -15.00 -5.76 -5.31
CA HIS A 464 -13.56 -6.01 -5.25
C HIS A 464 -13.21 -7.43 -5.67
N TYR A 465 -14.19 -8.25 -6.03
CA TYR A 465 -13.97 -9.58 -6.59
C TYR A 465 -14.28 -9.54 -8.08
N GLU A 466 -13.93 -10.62 -8.78
CA GLU A 466 -14.08 -10.67 -10.23
C GLU A 466 -14.82 -11.94 -10.62
N GLU A 467 -14.96 -12.14 -11.93
CA GLU A 467 -15.73 -13.23 -12.48
C GLU A 467 -14.95 -14.53 -12.40
N ALA A 468 -15.66 -15.64 -12.26
CA ALA A 468 -15.05 -16.95 -12.27
C ALA A 468 -14.79 -17.41 -13.70
N LYS A 469 -13.63 -18.01 -13.92
CA LYS A 469 -13.22 -18.43 -15.26
C LYS A 469 -12.38 -19.69 -15.15
N ILE A 470 -12.46 -20.53 -16.17
CA ILE A 470 -11.78 -21.83 -16.18
C ILE A 470 -11.44 -22.21 -17.61
N THR A 471 -10.35 -22.96 -17.77
CA THR A 471 -10.02 -23.65 -19.00
C THR A 471 -9.96 -25.14 -18.69
N CYS A 472 -10.47 -25.96 -19.62
CA CYS A 472 -10.66 -27.36 -19.35
C CYS A 472 -9.71 -28.21 -20.20
N SER A 473 -9.66 -29.50 -19.88
CA SER A 473 -8.73 -30.40 -20.54
C SER A 473 -9.06 -30.56 -22.02
N ALA A 474 -10.35 -30.66 -22.36
CA ALA A 474 -10.77 -30.79 -23.75
C ALA A 474 -10.65 -29.52 -24.53
N HIS A 475 -10.02 -28.47 -24.02
CA HIS A 475 -9.91 -27.24 -24.77
C HIS A 475 -9.06 -27.43 -26.01
N ARG A 476 -7.92 -28.10 -25.88
CA ARG A 476 -7.03 -28.39 -27.00
C ARG A 476 -6.50 -29.83 -26.90
N GLU A 477 -7.38 -30.78 -26.62
CA GLU A 477 -6.92 -32.14 -26.35
C GLU A 477 -6.31 -32.74 -27.61
N PRO A 478 -5.18 -33.43 -27.48
CA PRO A 478 -4.48 -33.97 -28.64
C PRO A 478 -4.87 -35.41 -28.95
N ARG A 479 -4.44 -35.86 -30.12
CA ARG A 479 -4.62 -37.25 -30.53
C ARG A 479 -3.53 -37.61 -31.52
N LEU A 480 -3.09 -38.87 -31.47
CA LEU A 480 -2.16 -39.41 -32.45
C LEU A 480 -2.88 -40.46 -33.26
N VAL A 481 -2.97 -40.26 -34.57
CA VAL A 481 -3.66 -41.17 -35.48
C VAL A 481 -2.74 -41.43 -36.66
N GLY A 482 -2.94 -42.58 -37.30
CA GLY A 482 -2.25 -42.92 -38.53
C GLY A 482 -0.97 -43.70 -38.37
N GLY A 483 -0.47 -43.86 -37.14
CA GLY A 483 0.82 -44.47 -36.93
C GLY A 483 0.73 -45.98 -36.87
N ASP A 484 1.61 -46.64 -37.62
CA ASP A 484 1.60 -48.09 -37.71
C ASP A 484 2.08 -48.77 -36.43
N ILE A 485 2.62 -48.02 -35.47
CA ILE A 485 3.10 -48.59 -34.22
C ILE A 485 2.60 -47.73 -33.06
N PRO A 486 2.48 -48.28 -31.86
CA PRO A 486 1.89 -47.52 -30.75
C PRO A 486 2.68 -46.27 -30.42
N CYS A 487 1.94 -45.23 -30.00
CA CYS A 487 2.50 -43.99 -29.46
C CYS A 487 3.18 -43.15 -30.53
N SER A 488 2.76 -43.29 -31.78
CA SER A 488 3.28 -42.46 -32.86
C SER A 488 2.23 -42.33 -33.95
N GLY A 489 2.38 -41.29 -34.75
CA GLY A 489 1.54 -41.08 -35.90
C GLY A 489 1.19 -39.61 -36.04
N ARG A 490 0.30 -39.34 -36.98
CA ARG A 490 -0.12 -37.97 -37.26
C ARG A 490 -0.91 -37.42 -36.08
N VAL A 491 -0.84 -36.11 -35.91
CA VAL A 491 -1.50 -35.41 -34.80
C VAL A 491 -2.74 -34.69 -35.30
N GLU A 492 -3.84 -34.83 -34.55
CA GLU A 492 -5.05 -34.06 -34.76
C GLU A 492 -5.50 -33.47 -33.42
N VAL A 493 -5.82 -32.18 -33.42
CA VAL A 493 -6.18 -31.47 -32.19
C VAL A 493 -7.67 -31.16 -32.21
N LYS A 494 -8.28 -31.19 -31.03
CA LYS A 494 -9.69 -30.86 -30.82
C LYS A 494 -9.87 -29.48 -30.19
N HIS A 495 -10.75 -28.67 -30.77
CA HIS A 495 -11.13 -27.36 -30.25
C HIS A 495 -12.58 -27.48 -29.77
N GLY A 496 -12.77 -28.05 -28.59
CA GLY A 496 -14.12 -28.29 -28.14
C GLY A 496 -14.60 -29.68 -28.49
N ASP A 497 -15.41 -29.76 -29.55
CA ASP A 497 -16.03 -31.00 -29.99
C ASP A 497 -15.79 -31.26 -31.47
N THR A 498 -14.81 -30.58 -32.07
CA THR A 498 -14.48 -30.72 -33.48
C THR A 498 -13.01 -31.07 -33.61
N TRP A 499 -12.71 -32.15 -34.33
CA TRP A 499 -11.34 -32.58 -34.51
C TRP A 499 -10.77 -31.97 -35.78
N GLY A 500 -9.54 -31.48 -35.69
CA GLY A 500 -8.93 -30.83 -36.84
C GLY A 500 -7.42 -30.98 -36.82
N SER A 501 -6.83 -30.77 -37.98
CA SER A 501 -5.38 -30.85 -38.16
C SER A 501 -4.76 -29.49 -37.90
N ILE A 502 -3.45 -29.48 -37.67
CA ILE A 502 -2.68 -28.25 -37.49
C ILE A 502 -1.54 -28.26 -38.49
N CYS A 503 -1.32 -27.11 -39.12
CA CYS A 503 -0.26 -27.00 -40.11
C CYS A 503 1.05 -27.41 -39.44
N ASP A 504 1.98 -28.00 -40.21
CA ASP A 504 3.28 -28.29 -39.63
C ASP A 504 4.09 -27.02 -39.37
N SER A 505 3.61 -25.86 -39.79
CA SER A 505 4.31 -24.60 -39.62
C SER A 505 4.10 -24.01 -38.24
N ASP A 506 3.45 -24.74 -37.33
CA ASP A 506 3.09 -24.22 -36.02
C ASP A 506 3.20 -25.31 -34.96
N PHE A 507 4.33 -26.02 -34.93
CA PHE A 507 4.50 -27.08 -33.94
C PHE A 507 5.98 -27.31 -33.72
N SER A 508 6.44 -27.09 -32.49
CA SER A 508 7.84 -27.17 -32.10
C SER A 508 8.08 -28.38 -31.22
N LEU A 509 9.31 -28.50 -30.72
CA LEU A 509 9.71 -29.65 -29.91
C LEU A 509 9.14 -29.59 -28.51
N GLU A 510 8.98 -28.38 -27.94
CA GLU A 510 8.26 -28.26 -26.68
C GLU A 510 6.83 -28.77 -26.83
N ALA A 511 6.18 -28.42 -27.93
CA ALA A 511 4.84 -28.92 -28.20
C ALA A 511 4.84 -30.44 -28.27
N ALA A 512 5.86 -31.02 -28.90
CA ALA A 512 5.93 -32.48 -28.98
C ALA A 512 6.12 -33.10 -27.61
N SER A 513 6.93 -32.48 -26.75
CA SER A 513 7.13 -32.99 -25.41
C SER A 513 5.84 -32.95 -24.60
N VAL A 514 5.14 -31.80 -24.62
CA VAL A 514 3.89 -31.70 -23.87
C VAL A 514 2.88 -32.71 -24.42
N LEU A 515 2.88 -32.91 -25.74
CA LEU A 515 1.97 -33.87 -26.34
C LEU A 515 2.26 -35.28 -25.85
N CYS A 516 3.53 -35.71 -25.94
CA CYS A 516 3.86 -37.06 -25.53
C CYS A 516 3.62 -37.26 -24.04
N ARG A 517 3.75 -36.20 -23.24
CA ARG A 517 3.46 -36.29 -21.82
C ARG A 517 1.96 -36.44 -21.58
N GLU A 518 1.15 -35.62 -22.25
CA GLU A 518 -0.29 -35.63 -22.04
C GLU A 518 -0.90 -36.98 -22.41
N LEU A 519 -0.47 -37.57 -23.52
CA LEU A 519 -0.97 -38.86 -23.95
C LEU A 519 -0.26 -40.01 -23.28
N GLN A 520 0.58 -39.74 -22.28
CA GLN A 520 1.32 -40.76 -21.56
C GLN A 520 2.16 -41.61 -22.53
N CYS A 521 2.85 -40.91 -23.44
CA CYS A 521 3.70 -41.56 -24.42
C CYS A 521 5.18 -41.26 -24.21
N GLY A 522 5.53 -40.39 -23.26
CA GLY A 522 6.94 -40.15 -22.99
C GLY A 522 7.43 -38.78 -23.40
N THR A 523 8.60 -38.75 -24.05
CA THR A 523 9.25 -37.53 -24.49
C THR A 523 9.56 -37.65 -25.97
N VAL A 524 9.62 -36.51 -26.66
CA VAL A 524 9.71 -36.52 -28.12
C VAL A 524 10.97 -37.26 -28.56
N VAL A 525 10.79 -38.19 -29.49
CA VAL A 525 11.91 -38.87 -30.10
C VAL A 525 12.17 -38.41 -31.53
N SER A 526 11.15 -37.93 -32.24
CA SER A 526 11.30 -37.53 -33.63
C SER A 526 10.13 -36.62 -34.01
N ILE A 527 10.42 -35.60 -34.81
CA ILE A 527 9.41 -34.80 -35.48
C ILE A 527 9.60 -34.94 -36.99
N LEU A 528 8.53 -35.34 -37.67
CA LEU A 528 8.59 -35.73 -39.08
C LEU A 528 7.76 -34.80 -39.94
N GLY A 529 7.91 -33.49 -39.74
CA GLY A 529 7.13 -32.49 -40.44
C GLY A 529 7.09 -32.70 -41.94
N GLY A 530 5.90 -32.56 -42.52
CA GLY A 530 5.63 -32.85 -43.90
C GLY A 530 4.74 -34.08 -44.01
N ALA A 531 3.99 -34.16 -45.12
CA ALA A 531 3.00 -35.22 -45.30
C ALA A 531 3.59 -36.58 -44.97
N HIS A 532 3.04 -37.21 -43.94
CA HIS A 532 3.53 -38.49 -43.46
C HIS A 532 2.45 -39.12 -42.60
N PHE A 533 2.53 -40.43 -42.44
CA PHE A 533 1.46 -41.19 -41.78
C PHE A 533 0.12 -40.92 -42.44
N GLY A 534 0.10 -40.96 -43.77
CA GLY A 534 -1.11 -40.65 -44.50
C GLY A 534 -1.38 -39.15 -44.50
N GLU A 535 -2.63 -38.82 -44.79
CA GLU A 535 -3.03 -37.42 -44.91
C GLU A 535 -4.29 -37.17 -44.10
N GLY A 536 -4.32 -36.03 -43.43
CA GLY A 536 -5.43 -35.64 -42.57
C GLY A 536 -6.62 -35.01 -43.25
N ASN A 537 -7.51 -35.81 -43.83
CA ASN A 537 -8.54 -35.26 -44.71
C ASN A 537 -9.64 -34.70 -43.82
N GLY A 538 -9.58 -33.39 -43.57
CA GLY A 538 -10.54 -32.72 -42.72
C GLY A 538 -10.29 -31.23 -42.64
N GLN A 539 -10.34 -30.68 -41.43
CA GLN A 539 -10.19 -29.24 -41.23
C GLN A 539 -8.78 -28.95 -40.72
N ILE A 540 -8.23 -27.82 -41.15
CA ILE A 540 -6.85 -27.45 -40.85
C ILE A 540 -6.85 -26.19 -39.97
N TRP A 541 -6.50 -26.36 -38.70
CA TRP A 541 -6.48 -25.22 -37.79
C TRP A 541 -5.25 -24.38 -38.04
N ALA A 542 -5.39 -23.06 -37.91
CA ALA A 542 -4.31 -22.15 -38.27
C ALA A 542 -3.90 -21.35 -37.04
N GLU A 543 -3.51 -22.05 -35.98
CA GLU A 543 -3.20 -21.45 -34.70
C GLU A 543 -1.70 -21.62 -34.41
N GLU A 544 -0.97 -20.50 -34.42
CA GLU A 544 0.45 -20.49 -34.09
C GLU A 544 0.66 -20.86 -32.63
N PHE A 545 1.04 -22.11 -32.36
CA PHE A 545 1.32 -22.52 -31.00
C PHE A 545 2.61 -21.89 -30.51
N GLN A 546 2.57 -21.27 -29.33
CA GLN A 546 3.73 -20.64 -28.72
C GLN A 546 4.09 -21.29 -27.38
N CYS A 547 4.07 -22.62 -27.34
CA CYS A 547 4.32 -23.32 -26.08
C CYS A 547 5.67 -22.96 -25.49
N GLU A 548 5.69 -22.69 -24.19
CA GLU A 548 6.91 -22.38 -23.47
C GLU A 548 7.07 -23.33 -22.29
N GLY A 549 8.32 -23.64 -21.99
CA GLY A 549 8.60 -24.56 -20.90
C GLY A 549 8.12 -25.96 -21.24
N HIS A 550 7.57 -26.65 -20.24
CA HIS A 550 7.02 -27.98 -20.42
C HIS A 550 5.67 -28.03 -19.71
N GLU A 551 4.70 -27.34 -20.28
CA GLU A 551 3.37 -27.22 -19.69
C GLU A 551 2.75 -28.59 -19.47
N SER A 552 1.91 -28.69 -18.44
CA SER A 552 1.39 -30.00 -18.06
C SER A 552 0.44 -30.55 -19.13
N HIS A 553 -0.35 -29.66 -19.74
CA HIS A 553 -1.34 -30.06 -20.74
C HIS A 553 -1.24 -29.12 -21.94
N LEU A 554 -1.64 -29.64 -23.10
CA LEU A 554 -1.60 -28.84 -24.32
C LEU A 554 -2.53 -27.65 -24.26
N SER A 555 -3.56 -27.70 -23.41
CA SER A 555 -4.52 -26.61 -23.32
C SER A 555 -3.90 -25.33 -22.79
N LEU A 556 -2.91 -25.44 -21.90
CA LEU A 556 -2.31 -24.28 -21.27
C LEU A 556 -1.37 -23.53 -22.20
N CYS A 557 -0.90 -24.16 -23.26
CA CYS A 557 0.10 -23.56 -24.14
C CYS A 557 -0.46 -22.32 -24.82
N PRO A 558 0.18 -21.16 -24.67
CA PRO A 558 -0.31 -19.96 -25.36
C PRO A 558 -0.35 -20.18 -26.87
N VAL A 559 -1.36 -19.58 -27.49
CA VAL A 559 -1.60 -19.74 -28.92
C VAL A 559 -1.93 -18.38 -29.52
N ALA A 560 -1.42 -18.13 -30.72
CA ALA A 560 -1.58 -16.84 -31.39
C ALA A 560 -2.26 -17.03 -32.75
N PRO A 561 -3.59 -16.94 -32.79
CA PRO A 561 -4.31 -17.26 -34.02
C PRO A 561 -4.04 -16.24 -35.12
N ARG A 562 -4.51 -16.56 -36.31
CA ARG A 562 -4.37 -15.70 -37.48
C ARG A 562 -5.70 -15.66 -38.21
N PRO A 563 -5.93 -14.64 -39.03
CA PRO A 563 -7.24 -14.48 -39.70
C PRO A 563 -7.32 -15.03 -41.12
N GLU A 564 -6.30 -15.74 -41.60
CA GLU A 564 -6.20 -16.11 -43.00
C GLU A 564 -5.97 -17.61 -43.12
N GLY A 565 -6.06 -18.13 -44.35
CA GLY A 565 -5.85 -19.55 -44.55
C GLY A 565 -4.42 -19.86 -44.89
N THR A 566 -4.07 -21.14 -44.81
CA THR A 566 -2.68 -21.59 -44.84
C THR A 566 -2.61 -22.98 -45.46
N CYS A 567 -1.56 -23.71 -45.12
CA CYS A 567 -1.24 -24.97 -45.75
C CYS A 567 -2.40 -25.94 -45.55
N SER A 568 -2.64 -26.82 -46.52
CA SER A 568 -3.80 -27.68 -46.30
C SER A 568 -3.42 -29.16 -46.27
N HIS A 569 -3.44 -29.81 -47.42
CA HIS A 569 -3.25 -31.25 -47.43
C HIS A 569 -1.92 -31.64 -48.04
N SER A 570 -0.84 -30.97 -47.64
CA SER A 570 0.49 -31.39 -48.06
C SER A 570 1.53 -31.37 -46.95
N ARG A 571 1.36 -30.58 -45.90
CA ARG A 571 2.35 -30.44 -44.84
C ARG A 571 1.70 -30.52 -43.46
N ASP A 572 0.96 -31.59 -43.23
CA ASP A 572 0.61 -31.95 -41.86
C ASP A 572 1.81 -32.66 -41.22
N VAL A 573 1.76 -32.82 -39.90
CA VAL A 573 2.94 -33.18 -39.14
C VAL A 573 2.70 -34.46 -38.36
N GLY A 574 3.79 -35.16 -38.04
CA GLY A 574 3.75 -36.38 -37.28
C GLY A 574 4.62 -36.25 -36.04
N VAL A 575 4.61 -37.30 -35.23
CA VAL A 575 5.30 -37.32 -33.94
C VAL A 575 5.54 -38.78 -33.58
N VAL A 576 6.62 -39.03 -32.85
CA VAL A 576 6.92 -40.32 -32.25
C VAL A 576 7.35 -40.04 -30.82
N CYS A 577 7.11 -41.01 -29.93
CA CYS A 577 7.52 -40.88 -28.54
C CYS A 577 8.23 -42.15 -28.12
N SER A 578 8.63 -42.19 -26.85
CA SER A 578 9.48 -43.25 -26.32
C SER A 578 8.67 -44.34 -25.61
N ARG A 579 7.47 -44.62 -26.09
CA ARG A 579 6.57 -45.59 -25.44
C ARG A 579 5.97 -46.53 -26.47
N TYR A 580 6.80 -47.09 -27.34
CA TYR A 580 6.31 -47.84 -28.50
C TYR A 580 6.64 -49.33 -28.43
N THR A 581 6.83 -49.90 -27.25
CA THR A 581 7.36 -51.24 -27.14
C THR A 581 6.24 -52.28 -27.17
N GLU A 582 6.39 -53.27 -28.06
CA GLU A 582 5.46 -54.41 -28.15
C GLU A 582 6.09 -55.60 -27.43
N ILE A 583 5.58 -55.90 -26.23
CA ILE A 583 6.01 -57.05 -25.47
C ILE A 583 4.82 -57.60 -24.70
N ARG A 584 4.92 -58.88 -24.32
CA ARG A 584 3.81 -59.58 -23.68
C ARG A 584 4.38 -60.73 -22.87
N LEU A 585 3.52 -61.33 -22.05
CA LEU A 585 3.81 -62.58 -21.37
C LEU A 585 2.88 -63.67 -21.88
N VAL A 586 3.44 -64.84 -22.14
CA VAL A 586 2.70 -65.95 -22.73
C VAL A 586 3.13 -67.24 -22.05
N ASN A 587 2.31 -68.29 -22.22
CA ASN A 587 2.60 -69.64 -21.74
C ASN A 587 2.62 -69.70 -20.21
N GLY A 588 1.88 -68.81 -19.54
CA GLY A 588 1.79 -68.86 -18.10
C GLY A 588 0.39 -69.15 -17.61
N LYS A 589 0.28 -69.68 -16.39
CA LYS A 589 -1.03 -69.96 -15.81
C LYS A 589 -1.81 -68.68 -15.53
N THR A 590 -1.11 -67.58 -15.25
CA THR A 590 -1.71 -66.28 -15.00
C THR A 590 -0.95 -65.23 -15.81
N PRO A 591 -1.59 -64.09 -16.12
CA PRO A 591 -0.92 -63.08 -16.94
C PRO A 591 0.28 -62.42 -16.27
N CYS A 592 0.64 -62.82 -15.05
CA CYS A 592 1.75 -62.21 -14.33
C CYS A 592 2.93 -63.17 -14.19
N GLU A 593 3.04 -64.11 -15.13
CA GLU A 593 4.19 -65.01 -15.22
C GLU A 593 4.14 -65.71 -16.57
N GLY A 594 5.29 -65.89 -17.18
CA GLY A 594 5.37 -66.58 -18.45
C GLY A 594 6.58 -66.12 -19.23
N ARG A 595 6.59 -66.50 -20.51
CA ARG A 595 7.71 -66.23 -21.40
C ARG A 595 7.66 -64.79 -21.89
N VAL A 596 8.83 -64.24 -22.20
CA VAL A 596 8.96 -62.87 -22.68
C VAL A 596 9.08 -62.88 -24.19
N GLU A 597 8.21 -62.13 -24.87
CA GLU A 597 8.22 -62.05 -26.31
C GLU A 597 8.15 -60.59 -26.73
N LEU A 598 8.71 -60.29 -27.90
CA LEU A 598 8.81 -58.92 -28.39
C LEU A 598 8.61 -58.92 -29.90
N LYS A 599 7.82 -57.97 -30.39
CA LYS A 599 7.55 -57.84 -31.82
C LYS A 599 8.30 -56.66 -32.41
N THR A 600 9.03 -56.92 -33.49
CA THR A 600 9.67 -55.90 -34.31
C THR A 600 9.41 -56.26 -35.76
N LEU A 601 9.38 -55.25 -36.62
CA LEU A 601 8.97 -55.44 -38.01
C LEU A 601 7.59 -56.09 -38.03
N GLY A 602 7.46 -57.24 -38.68
CA GLY A 602 6.19 -57.92 -38.74
C GLY A 602 6.15 -59.33 -38.16
N ALA A 603 7.06 -59.64 -37.23
CA ALA A 603 7.16 -60.99 -36.71
C ALA A 603 7.32 -60.99 -35.20
N TRP A 604 6.70 -61.96 -34.53
CA TRP A 604 6.87 -62.20 -33.11
C TRP A 604 8.02 -63.16 -32.87
N GLY A 605 8.67 -63.02 -31.72
CA GLY A 605 9.80 -63.87 -31.39
C GLY A 605 9.99 -63.95 -29.89
N SER A 606 10.97 -64.77 -29.49
CA SER A 606 11.29 -64.98 -28.09
C SER A 606 12.50 -64.15 -27.69
N LEU A 607 12.37 -63.40 -26.60
CA LEU A 607 13.44 -62.54 -26.15
C LEU A 607 14.45 -63.33 -25.33
N CYS A 608 15.73 -63.03 -25.54
CA CYS A 608 16.80 -63.69 -24.81
C CYS A 608 16.98 -63.07 -23.44
N ASN A 609 17.55 -63.86 -22.53
CA ASN A 609 17.80 -63.44 -21.15
C ASN A 609 19.26 -63.09 -20.90
N SER A 610 20.03 -62.85 -21.97
CA SER A 610 21.46 -62.59 -21.84
C SER A 610 21.74 -61.48 -20.83
N HIS A 611 21.03 -60.36 -20.96
CA HIS A 611 21.17 -59.24 -20.03
C HIS A 611 19.87 -58.99 -19.27
N TRP A 612 18.90 -59.87 -19.38
CA TRP A 612 17.69 -59.80 -18.57
C TRP A 612 18.08 -59.77 -17.10
N ASP A 613 17.46 -58.90 -16.32
CA ASP A 613 17.80 -58.81 -14.91
C ASP A 613 16.53 -58.49 -14.11
N ILE A 614 16.66 -58.49 -12.79
CA ILE A 614 15.51 -58.23 -11.93
C ILE A 614 14.94 -56.84 -12.17
N GLU A 615 15.79 -55.85 -12.46
CA GLU A 615 15.29 -54.51 -12.74
C GLU A 615 14.43 -54.50 -14.00
N ASP A 616 14.91 -55.17 -15.05
CA ASP A 616 14.13 -55.26 -16.29
C ASP A 616 12.84 -56.03 -16.05
N ALA A 617 12.89 -57.08 -15.25
CA ALA A 617 11.68 -57.85 -14.94
C ALA A 617 10.66 -57.00 -14.19
N HIS A 618 11.14 -56.19 -13.25
CA HIS A 618 10.23 -55.31 -12.52
C HIS A 618 9.61 -54.29 -13.45
N VAL A 619 10.40 -53.71 -14.35
CA VAL A 619 9.85 -52.75 -15.31
C VAL A 619 8.83 -53.44 -16.21
N LEU A 620 9.11 -54.67 -16.62
CA LEU A 620 8.19 -55.42 -17.47
C LEU A 620 6.86 -55.62 -16.77
N CYS A 621 6.89 -56.17 -15.55
CA CYS A 621 5.65 -56.41 -14.82
C CYS A 621 4.95 -55.11 -14.43
N GLN A 622 5.70 -54.00 -14.34
CA GLN A 622 5.08 -52.70 -14.18
C GLN A 622 4.35 -52.26 -15.44
N GLN A 623 4.87 -52.64 -16.61
CA GLN A 623 4.16 -52.34 -17.85
C GLN A 623 2.85 -53.12 -17.93
N LEU A 624 2.88 -54.40 -17.56
CA LEU A 624 1.74 -55.29 -17.78
C LEU A 624 0.79 -55.33 -16.57
N LYS A 625 0.84 -54.31 -15.71
CA LYS A 625 -0.10 -54.17 -14.60
C LYS A 625 -0.04 -55.37 -13.66
N CYS A 626 1.17 -55.78 -13.31
CA CYS A 626 1.39 -56.92 -12.43
C CYS A 626 2.22 -56.58 -11.20
N GLY A 627 2.44 -55.29 -10.93
CA GLY A 627 3.09 -54.89 -9.71
C GLY A 627 4.57 -55.26 -9.64
N VAL A 628 5.09 -55.25 -8.42
CA VAL A 628 6.50 -55.50 -8.17
C VAL A 628 6.85 -56.93 -8.57
N ALA A 629 8.02 -57.11 -9.17
CA ALA A 629 8.48 -58.43 -9.55
C ALA A 629 9.00 -59.19 -8.33
N LEU A 630 9.02 -60.52 -8.46
CA LEU A 630 9.46 -61.41 -7.39
C LEU A 630 10.79 -62.08 -7.67
N SER A 631 10.93 -62.73 -8.82
CA SER A 631 12.17 -63.42 -9.17
C SER A 631 12.22 -63.62 -10.67
N THR A 632 13.38 -64.03 -11.16
CA THR A 632 13.63 -64.26 -12.58
C THR A 632 14.11 -65.69 -12.76
N PRO A 633 13.19 -66.63 -12.97
CA PRO A 633 13.61 -68.02 -13.18
C PRO A 633 14.38 -68.18 -14.48
N GLY A 634 15.33 -69.12 -14.48
CA GLY A 634 16.17 -69.38 -15.62
C GLY A 634 15.71 -70.59 -16.42
N GLY A 635 16.28 -70.71 -17.62
CA GLY A 635 15.97 -71.82 -18.50
C GLY A 635 14.62 -71.67 -19.18
N ALA A 636 14.24 -72.74 -19.88
CA ALA A 636 12.95 -72.80 -20.57
C ALA A 636 11.84 -73.24 -19.60
N ARG A 637 11.73 -72.49 -18.50
CA ARG A 637 10.76 -72.81 -17.46
C ARG A 637 9.32 -72.67 -17.93
N PHE A 638 9.09 -72.03 -19.09
CA PHE A 638 7.75 -71.83 -19.64
C PHE A 638 7.72 -72.19 -21.12
N GLY A 639 8.57 -73.12 -21.52
CA GLY A 639 8.61 -73.60 -22.89
C GLY A 639 9.87 -73.14 -23.61
N LYS A 640 10.32 -73.96 -24.55
CA LYS A 640 11.48 -73.63 -25.38
C LYS A 640 11.08 -72.69 -26.51
N GLY A 641 12.08 -72.02 -27.07
CA GLY A 641 11.83 -71.15 -28.21
C GLY A 641 11.31 -71.95 -29.40
N ASN A 642 10.34 -71.36 -30.10
CA ASN A 642 9.74 -71.98 -31.27
C ASN A 642 9.63 -71.00 -32.43
N GLY A 643 10.56 -70.05 -32.52
CA GLY A 643 10.54 -69.06 -33.58
C GLY A 643 11.73 -68.15 -33.56
N GLN A 644 11.53 -66.89 -33.96
CA GLN A 644 12.62 -65.93 -33.98
C GLN A 644 13.13 -65.67 -32.56
N ILE A 645 14.43 -65.47 -32.44
CA ILE A 645 15.07 -65.21 -31.15
C ILE A 645 15.59 -63.78 -31.17
N TRP A 646 14.79 -62.86 -30.64
CA TRP A 646 15.23 -61.48 -30.48
C TRP A 646 16.22 -61.39 -29.32
N ARG A 647 17.12 -60.40 -29.40
CA ARG A 647 18.22 -60.31 -28.45
C ARG A 647 18.40 -58.88 -27.92
N HIS A 648 17.32 -58.13 -27.77
CA HIS A 648 17.43 -56.75 -27.30
C HIS A 648 17.79 -56.76 -25.81
N MET A 649 19.03 -56.40 -25.47
CA MET A 649 19.45 -56.31 -24.07
C MET A 649 19.01 -54.97 -23.48
N PHE A 650 17.93 -54.96 -22.73
CA PHE A 650 17.50 -53.72 -22.09
C PHE A 650 18.26 -53.51 -20.78
N HIS A 651 18.33 -52.25 -20.35
CA HIS A 651 19.11 -51.80 -19.21
C HIS A 651 18.27 -50.96 -18.27
N CYS A 652 17.05 -51.40 -17.98
CA CYS A 652 16.14 -50.59 -17.18
C CYS A 652 16.72 -50.33 -15.80
N THR A 653 16.51 -49.09 -15.30
CA THR A 653 16.89 -48.74 -13.94
C THR A 653 15.87 -49.20 -12.89
N GLY A 654 14.66 -49.57 -13.30
CA GLY A 654 13.66 -50.04 -12.38
C GLY A 654 12.70 -49.01 -11.82
N THR A 655 12.98 -47.71 -11.99
CA THR A 655 12.08 -46.67 -11.50
C THR A 655 11.19 -46.10 -12.59
N GLU A 656 11.10 -46.75 -13.75
CA GLU A 656 10.44 -46.21 -14.92
C GLU A 656 9.19 -47.02 -15.21
N GLN A 657 8.13 -46.33 -15.62
CA GLN A 657 6.79 -46.93 -15.61
C GLN A 657 6.57 -47.89 -16.76
N HIS A 658 7.16 -47.61 -17.92
CA HIS A 658 6.95 -48.42 -19.11
C HIS A 658 8.26 -48.67 -19.84
N MET A 659 8.49 -49.92 -20.20
CA MET A 659 9.79 -50.43 -20.62
C MET A 659 10.36 -49.70 -21.83
N GLY A 660 9.51 -49.05 -22.63
CA GLY A 660 10.00 -48.32 -23.79
C GLY A 660 10.93 -47.16 -23.48
N ASP A 661 10.85 -46.61 -22.26
CA ASP A 661 11.65 -45.45 -21.89
C ASP A 661 13.02 -45.82 -21.37
N CYS A 662 13.33 -47.11 -21.25
CA CYS A 662 14.66 -47.57 -20.83
C CYS A 662 15.66 -47.47 -21.99
N PRO A 663 16.95 -47.40 -21.67
CA PRO A 663 17.95 -47.59 -22.72
C PRO A 663 17.85 -49.00 -23.29
N VAL A 664 17.98 -49.09 -24.61
CA VAL A 664 17.83 -50.35 -25.32
C VAL A 664 19.04 -50.56 -26.22
N THR A 665 19.51 -51.80 -26.28
CA THR A 665 20.64 -52.16 -27.12
C THR A 665 20.31 -53.47 -27.80
N ALA A 666 20.40 -53.50 -29.12
CA ALA A 666 20.07 -54.69 -29.88
C ALA A 666 21.09 -55.09 -30.94
N LEU A 667 21.94 -54.18 -31.40
CA LEU A 667 22.76 -54.45 -32.58
C LEU A 667 23.75 -55.57 -32.30
N GLY A 668 23.64 -56.65 -33.08
CA GLY A 668 24.55 -57.77 -32.98
C GLY A 668 24.50 -58.58 -31.72
N ALA A 669 23.53 -58.31 -30.85
CA ALA A 669 23.49 -58.89 -29.51
C ALA A 669 23.69 -60.41 -29.53
N SER A 670 24.22 -60.93 -28.43
CA SER A 670 24.79 -62.27 -28.42
C SER A 670 23.77 -63.33 -28.81
N LEU A 671 24.25 -64.33 -29.55
CA LEU A 671 23.45 -65.50 -29.89
C LEU A 671 22.95 -66.21 -28.64
N CYS A 672 21.73 -66.72 -28.72
CA CYS A 672 21.14 -67.50 -27.64
C CYS A 672 20.50 -68.75 -28.21
N PRO A 673 20.57 -69.88 -27.50
CA PRO A 673 19.90 -71.08 -27.98
C PRO A 673 18.40 -71.06 -27.70
N SER A 674 17.70 -71.96 -28.37
CA SER A 674 16.24 -72.04 -28.21
C SER A 674 15.85 -72.41 -26.78
N GLU A 675 16.70 -73.17 -26.09
CA GLU A 675 16.40 -73.61 -24.74
C GLU A 675 16.66 -72.52 -23.70
N GLN A 676 17.24 -71.40 -24.10
CA GLN A 676 17.57 -70.29 -23.20
C GLN A 676 16.63 -69.15 -23.53
N VAL A 677 15.69 -68.86 -22.63
CA VAL A 677 14.70 -67.81 -22.81
C VAL A 677 14.54 -67.08 -21.48
N ALA A 678 14.03 -65.85 -21.56
CA ALA A 678 13.76 -65.04 -20.38
C ALA A 678 12.37 -65.35 -19.84
N SER A 679 12.25 -65.31 -18.52
CA SER A 679 10.97 -65.57 -17.86
C SER A 679 10.97 -64.88 -16.50
N VAL A 680 9.77 -64.51 -16.03
CA VAL A 680 9.60 -63.78 -14.79
C VAL A 680 8.36 -64.29 -14.06
N ILE A 681 8.32 -64.03 -12.75
CA ILE A 681 7.14 -64.24 -11.93
C ILE A 681 7.00 -63.04 -11.01
N CYS A 682 5.76 -62.54 -10.87
CA CYS A 682 5.52 -61.27 -10.21
C CYS A 682 4.34 -61.38 -9.26
N SER A 683 4.25 -60.41 -8.35
CA SER A 683 3.20 -60.41 -7.34
C SER A 683 1.82 -60.37 -7.97
N GLY A 684 1.64 -59.54 -9.00
CA GLY A 684 0.36 -59.44 -9.67
C GLY A 684 -0.65 -58.51 -9.05
N ASN A 685 -0.24 -57.70 -8.08
CA ASN A 685 -1.13 -56.72 -7.46
C ASN A 685 -0.66 -55.32 -7.86
N GLN A 686 -1.58 -54.55 -8.45
CA GLN A 686 -1.23 -53.21 -8.93
C GLN A 686 -0.98 -52.24 -7.78
N SER A 687 -1.62 -52.47 -6.63
CA SER A 687 -1.49 -51.54 -5.50
C SER A 687 -0.07 -51.53 -4.94
N GLN A 688 0.60 -52.67 -4.95
CA GLN A 688 1.95 -52.74 -4.40
C GLN A 688 2.91 -51.88 -5.22
N THR A 689 3.84 -51.24 -4.52
CA THR A 689 4.83 -50.38 -5.17
C THR A 689 6.24 -50.74 -4.75
N PHE A 821 29.79 -49.79 -23.60
CA PHE A 821 29.98 -48.71 -24.56
C PHE A 821 30.11 -49.24 -25.99
N MET A 822 29.59 -48.47 -26.95
CA MET A 822 29.70 -48.78 -28.36
C MET A 822 29.93 -47.48 -29.12
N SER A 823 30.01 -47.58 -30.44
CA SER A 823 30.23 -46.42 -31.28
C SER A 823 30.09 -46.82 -32.74
N LEU A 824 29.58 -45.88 -33.54
CA LEU A 824 29.36 -46.12 -34.97
C LEU A 824 30.21 -45.14 -35.76
N ARG A 825 31.00 -45.66 -36.69
CA ARG A 825 31.97 -44.86 -37.42
C ARG A 825 31.91 -45.25 -38.89
N LEU A 826 32.36 -44.34 -39.75
CA LEU A 826 32.59 -44.62 -41.15
C LEU A 826 34.07 -44.50 -41.49
N THR A 827 34.44 -45.01 -42.66
CA THR A 827 35.84 -45.13 -43.04
C THR A 827 36.04 -44.64 -44.46
N SER A 828 37.25 -44.18 -44.74
CA SER A 828 37.73 -43.79 -46.06
C SER A 828 39.21 -43.43 -45.93
N GLU A 829 39.94 -43.55 -47.04
CA GLU A 829 41.35 -43.23 -47.03
C GLU A 829 41.57 -41.75 -46.74
N ALA A 830 42.51 -41.45 -45.84
CA ALA A 830 42.91 -40.10 -45.49
C ALA A 830 41.75 -39.25 -44.96
N SER A 831 40.69 -39.89 -44.47
CA SER A 831 39.54 -39.15 -43.97
C SER A 831 38.74 -40.05 -43.02
N ARG A 832 38.44 -39.54 -41.84
CA ARG A 832 37.70 -40.30 -40.84
C ARG A 832 36.63 -39.40 -40.22
N GLU A 833 35.59 -40.04 -39.70
CA GLU A 833 34.43 -39.40 -39.08
C GLU A 833 33.51 -38.74 -40.11
N ALA A 834 33.80 -38.88 -41.39
CA ALA A 834 32.91 -38.37 -42.43
C ALA A 834 31.70 -39.27 -42.58
N CYS A 835 30.66 -38.73 -43.23
CA CYS A 835 29.37 -39.40 -43.34
C CYS A 835 29.20 -40.15 -44.66
N ALA A 836 30.29 -40.69 -45.21
CA ALA A 836 30.22 -41.48 -46.42
C ALA A 836 31.34 -42.52 -46.41
N GLY A 837 31.00 -43.77 -46.74
CA GLY A 837 31.97 -44.85 -46.77
C GLY A 837 31.46 -46.13 -46.13
N ARG A 838 32.39 -46.93 -45.58
CA ARG A 838 32.03 -48.22 -45.00
C ARG A 838 31.65 -48.06 -43.53
N LEU A 839 30.62 -48.78 -43.12
CA LEU A 839 30.11 -48.68 -41.76
C LEU A 839 30.73 -49.76 -40.88
N GLU A 840 30.90 -49.42 -39.61
CA GLU A 840 31.57 -50.30 -38.65
C GLU A 840 30.96 -50.11 -37.27
N VAL A 841 31.16 -51.10 -36.40
CA VAL A 841 30.62 -51.09 -35.04
C VAL A 841 31.73 -51.47 -34.06
N PHE A 842 31.85 -50.70 -32.98
CA PHE A 842 32.82 -50.99 -31.92
C PHE A 842 32.15 -51.81 -30.84
N TYR A 843 32.71 -52.99 -30.55
CA TYR A 843 32.15 -53.86 -29.53
C TYR A 843 33.26 -54.64 -28.85
N ASN A 844 33.17 -54.76 -27.52
CA ASN A 844 34.09 -55.56 -26.72
C ASN A 844 35.55 -55.19 -27.00
N GLY A 845 35.81 -53.89 -27.08
CA GLY A 845 37.18 -53.43 -27.24
C GLY A 845 37.71 -53.44 -28.66
N ALA A 846 36.86 -53.72 -29.65
CA ALA A 846 37.30 -53.75 -31.03
C ALA A 846 36.17 -53.33 -31.95
N TRP A 847 36.53 -52.94 -33.16
CA TRP A 847 35.56 -52.56 -34.17
C TRP A 847 35.16 -53.79 -34.99
N GLY A 848 34.42 -53.57 -36.06
CA GLY A 848 34.07 -54.65 -36.98
C GLY A 848 33.01 -54.18 -37.94
N THR A 849 32.77 -55.02 -38.94
CA THR A 849 31.84 -54.70 -40.01
C THR A 849 30.47 -55.32 -39.76
N VAL A 850 29.45 -54.73 -40.38
CA VAL A 850 28.06 -55.17 -40.26
C VAL A 850 27.57 -55.52 -41.64
N GLY A 851 26.62 -56.46 -41.72
CA GLY A 851 26.23 -57.02 -43.00
C GLY A 851 25.63 -56.05 -43.99
N LYS A 852 26.11 -56.10 -45.23
CA LYS A 852 25.48 -55.37 -46.33
C LYS A 852 24.13 -55.97 -46.70
N SER A 853 23.96 -57.27 -46.50
CA SER A 853 22.79 -57.97 -47.02
C SER A 853 21.50 -57.36 -46.50
N SER A 854 20.57 -57.14 -47.42
CA SER A 854 19.17 -56.84 -47.12
C SER A 854 18.96 -55.50 -46.41
N MET A 855 19.96 -54.61 -46.44
CA MET A 855 19.80 -53.31 -45.81
C MET A 855 18.67 -52.53 -46.47
N SER A 856 17.75 -52.03 -45.65
CA SER A 856 16.55 -51.37 -46.16
C SER A 856 16.73 -49.85 -46.15
N GLU A 857 15.72 -49.14 -46.64
CA GLU A 857 15.75 -47.69 -46.60
C GLU A 857 15.67 -47.16 -45.18
N THR A 858 14.92 -47.83 -44.31
CA THR A 858 14.75 -47.33 -42.95
C THR A 858 16.01 -47.49 -42.13
N THR A 859 16.79 -48.55 -42.38
CA THR A 859 18.09 -48.67 -41.72
C THR A 859 19.01 -47.53 -42.14
N VAL A 860 19.00 -47.18 -43.42
CA VAL A 860 19.82 -46.06 -43.89
C VAL A 860 19.37 -44.76 -43.22
N GLY A 861 18.06 -44.54 -43.16
CA GLY A 861 17.55 -43.36 -42.49
C GLY A 861 18.00 -43.27 -41.04
N VAL A 862 17.95 -44.41 -40.34
CA VAL A 862 18.40 -44.43 -38.94
C VAL A 862 19.88 -44.10 -38.86
N VAL A 863 20.69 -44.68 -39.74
CA VAL A 863 22.14 -44.49 -39.67
C VAL A 863 22.47 -43.03 -39.89
N CYS A 864 21.84 -42.42 -40.90
CA CYS A 864 22.14 -41.03 -41.20
C CYS A 864 21.67 -40.11 -40.07
N ARG A 865 20.47 -40.36 -39.52
CA ARG A 865 20.02 -39.52 -38.42
C ARG A 865 20.86 -39.71 -37.17
N GLN A 866 21.52 -40.86 -37.01
CA GLN A 866 22.40 -41.06 -35.86
C GLN A 866 23.73 -40.34 -36.04
N LEU A 867 24.44 -40.64 -37.15
CA LEU A 867 25.67 -39.93 -37.44
C LEU A 867 25.43 -38.46 -37.73
N GLY A 868 24.19 -38.07 -37.99
CA GLY A 868 23.81 -36.67 -38.01
C GLY A 868 24.09 -35.93 -39.29
N CYS A 869 24.48 -36.62 -40.36
CA CYS A 869 24.82 -35.95 -41.60
C CYS A 869 23.61 -35.77 -42.51
N ALA A 870 22.43 -36.25 -42.11
CA ALA A 870 21.24 -36.19 -42.95
C ALA A 870 20.07 -36.79 -42.20
N ASP A 871 18.88 -36.61 -42.77
CA ASP A 871 17.75 -37.45 -42.40
C ASP A 871 17.96 -38.87 -42.90
N LYS A 872 18.49 -39.03 -44.11
CA LYS A 872 18.52 -40.33 -44.76
C LYS A 872 19.64 -40.36 -45.80
N GLY A 873 19.59 -41.35 -46.69
CA GLY A 873 20.57 -41.46 -47.75
C GLY A 873 20.25 -42.65 -48.63
N LYS A 874 21.22 -43.06 -49.42
CA LYS A 874 21.11 -44.20 -50.33
C LYS A 874 22.20 -45.21 -50.00
N ILE A 875 22.07 -46.40 -50.58
CA ILE A 875 23.02 -47.49 -50.39
C ILE A 875 23.71 -47.80 -51.71
N ASN A 876 25.02 -47.98 -51.67
CA ASN A 876 25.80 -48.20 -52.88
C ASN A 876 26.84 -49.28 -52.61
N PRO A 877 27.36 -49.93 -53.67
CA PRO A 877 28.36 -50.98 -53.48
C PRO A 877 29.67 -50.46 -52.90
N ALA A 878 30.62 -51.36 -52.66
CA ALA A 878 31.89 -50.97 -52.07
C ALA A 878 32.73 -50.20 -53.07
N SER A 879 33.85 -49.67 -52.59
CA SER A 879 34.75 -48.87 -53.40
C SER A 879 36.18 -49.24 -53.06
N LEU A 880 37.14 -48.62 -53.77
CA LEU A 880 38.55 -48.89 -53.56
C LEU A 880 39.11 -48.19 -52.33
N ASP A 881 38.32 -47.34 -51.68
CA ASP A 881 38.79 -46.51 -50.57
C ASP A 881 39.05 -47.31 -49.29
N LYS A 882 38.68 -48.58 -49.25
CA LYS A 882 38.92 -49.36 -48.04
C LYS A 882 40.41 -49.57 -47.82
N ALA A 883 40.80 -49.64 -46.54
CA ALA A 883 42.21 -49.82 -46.20
C ALA A 883 42.46 -50.78 -45.05
N MET A 884 41.40 -51.27 -44.39
CA MET A 884 41.58 -52.11 -43.19
C MET A 884 40.81 -53.43 -43.28
N SER A 885 41.52 -54.55 -43.33
CA SER A 885 40.89 -55.88 -43.32
C SER A 885 40.45 -56.17 -41.89
N ILE A 886 39.27 -55.70 -41.52
CA ILE A 886 38.76 -55.91 -40.17
C ILE A 886 37.66 -56.97 -40.20
N PRO A 887 37.66 -57.92 -39.27
CA PRO A 887 36.64 -58.98 -39.30
C PRO A 887 35.26 -58.40 -39.11
N MET A 888 34.25 -59.19 -39.47
CA MET A 888 32.87 -58.71 -39.49
C MET A 888 32.24 -59.01 -38.14
N TRP A 889 31.56 -58.00 -37.57
CA TRP A 889 30.92 -58.18 -36.27
C TRP A 889 29.50 -58.71 -36.37
N VAL A 890 28.74 -58.30 -37.38
CA VAL A 890 27.32 -58.62 -37.49
C VAL A 890 26.96 -58.72 -38.97
N ASP A 891 25.80 -59.33 -39.25
CA ASP A 891 25.25 -59.42 -40.59
C ASP A 891 23.75 -59.17 -40.51
N ASN A 892 23.17 -58.80 -41.66
CA ASN A 892 21.72 -58.70 -41.82
C ASN A 892 21.10 -57.67 -40.86
N VAL A 893 21.45 -56.41 -41.10
CA VAL A 893 20.94 -55.30 -40.29
C VAL A 893 19.62 -54.82 -40.89
N GLN A 894 18.60 -54.72 -40.05
CA GLN A 894 17.29 -54.21 -40.48
C GLN A 894 16.67 -53.45 -39.33
N CYS A 895 16.42 -52.16 -39.54
CA CYS A 895 15.86 -51.36 -38.47
C CYS A 895 14.33 -51.35 -38.53
N PRO A 896 13.67 -51.26 -37.39
CA PRO A 896 12.21 -51.12 -37.39
C PRO A 896 11.80 -49.67 -37.42
N LYS A 897 10.49 -49.41 -37.35
CA LYS A 897 10.01 -48.05 -37.20
C LYS A 897 10.09 -47.63 -35.73
N GLY A 898 10.58 -46.42 -35.50
CA GLY A 898 10.51 -45.81 -34.19
C GLY A 898 11.83 -45.37 -33.55
N PRO A 899 12.88 -46.17 -33.63
CA PRO A 899 14.14 -45.77 -33.00
C PRO A 899 14.83 -44.64 -33.76
N ASP A 900 15.69 -43.93 -33.04
CA ASP A 900 16.48 -42.84 -33.62
C ASP A 900 17.97 -43.11 -33.62
N THR A 901 18.40 -44.31 -33.22
CA THR A 901 19.80 -44.70 -33.25
C THR A 901 19.89 -46.13 -33.74
N LEU A 902 21.10 -46.55 -34.14
CA LEU A 902 21.29 -47.87 -34.70
C LEU A 902 21.45 -48.95 -33.65
N TRP A 903 21.67 -48.58 -32.39
CA TRP A 903 21.82 -49.59 -31.35
C TRP A 903 20.51 -50.29 -31.04
N GLN A 904 19.38 -49.73 -31.50
CA GLN A 904 18.07 -50.31 -31.29
C GLN A 904 17.54 -50.97 -32.55
N CYS A 905 18.40 -51.57 -33.35
CA CYS A 905 18.00 -52.18 -34.60
C CYS A 905 18.32 -53.68 -34.59
N PRO A 906 17.33 -54.54 -34.83
CA PRO A 906 17.60 -55.98 -34.85
C PRO A 906 18.62 -56.34 -35.92
N SER A 907 19.35 -57.41 -35.67
CA SER A 907 20.30 -57.95 -36.64
C SER A 907 20.73 -59.33 -36.16
N SER A 908 21.60 -59.97 -36.94
CA SER A 908 22.17 -61.25 -36.53
C SER A 908 23.04 -61.06 -35.28
N PRO A 909 23.28 -62.13 -34.54
CA PRO A 909 24.13 -62.02 -33.34
C PRO A 909 25.59 -61.74 -33.64
N TRP A 910 26.38 -61.53 -32.59
CA TRP A 910 27.82 -61.33 -32.76
C TRP A 910 28.45 -62.60 -33.36
N GLU A 911 29.28 -62.40 -34.38
CA GLU A 911 30.03 -63.52 -34.95
C GLU A 911 31.26 -62.94 -35.65
N LYS A 912 32.43 -63.13 -35.04
CA LYS A 912 33.67 -62.51 -35.52
C LYS A 912 34.25 -63.34 -36.66
N ARG A 913 33.53 -63.34 -37.78
CA ARG A 913 33.93 -64.09 -38.95
C ARG A 913 34.63 -63.18 -39.96
N LEU A 914 35.47 -63.80 -40.80
CA LEU A 914 36.08 -63.08 -41.91
C LEU A 914 35.06 -62.82 -43.00
N ALA A 915 35.17 -61.67 -43.65
CA ALA A 915 34.18 -61.24 -44.63
C ALA A 915 34.88 -60.70 -45.87
N SER A 916 34.21 -60.85 -47.00
CA SER A 916 34.64 -60.39 -48.31
C SER A 916 34.09 -59.00 -48.59
N PRO A 917 34.68 -58.27 -49.54
CA PRO A 917 34.15 -56.92 -49.85
C PRO A 917 32.70 -56.94 -50.28
N SER A 918 32.26 -57.98 -50.98
CA SER A 918 30.85 -58.06 -51.36
C SER A 918 29.93 -58.11 -50.16
N GLU A 919 30.43 -58.52 -48.99
CA GLU A 919 29.64 -58.55 -47.78
C GLU A 919 29.75 -57.27 -46.97
N GLU A 920 30.80 -56.48 -47.19
CA GLU A 920 30.96 -55.21 -46.48
C GLU A 920 29.88 -54.23 -46.90
N THR A 921 29.48 -53.37 -45.98
CA THR A 921 28.41 -52.42 -46.20
C THR A 921 28.98 -51.01 -46.39
N TRP A 922 28.55 -50.35 -47.47
CA TRP A 922 29.02 -49.01 -47.80
C TRP A 922 27.83 -48.14 -48.17
N ILE A 923 27.89 -46.87 -47.79
CA ILE A 923 26.74 -45.98 -47.87
C ILE A 923 27.23 -44.57 -48.17
N THR A 924 26.27 -43.68 -48.49
CA THR A 924 26.53 -42.26 -48.71
C THR A 924 25.26 -41.53 -48.31
N CYS A 925 25.31 -40.81 -47.19
CA CYS A 925 24.13 -40.11 -46.73
C CYS A 925 23.75 -39.02 -47.71
N ASP A 926 22.54 -38.49 -47.55
CA ASP A 926 22.10 -37.34 -48.31
C ASP A 926 22.74 -36.09 -47.73
N ASN A 927 23.17 -35.17 -48.60
CA ASN A 927 23.80 -33.98 -48.04
C ASN A 927 22.79 -33.22 -47.20
N LYS A 928 23.26 -32.72 -46.06
CA LYS A 928 22.39 -32.06 -45.08
C LYS A 928 21.81 -30.77 -45.62
N ILE A 929 22.57 -30.04 -46.45
CA ILE A 929 22.15 -28.75 -46.94
C ILE A 929 21.33 -28.99 -48.19
N ARG A 930 20.09 -28.52 -48.19
CA ARG A 930 19.22 -28.53 -49.34
C ARG A 930 18.44 -27.23 -49.36
N LEU A 931 18.07 -26.80 -50.55
CA LEU A 931 17.29 -25.60 -50.74
C LEU A 931 15.84 -25.99 -50.97
N GLN A 932 14.94 -25.02 -50.81
CA GLN A 932 13.53 -25.25 -51.01
C GLN A 932 12.85 -23.95 -51.43
N GLU A 933 11.69 -24.10 -52.06
CA GLU A 933 10.79 -23.02 -52.47
C GLU A 933 11.37 -22.28 -53.66
N GLY A 934 12.61 -22.59 -54.04
CA GLY A 934 13.25 -21.96 -55.17
C GLY A 934 12.52 -22.23 -56.47
N PRO A 935 12.57 -21.28 -57.40
CA PRO A 935 11.95 -21.51 -58.72
C PRO A 935 12.52 -22.70 -59.46
N THR A 936 13.79 -23.01 -59.25
CA THR A 936 14.47 -24.12 -59.90
C THR A 936 15.48 -24.70 -58.93
N SER A 937 16.27 -25.66 -59.40
CA SER A 937 17.42 -26.11 -58.64
C SER A 937 18.49 -25.02 -58.64
N CYS A 938 19.31 -25.02 -57.60
CA CYS A 938 20.37 -24.02 -57.39
C CYS A 938 19.80 -22.65 -57.05
N SER A 939 18.60 -22.63 -56.45
CA SER A 939 18.01 -21.40 -55.96
C SER A 939 17.02 -21.76 -54.86
N GLY A 940 16.76 -20.80 -53.98
CA GLY A 940 15.79 -21.01 -52.93
C GLY A 940 16.36 -20.76 -51.56
N ARG A 941 15.47 -20.52 -50.58
CA ARG A 941 15.91 -20.31 -49.20
C ARG A 941 16.88 -21.40 -48.80
N VAL A 942 17.78 -21.10 -47.87
CA VAL A 942 18.78 -22.06 -47.44
C VAL A 942 18.28 -22.80 -46.21
N GLU A 943 17.97 -24.08 -46.37
CA GLU A 943 17.53 -24.95 -45.28
C GLU A 943 18.72 -25.69 -44.69
N ILE A 944 18.53 -26.23 -43.50
CA ILE A 944 19.58 -26.98 -42.82
C ILE A 944 18.93 -27.98 -41.87
N TRP A 945 19.56 -29.13 -41.71
CA TRP A 945 19.06 -30.21 -40.88
C TRP A 945 20.01 -30.38 -39.70
N HIS A 946 19.46 -30.45 -38.49
CA HIS A 946 20.27 -30.81 -37.34
C HIS A 946 19.36 -31.30 -36.23
N GLY A 947 19.87 -32.24 -35.43
CA GLY A 947 19.19 -32.63 -34.22
C GLY A 947 17.96 -33.48 -34.43
N GLY A 948 17.67 -33.88 -35.67
CA GLY A 948 16.52 -34.70 -35.99
C GLY A 948 15.55 -34.05 -36.96
N SER A 949 15.40 -32.73 -36.88
CA SER A 949 14.45 -32.00 -37.69
C SER A 949 15.13 -30.85 -38.43
N TRP A 950 14.60 -30.57 -39.63
CA TRP A 950 15.17 -29.60 -40.55
C TRP A 950 15.01 -28.18 -40.00
N GLY A 951 15.68 -27.24 -40.64
CA GLY A 951 15.59 -25.85 -40.22
C GLY A 951 16.15 -24.90 -41.26
N THR A 952 16.25 -23.63 -40.86
CA THR A 952 16.66 -22.55 -41.75
C THR A 952 17.74 -21.72 -41.08
N VAL A 953 18.30 -20.76 -41.83
CA VAL A 953 19.35 -19.86 -41.35
C VAL A 953 18.83 -18.42 -41.39
N CYS A 954 19.33 -17.59 -40.47
CA CYS A 954 18.96 -16.19 -40.37
C CYS A 954 19.80 -15.32 -41.30
N ASP A 955 19.17 -14.27 -41.81
CA ASP A 955 19.75 -13.46 -42.90
C ASP A 955 20.60 -12.29 -42.41
N ASP A 956 20.87 -12.21 -41.11
CA ASP A 956 21.81 -11.22 -40.62
C ASP A 956 23.22 -11.63 -41.02
N SER A 957 23.96 -10.71 -41.62
CA SER A 957 25.29 -10.93 -42.18
C SER A 957 25.25 -11.83 -43.40
N TRP A 958 24.07 -12.02 -43.99
CA TRP A 958 23.91 -12.83 -45.19
C TRP A 958 24.67 -12.17 -46.33
N ASP A 959 25.80 -12.76 -46.72
CA ASP A 959 26.72 -12.15 -47.69
C ASP A 959 27.03 -13.15 -48.79
N LEU A 960 27.68 -12.66 -49.84
CA LEU A 960 27.95 -13.52 -50.98
C LEU A 960 28.97 -14.62 -50.67
N ASP A 961 29.76 -14.49 -49.60
CA ASP A 961 30.65 -15.58 -49.22
C ASP A 961 29.86 -16.81 -48.76
N ASP A 962 28.78 -16.60 -47.98
CA ASP A 962 27.96 -17.72 -47.59
C ASP A 962 27.20 -18.29 -48.78
N ALA A 963 26.62 -17.43 -49.62
CA ALA A 963 25.97 -17.92 -50.83
C ALA A 963 26.95 -18.58 -51.80
N GLN A 964 28.25 -18.27 -51.68
CA GLN A 964 29.28 -19.00 -52.42
C GLN A 964 29.53 -20.38 -51.83
N VAL A 965 29.42 -20.51 -50.51
CA VAL A 965 29.56 -21.83 -49.91
C VAL A 965 28.32 -22.67 -50.17
N VAL A 966 27.14 -22.04 -50.17
CA VAL A 966 25.88 -22.77 -50.27
C VAL A 966 25.81 -23.56 -51.55
N CYS A 967 26.08 -22.90 -52.68
CA CYS A 967 25.86 -23.54 -53.97
C CYS A 967 27.01 -24.44 -54.38
N GLN A 968 28.23 -24.13 -53.92
CA GLN A 968 29.34 -25.06 -54.12
C GLN A 968 29.11 -26.34 -53.33
N GLN A 969 28.55 -26.22 -52.13
CA GLN A 969 28.23 -27.40 -51.33
C GLN A 969 27.20 -28.27 -52.02
N LEU A 970 26.28 -27.65 -52.78
CA LEU A 970 25.39 -28.40 -53.65
C LEU A 970 26.09 -28.95 -54.88
N GLY A 971 27.32 -28.53 -55.14
CA GLY A 971 27.99 -28.93 -56.36
C GLY A 971 27.47 -28.24 -57.61
N CYS A 972 26.86 -27.07 -57.47
CA CYS A 972 26.22 -26.40 -58.60
C CYS A 972 27.15 -25.39 -59.26
N GLY A 973 27.59 -24.38 -58.53
CA GLY A 973 28.45 -23.35 -59.07
C GLY A 973 28.51 -22.10 -58.23
N PRO A 974 29.22 -21.09 -58.71
CA PRO A 974 29.39 -19.86 -57.94
C PRO A 974 28.08 -19.08 -57.80
N ALA A 975 27.98 -18.33 -56.71
CA ALA A 975 26.78 -17.57 -56.43
C ALA A 975 26.70 -16.35 -57.32
N LEU A 976 25.51 -15.76 -57.39
CA LEU A 976 25.35 -14.53 -58.15
C LEU A 976 24.61 -13.45 -57.39
N LYS A 977 23.76 -13.83 -56.43
CA LYS A 977 23.05 -12.83 -55.64
C LYS A 977 22.61 -13.45 -54.33
N ALA A 978 22.41 -12.58 -53.33
CA ALA A 978 21.84 -12.96 -52.05
C ALA A 978 20.83 -11.90 -51.65
N PHE A 979 19.74 -12.33 -51.02
CA PHE A 979 18.62 -11.43 -50.73
C PHE A 979 18.46 -11.28 -49.22
N LYS A 980 17.67 -10.26 -48.85
CA LYS A 980 17.29 -10.02 -47.48
C LYS A 980 15.82 -9.61 -47.47
N GLU A 981 15.26 -9.43 -46.27
CA GLU A 981 13.92 -8.89 -46.08
C GLU A 981 12.86 -9.76 -46.77
N ALA A 982 12.71 -10.98 -46.22
CA ALA A 982 11.60 -11.88 -46.56
C ALA A 982 11.63 -12.26 -48.05
N GLU A 983 12.64 -13.05 -48.40
CA GLU A 983 12.69 -13.71 -49.70
C GLU A 983 12.64 -15.22 -49.53
N PHE A 984 11.94 -15.89 -50.45
CA PHE A 984 11.79 -17.34 -50.47
C PHE A 984 11.23 -17.87 -49.14
N GLY A 985 9.99 -17.50 -48.88
CA GLY A 985 9.20 -18.13 -47.84
C GLY A 985 9.49 -17.65 -46.43
N GLN A 986 8.50 -17.76 -45.57
CA GLN A 986 8.63 -17.40 -44.16
C GLN A 986 7.78 -18.34 -43.30
N GLY A 987 7.91 -19.65 -43.55
CA GLY A 987 7.01 -20.62 -42.97
C GLY A 987 7.54 -21.41 -41.78
N THR A 988 8.03 -22.61 -42.04
CA THR A 988 8.24 -23.63 -41.02
C THR A 988 9.69 -23.69 -40.56
N GLY A 989 9.87 -24.30 -39.38
CA GLY A 989 11.16 -24.77 -38.95
C GLY A 989 11.75 -23.98 -37.79
N PRO A 990 12.80 -24.55 -37.18
CA PRO A 990 13.68 -23.77 -36.31
C PRO A 990 14.88 -23.22 -37.08
N ILE A 991 15.42 -22.13 -36.57
CA ILE A 991 16.52 -21.43 -37.21
C ILE A 991 17.79 -21.96 -36.55
N TRP A 992 18.40 -22.97 -37.16
CA TRP A 992 19.51 -23.67 -36.51
C TRP A 992 20.78 -22.83 -36.41
N LEU A 993 20.87 -21.75 -37.18
CA LEU A 993 22.07 -20.92 -37.20
C LEU A 993 21.68 -19.48 -37.40
N ASN A 994 22.58 -18.57 -37.01
CA ASN A 994 22.43 -17.16 -37.35
C ASN A 994 23.80 -16.51 -37.41
N GLU A 995 23.88 -15.40 -38.15
CA GLU A 995 25.11 -14.63 -38.31
C GLU A 995 26.26 -15.52 -38.81
N VAL A 996 26.10 -16.00 -40.04
CA VAL A 996 27.05 -16.90 -40.67
C VAL A 996 28.22 -16.07 -41.17
N LYS A 997 29.29 -16.00 -40.37
CA LYS A 997 30.51 -15.28 -40.78
C LYS A 997 31.37 -16.13 -41.71
N CYS A 998 30.76 -16.59 -42.81
CA CYS A 998 31.43 -17.50 -43.72
C CYS A 998 32.48 -16.76 -44.54
N LYS A 999 33.69 -17.34 -44.61
CA LYS A 999 34.78 -16.76 -45.38
C LYS A 999 34.68 -17.03 -46.87
N GLY A 1000 33.85 -17.98 -47.30
CA GLY A 1000 33.60 -18.25 -48.70
C GLY A 1000 34.34 -19.45 -49.26
N ASN A 1001 35.42 -19.89 -48.61
CA ASN A 1001 36.18 -21.06 -49.05
C ASN A 1001 35.98 -22.26 -48.14
N GLU A 1002 34.97 -22.23 -47.27
CA GLU A 1002 34.73 -23.33 -46.36
C GLU A 1002 34.32 -24.61 -47.07
N SER A 1003 34.67 -25.74 -46.46
CA SER A 1003 34.26 -27.03 -47.01
C SER A 1003 32.77 -27.25 -46.82
N SER A 1004 32.23 -26.79 -45.69
CA SER A 1004 30.82 -26.99 -45.39
C SER A 1004 30.26 -25.76 -44.70
N LEU A 1005 28.95 -25.59 -44.83
CA LEU A 1005 28.29 -24.47 -44.20
C LEU A 1005 28.23 -24.60 -42.68
N TRP A 1006 28.55 -25.76 -42.12
CA TRP A 1006 28.56 -25.95 -40.68
C TRP A 1006 29.90 -25.68 -40.01
N ASP A 1007 30.95 -25.41 -40.77
CA ASP A 1007 32.23 -25.04 -40.16
C ASP A 1007 32.28 -23.56 -39.82
N CYS A 1008 31.44 -22.75 -40.47
CA CYS A 1008 31.43 -21.31 -40.29
C CYS A 1008 31.25 -21.01 -38.81
N PRO A 1009 31.70 -19.84 -38.36
CA PRO A 1009 31.53 -19.49 -36.95
C PRO A 1009 30.17 -18.94 -36.58
N ALA A 1010 29.14 -19.31 -37.35
CA ALA A 1010 27.79 -18.83 -37.08
C ALA A 1010 27.45 -19.02 -35.60
N ARG A 1011 26.78 -18.03 -35.04
CA ARG A 1011 26.63 -17.93 -33.59
C ARG A 1011 25.38 -18.65 -33.10
N ARG A 1012 25.40 -18.97 -31.81
CA ARG A 1012 24.27 -19.53 -31.06
C ARG A 1012 23.47 -20.54 -31.88
N TRP A 1013 24.14 -21.61 -32.27
CA TRP A 1013 23.52 -22.70 -33.01
C TRP A 1013 22.20 -23.12 -32.37
N GLY A 1014 21.13 -23.07 -33.16
CA GLY A 1014 19.82 -23.52 -32.73
C GLY A 1014 18.94 -22.51 -32.03
N HIS A 1015 19.46 -21.36 -31.63
CA HIS A 1015 18.69 -20.42 -30.82
C HIS A 1015 18.22 -19.28 -31.71
N SER A 1016 16.95 -18.93 -31.58
CA SER A 1016 16.34 -17.96 -32.49
C SER A 1016 16.52 -16.56 -31.91
N GLU A 1017 17.62 -15.91 -32.28
CA GLU A 1017 17.80 -14.51 -31.94
C GLU A 1017 17.12 -13.62 -32.97
N CYS A 1018 17.02 -14.11 -34.21
CA CYS A 1018 16.44 -13.36 -35.32
C CYS A 1018 14.93 -13.54 -35.36
N GLY A 1019 14.27 -12.65 -36.11
CA GLY A 1019 12.86 -12.81 -36.40
C GLY A 1019 12.65 -13.84 -37.50
N HIS A 1020 11.38 -14.08 -37.80
CA HIS A 1020 11.03 -15.06 -38.81
C HIS A 1020 10.85 -14.48 -40.20
N LYS A 1021 10.65 -13.17 -40.31
CA LYS A 1021 10.54 -12.44 -41.57
C LYS A 1021 11.94 -12.27 -42.29
N GLU A 1022 12.98 -12.93 -41.82
CA GLU A 1022 14.35 -12.64 -42.27
C GLU A 1022 15.16 -13.92 -42.43
N ASP A 1023 14.57 -14.95 -43.03
CA ASP A 1023 15.29 -16.17 -43.31
C ASP A 1023 16.22 -15.98 -44.52
N ALA A 1024 17.13 -16.92 -44.71
CA ALA A 1024 18.11 -16.83 -45.78
C ALA A 1024 17.45 -17.03 -47.14
N ALA A 1025 18.09 -16.48 -48.17
CA ALA A 1025 17.69 -16.69 -49.56
C ALA A 1025 18.90 -16.57 -50.46
N VAL A 1026 19.01 -17.45 -51.46
CA VAL A 1026 20.13 -17.43 -52.38
C VAL A 1026 19.65 -17.76 -53.79
N ASN A 1027 20.22 -17.05 -54.77
CA ASN A 1027 20.01 -17.31 -56.19
C ASN A 1027 21.39 -17.42 -56.83
N CYS A 1028 21.66 -18.53 -57.50
CA CYS A 1028 23.02 -18.77 -57.96
C CYS A 1028 23.01 -19.51 -59.30
N THR A 1029 24.15 -19.44 -59.97
CA THR A 1029 24.25 -19.87 -61.36
C THR A 1029 24.23 -21.38 -61.48
N ASP A 1030 23.42 -21.90 -62.40
CA ASP A 1030 23.33 -23.34 -62.67
C ASP A 1030 24.69 -23.86 -63.09
N LEU B 264 1.63 49.59 46.77
CA LEU B 264 2.35 48.72 45.84
C LEU B 264 3.57 49.43 45.27
N SER B 265 4.50 48.65 44.73
CA SER B 265 5.75 49.20 44.21
C SER B 265 6.31 48.24 43.17
N LEU B 266 7.28 48.75 42.40
CA LEU B 266 7.97 47.97 41.37
C LEU B 266 9.47 48.02 41.64
N ARG B 267 10.17 46.98 41.20
CA ARG B 267 11.62 46.95 41.37
C ARG B 267 12.22 46.01 40.33
N LEU B 268 13.32 46.45 39.73
CA LEU B 268 14.15 45.60 38.88
C LEU B 268 15.40 45.23 39.64
N VAL B 269 15.73 43.95 39.64
CA VAL B 269 16.79 43.42 40.51
C VAL B 269 17.68 42.48 39.71
N ASP B 270 18.98 42.53 39.97
CA ASP B 270 19.98 41.55 39.55
C ASP B 270 20.03 41.34 38.04
N GLY B 271 19.61 42.33 37.25
CA GLY B 271 19.78 42.28 35.81
C GLY B 271 21.12 42.82 35.37
N VAL B 272 21.32 42.81 34.04
CA VAL B 272 22.57 43.30 33.47
C VAL B 272 22.67 44.80 33.63
N THR B 273 21.54 45.51 33.60
CA THR B 273 21.52 46.96 33.75
C THR B 273 20.36 47.34 34.64
N GLU B 274 20.31 48.62 35.02
CA GLU B 274 19.22 49.12 35.87
C GLU B 274 17.87 49.02 35.18
N CYS B 275 17.84 48.93 33.85
CA CYS B 275 16.61 48.85 33.09
C CYS B 275 16.28 47.42 32.64
N SER B 276 16.94 46.42 33.21
CA SER B 276 16.70 45.04 32.84
C SER B 276 16.87 44.15 34.06
N GLY B 277 16.23 42.98 34.02
CA GLY B 277 16.35 41.99 35.07
C GLY B 277 14.99 41.43 35.44
N ARG B 278 14.97 40.65 36.53
CA ARG B 278 13.74 40.12 37.05
C ARG B 278 12.83 41.23 37.56
N LEU B 279 11.53 41.05 37.37
CA LEU B 279 10.52 42.01 37.81
C LEU B 279 10.00 41.61 39.18
N GLU B 280 10.00 42.56 40.11
CA GLU B 280 9.57 42.32 41.49
C GLU B 280 8.51 43.34 41.87
N VAL B 281 7.54 42.90 42.67
CA VAL B 281 6.44 43.74 43.13
C VAL B 281 6.30 43.56 44.63
N ARG B 282 6.03 44.66 45.33
CA ARG B 282 5.87 44.65 46.78
C ARG B 282 4.40 44.75 47.14
N PHE B 283 3.93 43.82 47.98
CA PHE B 283 2.56 43.85 48.47
C PHE B 283 2.55 43.35 49.90
N GLN B 284 1.78 44.03 50.76
CA GLN B 284 1.73 43.74 52.19
C GLN B 284 3.11 43.86 52.84
N GLY B 285 3.97 44.69 52.28
CA GLY B 285 5.31 44.89 52.80
C GLY B 285 6.31 43.83 52.42
N GLU B 286 5.91 42.83 51.62
CA GLU B 286 6.78 41.75 51.22
C GLU B 286 6.91 41.75 49.69
N TRP B 287 8.13 41.63 49.19
CA TRP B 287 8.38 41.60 47.76
C TRP B 287 7.98 40.26 47.18
N GLY B 288 7.65 40.27 45.89
CA GLY B 288 7.32 39.04 45.19
C GLY B 288 7.44 39.21 43.69
N THR B 289 7.55 38.08 43.00
CA THR B 289 7.77 38.06 41.57
C THR B 289 6.48 37.71 40.82
N ILE B 290 6.43 38.10 39.56
CA ILE B 290 5.31 37.82 38.69
C ILE B 290 5.56 36.52 37.94
N CYS B 291 4.50 35.74 37.74
CA CYS B 291 4.59 34.52 36.96
C CYS B 291 4.63 34.85 35.47
N ASP B 292 5.50 34.16 34.73
CA ASP B 292 5.74 34.52 33.34
C ASP B 292 4.64 34.06 32.39
N ASP B 293 3.74 33.19 32.84
CA ASP B 293 2.68 32.69 31.97
C ASP B 293 1.89 33.83 31.37
N GLY B 294 1.78 33.83 30.04
CA GLY B 294 1.07 34.88 29.34
C GLY B 294 1.78 36.21 29.27
N TRP B 295 3.01 36.30 29.78
CA TRP B 295 3.76 37.56 29.72
C TRP B 295 4.06 37.91 28.27
N ASP B 296 3.60 39.08 27.85
CA ASP B 296 3.66 39.50 26.45
C ASP B 296 4.39 40.83 26.35
N SER B 297 4.77 41.19 25.12
CA SER B 297 5.48 42.45 24.90
C SER B 297 4.64 43.65 25.30
N TYR B 298 3.31 43.53 25.24
CA TYR B 298 2.46 44.59 25.75
C TYR B 298 2.64 44.77 27.25
N ASP B 299 2.76 43.66 27.98
CA ASP B 299 3.05 43.74 29.41
C ASP B 299 4.39 44.40 29.67
N ALA B 300 5.40 44.08 28.84
CA ALA B 300 6.69 44.73 28.97
C ALA B 300 6.59 46.22 28.70
N ALA B 301 5.80 46.61 27.70
CA ALA B 301 5.62 48.03 27.39
C ALA B 301 4.95 48.76 28.54
N VAL B 302 3.92 48.14 29.14
CA VAL B 302 3.24 48.77 30.26
C VAL B 302 4.17 48.89 31.46
N ALA B 303 4.92 47.83 31.77
CA ALA B 303 5.86 47.89 32.88
C ALA B 303 6.96 48.91 32.64
N CYS B 304 7.33 49.13 31.38
CA CYS B 304 8.36 50.13 31.07
C CYS B 304 7.80 51.54 31.19
N LYS B 305 6.58 51.78 30.70
CA LYS B 305 5.98 53.11 30.81
C LYS B 305 5.64 53.47 32.25
N GLN B 306 5.45 52.49 33.12
CA GLN B 306 5.30 52.76 34.55
C GLN B 306 6.64 53.09 35.19
N LEU B 307 7.76 52.79 34.54
CA LEU B 307 9.09 53.04 35.07
C LEU B 307 9.81 54.11 34.25
N GLY B 308 10.93 54.58 34.79
CA GLY B 308 11.71 55.60 34.15
C GLY B 308 12.82 55.07 33.26
N CYS B 309 12.47 54.20 32.33
CA CYS B 309 13.40 53.65 31.36
C CYS B 309 12.86 53.88 29.96
N PRO B 310 13.73 53.88 28.94
CA PRO B 310 13.28 54.20 27.57
C PRO B 310 12.21 53.24 27.09
N THR B 311 11.25 53.79 26.33
CA THR B 311 10.11 53.05 25.83
C THR B 311 10.25 52.67 24.35
N ALA B 312 11.46 52.80 23.78
CA ALA B 312 11.63 52.52 22.36
C ALA B 312 11.43 51.05 22.04
N VAL B 313 12.07 50.17 22.80
CA VAL B 313 12.01 48.73 22.57
C VAL B 313 11.79 48.04 23.91
N THR B 314 10.97 46.99 23.91
CA THR B 314 10.60 46.29 25.13
C THR B 314 10.54 44.79 24.82
N ALA B 315 11.60 44.08 25.16
CA ALA B 315 11.66 42.63 25.07
C ALA B 315 11.37 42.01 26.43
N ILE B 316 10.87 40.78 26.41
CA ILE B 316 10.48 40.08 27.61
C ILE B 316 11.56 39.07 27.98
N GLY B 317 11.46 38.53 29.18
CA GLY B 317 12.30 37.44 29.62
C GLY B 317 13.27 37.85 30.71
N ARG B 318 13.90 36.84 31.30
CA ARG B 318 14.88 37.03 32.36
C ARG B 318 16.26 37.07 31.71
N VAL B 319 16.92 38.23 31.76
CA VAL B 319 18.25 38.38 31.23
C VAL B 319 19.25 38.20 32.37
N ASN B 320 19.97 37.08 32.34
CA ASN B 320 21.10 36.79 33.23
C ASN B 320 20.63 36.65 34.68
N ALA B 321 19.32 36.70 34.95
CA ALA B 321 18.83 36.60 36.30
C ALA B 321 18.91 35.17 36.82
N SER B 322 19.07 35.05 38.13
CA SER B 322 19.15 33.75 38.78
C SER B 322 17.74 33.20 39.04
N LYS B 323 17.67 32.02 39.62
CA LYS B 323 16.39 31.40 39.92
C LYS B 323 15.63 32.23 40.95
N GLY B 324 14.30 32.23 40.84
CA GLY B 324 13.48 33.00 41.74
C GLY B 324 13.43 32.41 43.14
N PHE B 325 13.01 33.25 44.08
CA PHE B 325 12.86 32.83 45.47
C PHE B 325 11.82 33.71 46.13
N GLY B 326 11.31 33.24 47.27
CA GLY B 326 10.31 33.98 48.02
C GLY B 326 8.89 33.66 47.61
N HIS B 327 8.05 34.68 47.51
CA HIS B 327 6.64 34.52 47.21
C HIS B 327 6.35 34.99 45.79
N ILE B 328 5.28 34.44 45.21
CA ILE B 328 4.81 34.82 43.89
C ILE B 328 3.43 35.45 44.04
N TRP B 329 3.26 36.65 43.51
CA TRP B 329 2.07 37.45 43.77
C TRP B 329 1.00 37.32 42.70
N LEU B 330 1.37 37.36 41.42
CA LEU B 330 0.40 37.42 40.34
C LEU B 330 0.75 36.45 39.23
N ASP B 331 -0.25 36.16 38.40
CA ASP B 331 -0.09 35.24 37.28
C ASP B 331 -1.00 35.68 36.14
N SER B 332 -0.54 35.44 34.91
CA SER B 332 -1.33 35.70 33.70
C SER B 332 -1.74 37.17 33.58
N VAL B 333 -0.81 38.07 33.94
CA VAL B 333 -1.09 39.50 33.82
C VAL B 333 -1.29 39.84 32.35
N SER B 334 -2.42 40.48 32.05
CA SER B 334 -2.80 40.81 30.68
C SER B 334 -3.07 42.30 30.60
N CYS B 335 -2.23 43.01 29.84
CA CYS B 335 -2.35 44.45 29.67
C CYS B 335 -2.68 44.77 28.21
N GLN B 336 -3.66 45.64 28.01
CA GLN B 336 -3.97 46.11 26.66
C GLN B 336 -3.10 47.29 26.23
N GLY B 337 -2.26 47.80 27.11
CA GLY B 337 -1.45 48.96 26.80
C GLY B 337 -2.14 50.31 26.89
N HIS B 338 -3.37 50.35 27.38
CA HIS B 338 -4.13 51.59 27.39
C HIS B 338 -4.01 52.36 28.70
N GLU B 339 -3.39 51.78 29.72
CA GLU B 339 -3.22 52.40 31.02
C GLU B 339 -1.77 52.24 31.45
N PRO B 340 -1.28 53.12 32.34
CA PRO B 340 0.17 53.20 32.56
C PRO B 340 0.77 52.28 33.63
N ALA B 341 -0.03 51.70 34.53
CA ALA B 341 0.51 50.94 35.64
C ALA B 341 0.23 49.45 35.50
N ILE B 342 1.22 48.64 35.88
CA ILE B 342 1.13 47.18 35.69
C ILE B 342 0.00 46.56 36.50
N TRP B 343 -0.14 46.94 37.76
CA TRP B 343 -1.14 46.27 38.60
C TRP B 343 -2.59 46.63 38.25
N GLN B 344 -2.82 47.70 37.50
CA GLN B 344 -4.17 47.94 37.00
C GLN B 344 -4.60 46.98 35.90
N CYS B 345 -3.68 46.15 35.39
CA CYS B 345 -4.05 45.20 34.34
C CYS B 345 -4.93 44.11 34.90
N LYS B 346 -5.28 43.14 34.05
CA LYS B 346 -6.19 42.07 34.42
C LYS B 346 -5.44 40.91 35.05
N HIS B 347 -5.99 40.37 36.12
CA HIS B 347 -5.48 39.15 36.75
C HIS B 347 -6.62 38.51 37.53
N HIS B 348 -6.47 37.22 37.79
CA HIS B 348 -7.58 36.46 38.36
C HIS B 348 -7.64 36.63 39.88
N GLU B 349 -6.51 36.45 40.57
CA GLU B 349 -6.46 36.54 42.03
C GLU B 349 -5.00 36.61 42.44
N TRP B 350 -4.77 37.11 43.66
CA TRP B 350 -3.43 37.26 44.20
C TRP B 350 -3.00 35.97 44.87
N GLY B 351 -1.86 35.42 44.44
CA GLY B 351 -1.23 34.30 45.10
C GLY B 351 -1.89 32.95 44.87
N LYS B 352 -3.15 32.92 44.43
CA LYS B 352 -3.88 31.67 44.27
C LYS B 352 -3.61 31.10 42.87
N HIS B 353 -2.34 30.71 42.66
CA HIS B 353 -1.91 30.16 41.40
C HIS B 353 -0.87 29.07 41.65
N TYR B 354 -0.65 28.25 40.63
CA TYR B 354 0.20 27.07 40.74
C TYR B 354 1.56 27.27 40.08
N CYS B 355 1.99 28.51 39.91
CA CYS B 355 3.28 28.78 39.28
C CYS B 355 4.42 28.36 40.22
N ASN B 356 5.65 28.44 39.68
CA ASN B 356 6.84 28.09 40.43
C ASN B 356 7.92 29.11 40.16
N HIS B 357 8.99 29.06 40.96
CA HIS B 357 10.05 30.06 40.90
C HIS B 357 10.97 29.89 39.69
N ASN B 358 10.83 28.81 38.93
CA ASN B 358 11.62 28.67 37.70
C ASN B 358 10.98 29.37 36.51
N GLU B 359 9.83 30.01 36.68
CA GLU B 359 9.06 30.60 35.59
C GLU B 359 8.58 31.99 35.96
N ASP B 360 9.48 32.80 36.50
CA ASP B 360 9.17 34.20 36.79
C ASP B 360 9.44 35.08 35.59
N ALA B 361 8.70 36.17 35.49
CA ALA B 361 8.71 37.01 34.30
C ALA B 361 9.86 38.00 34.34
N GLY B 362 9.88 38.92 33.37
CA GLY B 362 10.90 39.94 33.30
C GLY B 362 10.61 40.87 32.14
N VAL B 363 11.50 41.86 31.97
CA VAL B 363 11.42 42.84 30.89
C VAL B 363 12.84 43.28 30.55
N THR B 364 12.99 43.96 29.40
CA THR B 364 14.28 44.46 28.95
C THR B 364 14.04 45.77 28.19
N CYS B 365 13.94 46.86 28.94
CA CYS B 365 13.75 48.17 28.35
C CYS B 365 14.98 48.59 27.57
N SER B 366 14.77 49.37 26.51
CA SER B 366 15.86 49.80 25.65
C SER B 366 15.49 51.11 24.98
N ASP B 367 16.50 51.83 24.50
CA ASP B 367 16.30 53.12 23.88
C ASP B 367 16.38 53.07 22.36
N GLY B 368 16.67 51.92 21.78
CA GLY B 368 16.69 51.85 20.33
C GLY B 368 18.05 51.71 19.67
N SER B 369 19.03 52.50 20.12
CA SER B 369 20.35 52.48 19.49
C SER B 369 21.35 51.65 20.29
N ASP B 370 20.98 50.40 20.53
CA ASP B 370 21.84 49.45 21.21
C ASP B 370 21.74 48.04 20.65
N LEU B 371 20.62 47.70 20.02
CA LEU B 371 20.41 46.35 19.44
C LEU B 371 21.21 46.22 18.13
N GLU B 372 22.29 45.42 18.12
CA GLU B 372 23.05 45.21 16.90
C GLU B 372 23.19 43.70 16.74
N LEU B 373 23.05 43.21 15.51
CA LEU B 373 23.18 41.80 15.20
C LEU B 373 24.32 41.55 14.22
N ARG B 374 25.11 40.53 14.51
CA ARG B 374 26.31 40.16 13.76
C ARG B 374 26.42 38.65 13.72
N LEU B 375 26.78 38.13 12.54
CA LEU B 375 27.01 36.71 12.33
C LEU B 375 28.50 36.42 12.40
N ARG B 376 28.85 35.30 13.05
CA ARG B 376 30.25 34.94 13.22
C ARG B 376 30.42 33.45 12.95
N GLY B 377 31.66 33.07 12.66
CA GLY B 377 31.99 31.67 12.44
C GLY B 377 31.72 31.19 11.03
N GLY B 378 32.37 31.80 10.04
CA GLY B 378 32.13 31.40 8.67
C GLY B 378 32.95 32.22 7.71
N GLY B 379 32.63 32.07 6.43
CA GLY B 379 33.42 32.70 5.38
C GLY B 379 33.43 34.22 5.47
N SER B 380 32.30 34.81 5.83
CA SER B 380 32.22 36.27 5.91
C SER B 380 31.04 36.64 6.82
N ARG B 381 30.75 37.94 6.89
CA ARG B 381 29.70 38.44 7.76
C ARG B 381 28.32 37.90 7.42
N CYS B 382 28.13 37.39 6.20
CA CYS B 382 26.83 36.92 5.76
C CYS B 382 26.67 35.41 5.86
N ALA B 383 27.57 34.72 6.57
CA ALA B 383 27.45 33.29 6.77
C ALA B 383 27.97 32.94 8.16
N GLY B 384 27.31 31.98 8.81
CA GLY B 384 27.72 31.50 10.10
C GLY B 384 26.62 31.67 11.14
N THR B 385 26.98 31.38 12.38
CA THR B 385 26.04 31.43 13.49
C THR B 385 25.65 32.88 13.81
N VAL B 386 24.44 33.03 14.33
CA VAL B 386 23.91 34.34 14.69
C VAL B 386 24.27 34.65 16.13
N GLU B 387 24.85 35.84 16.35
CA GLU B 387 25.46 36.21 17.62
C GLU B 387 24.90 37.56 18.06
N VAL B 388 24.06 37.55 19.09
CA VAL B 388 23.43 38.76 19.59
C VAL B 388 24.39 39.41 20.59
N GLU B 389 24.36 40.74 20.69
CA GLU B 389 25.14 41.46 21.70
C GLU B 389 24.30 42.66 22.14
N ILE B 390 23.65 42.56 23.28
CA ILE B 390 22.77 43.61 23.75
C ILE B 390 23.05 43.90 25.23
N GLN B 391 23.28 45.17 25.54
CA GLN B 391 23.70 45.62 26.87
C GLN B 391 24.91 44.83 27.34
N ARG B 392 25.93 44.80 26.49
CA ARG B 392 27.24 44.24 26.82
C ARG B 392 27.18 42.75 27.11
N LEU B 393 26.00 42.16 27.05
CA LEU B 393 25.81 40.73 27.23
C LEU B 393 25.56 40.11 25.86
N LEU B 394 26.37 39.13 25.50
CA LEU B 394 26.34 38.56 24.15
C LEU B 394 25.92 37.09 24.22
N GLY B 395 24.90 36.74 23.44
CA GLY B 395 24.38 35.38 23.43
C GLY B 395 24.08 34.89 22.03
N LYS B 396 23.19 33.90 21.92
CA LYS B 396 22.92 33.25 20.65
C LYS B 396 21.42 33.08 20.47
N VAL B 397 20.98 32.91 19.22
CA VAL B 397 19.59 32.63 18.92
C VAL B 397 19.38 31.13 18.90
N CYS B 398 18.18 30.69 19.29
CA CYS B 398 17.83 29.28 19.36
C CYS B 398 16.86 28.92 18.24
N ASP B 399 16.86 27.64 17.88
CA ASP B 399 16.06 27.13 16.77
C ASP B 399 14.62 26.84 17.16
N ARG B 400 14.14 27.41 18.26
CA ARG B 400 12.74 27.33 18.64
C ARG B 400 11.93 28.22 17.70
N GLY B 401 11.69 27.71 16.50
CA GLY B 401 10.97 28.46 15.49
C GLY B 401 11.85 29.21 14.54
N TRP B 402 12.80 28.51 13.91
CA TRP B 402 13.76 29.13 13.00
C TRP B 402 13.66 28.48 11.63
N GLY B 403 13.59 29.30 10.60
CA GLY B 403 13.49 28.82 9.24
C GLY B 403 13.74 29.95 8.27
N LEU B 404 13.58 29.64 6.98
CA LEU B 404 13.86 30.63 5.94
C LEU B 404 13.02 31.89 6.14
N LYS B 405 11.79 31.75 6.61
CA LYS B 405 10.92 32.91 6.80
C LYS B 405 11.56 33.91 7.76
N GLU B 406 12.04 33.43 8.91
CA GLU B 406 12.76 34.30 9.84
C GLU B 406 14.18 34.55 9.40
N ALA B 407 14.76 33.61 8.67
CA ALA B 407 16.15 33.75 8.21
C ALA B 407 16.32 34.97 7.32
N ASP B 408 15.38 35.20 6.40
CA ASP B 408 15.51 36.30 5.45
C ASP B 408 15.70 37.63 6.16
N VAL B 409 15.06 37.80 7.33
CA VAL B 409 15.16 39.07 8.05
C VAL B 409 16.58 39.35 8.48
N VAL B 410 17.28 38.34 9.01
CA VAL B 410 18.65 38.53 9.48
C VAL B 410 19.56 38.91 8.32
N CYS B 411 19.44 38.21 7.19
CA CYS B 411 20.23 38.54 6.02
C CYS B 411 19.85 39.91 5.47
N ARG B 412 18.56 40.22 5.43
CA ARG B 412 18.13 41.55 5.01
C ARG B 412 18.68 42.63 5.92
N GLN B 413 18.66 42.39 7.23
CA GLN B 413 19.13 43.41 8.18
C GLN B 413 20.62 43.68 8.00
N LEU B 414 21.40 42.65 7.70
CA LEU B 414 22.84 42.77 7.57
C LEU B 414 23.28 43.33 6.22
N GLY B 415 22.37 43.56 5.29
CA GLY B 415 22.75 43.94 3.94
C GLY B 415 22.97 42.79 3.00
N CYS B 416 22.86 41.55 3.48
CA CYS B 416 22.94 40.37 2.64
C CYS B 416 21.58 40.09 2.00
N GLY B 417 21.57 39.20 1.01
CA GLY B 417 20.36 38.97 0.23
C GLY B 417 19.43 37.95 0.82
N SER B 418 18.90 37.05 -0.02
CA SER B 418 18.00 36.01 0.45
C SER B 418 18.78 34.89 1.12
N ALA B 419 18.19 34.31 2.16
CA ALA B 419 18.85 33.26 2.94
C ALA B 419 18.66 31.93 2.23
N LEU B 420 19.77 31.32 1.81
CA LEU B 420 19.69 30.09 1.03
C LEU B 420 19.55 28.86 1.92
N LYS B 421 20.30 28.78 3.02
CA LYS B 421 20.24 27.61 3.89
C LYS B 421 20.76 27.99 5.26
N THR B 422 20.70 27.02 6.18
CA THR B 422 21.20 27.16 7.54
C THR B 422 22.37 26.20 7.70
N SER B 423 23.57 26.69 7.45
CA SER B 423 24.78 25.87 7.48
C SER B 423 26.00 26.79 7.43
N TYR B 424 27.17 26.22 7.22
CA TYR B 424 28.43 26.94 7.18
C TYR B 424 29.43 26.12 6.40
N GLN B 425 30.50 26.77 5.95
CA GLN B 425 31.58 26.07 5.25
C GLN B 425 32.94 26.20 5.91
N VAL B 426 33.41 27.41 6.16
CA VAL B 426 34.86 27.66 6.19
C VAL B 426 35.45 27.62 7.60
N TYR B 427 35.11 28.60 8.43
CA TYR B 427 35.81 28.81 9.69
C TYR B 427 35.06 28.16 10.85
N SER B 428 35.75 28.06 11.98
CA SER B 428 35.27 27.27 13.11
C SER B 428 35.67 27.99 14.40
N LYS B 429 35.59 27.26 15.51
CA LYS B 429 36.03 27.69 16.84
C LYS B 429 35.40 29.03 17.24
N ILE B 430 34.09 29.00 17.38
CA ILE B 430 33.36 30.11 17.98
C ILE B 430 33.27 29.88 19.48
N GLN B 431 33.04 30.97 20.20
CA GLN B 431 32.79 30.96 21.64
C GLN B 431 31.36 30.53 21.95
N ALA B 432 31.10 30.24 23.23
CA ALA B 432 29.79 29.81 23.70
C ALA B 432 29.37 30.54 24.97
N THR B 433 28.09 30.89 25.07
CA THR B 433 27.52 31.56 26.23
C THR B 433 26.16 30.95 26.57
N ASN B 434 25.80 31.03 27.85
CA ASN B 434 24.55 30.48 28.36
C ASN B 434 23.45 31.53 28.44
N THR B 435 23.18 32.21 27.33
CA THR B 435 22.03 33.11 27.24
C THR B 435 21.53 33.08 25.80
N TRP B 436 20.21 33.16 25.64
CA TRP B 436 19.60 32.85 24.35
C TRP B 436 18.53 33.87 23.98
N LEU B 437 18.31 33.98 22.67
CA LEU B 437 17.26 34.80 22.08
C LEU B 437 16.23 33.90 21.43
N PHE B 438 14.96 34.05 21.82
CA PHE B 438 13.89 33.21 21.33
C PHE B 438 12.90 34.04 20.53
N LEU B 439 12.61 33.61 19.31
CA LEU B 439 11.58 34.19 18.48
C LEU B 439 10.37 33.28 18.48
N SER B 440 9.18 33.88 18.38
CA SER B 440 7.96 33.06 18.29
C SER B 440 7.64 32.78 16.83
N SER B 441 7.27 33.81 16.08
CA SER B 441 7.14 33.72 14.63
C SER B 441 6.85 35.10 14.06
N CYS B 442 7.51 35.44 12.96
CA CYS B 442 7.44 36.79 12.41
C CYS B 442 7.37 36.67 10.90
N ASN B 443 6.37 37.33 10.30
CA ASN B 443 5.88 36.95 8.98
C ASN B 443 6.97 36.99 7.91
N GLY B 444 7.96 37.88 8.03
CA GLY B 444 9.04 37.82 7.07
C GLY B 444 9.37 39.11 6.34
N ASN B 445 8.52 40.12 6.43
CA ASN B 445 8.71 41.36 5.71
C ASN B 445 9.34 42.47 6.56
N GLU B 446 9.79 42.14 7.77
CA GLU B 446 10.33 43.18 8.65
C GLU B 446 11.70 43.64 8.18
N THR B 447 12.01 44.90 8.48
CA THR B 447 13.27 45.49 8.06
C THR B 447 14.41 45.10 9.00
N SER B 448 14.09 44.68 10.21
CA SER B 448 15.10 44.24 11.18
C SER B 448 14.48 43.17 12.07
N LEU B 449 15.35 42.31 12.61
CA LEU B 449 14.87 41.24 13.49
C LEU B 449 14.13 41.79 14.69
N TRP B 450 14.60 42.93 15.22
CA TRP B 450 14.02 43.48 16.45
C TRP B 450 12.54 43.77 16.30
N ASP B 451 12.08 44.02 15.08
CA ASP B 451 10.67 44.33 14.83
C ASP B 451 9.79 43.08 14.92
N CYS B 452 10.36 41.89 14.89
CA CYS B 452 9.55 40.67 14.93
C CYS B 452 8.98 40.46 16.32
N LYS B 453 7.69 40.11 16.37
CA LYS B 453 6.91 40.28 17.58
C LYS B 453 7.39 39.32 18.67
N ASN B 454 7.35 39.77 19.92
CA ASN B 454 7.50 38.92 21.09
C ASN B 454 8.78 38.10 21.02
N TRP B 455 9.91 38.80 20.96
CA TRP B 455 11.22 38.17 21.03
C TRP B 455 11.75 38.21 22.46
N GLN B 456 11.76 37.04 23.11
CA GLN B 456 12.22 36.91 24.47
C GLN B 456 13.74 36.86 24.54
N TRP B 457 14.31 37.53 25.54
CA TRP B 457 15.75 37.62 25.73
C TRP B 457 16.09 36.97 27.06
N GLY B 458 16.60 35.75 27.00
CA GLY B 458 17.04 35.06 28.19
C GLY B 458 15.90 34.41 28.96
N GLY B 459 16.28 33.62 29.95
CA GLY B 459 15.31 32.95 30.80
C GLY B 459 15.31 31.45 30.68
N LEU B 460 15.42 30.95 29.45
CA LEU B 460 15.45 29.52 29.20
C LEU B 460 16.76 29.13 28.54
N THR B 461 17.29 27.97 28.95
CA THR B 461 18.41 27.34 28.27
C THR B 461 17.82 26.23 27.40
N CYS B 462 17.69 26.50 26.11
CA CYS B 462 16.98 25.58 25.23
C CYS B 462 17.81 24.32 25.01
N ASP B 463 17.24 23.17 25.39
CA ASP B 463 17.90 21.88 25.29
C ASP B 463 17.21 21.05 24.20
N HIS B 464 18.03 20.31 23.45
CA HIS B 464 17.67 19.55 22.25
C HIS B 464 17.33 20.47 21.08
N TYR B 465 17.46 21.78 21.23
CA TYR B 465 17.46 22.73 20.12
C TYR B 465 18.87 23.27 19.96
N GLU B 466 19.37 23.29 18.73
CA GLU B 466 20.71 23.76 18.46
C GLU B 466 20.70 25.24 18.15
N GLU B 467 21.88 25.81 17.93
CA GLU B 467 21.98 27.22 17.66
C GLU B 467 21.60 27.53 16.21
N ALA B 468 21.17 28.77 15.98
CA ALA B 468 20.73 29.18 14.66
C ALA B 468 21.91 29.59 13.79
N LYS B 469 21.87 29.15 12.53
CA LYS B 469 22.96 29.35 11.58
C LYS B 469 22.40 29.81 10.25
N ILE B 470 23.21 30.54 9.49
CA ILE B 470 22.74 31.23 8.30
C ILE B 470 23.84 31.20 7.25
N THR B 471 23.44 31.12 5.98
CA THR B 471 24.31 31.42 4.86
C THR B 471 23.50 32.19 3.83
N CYS B 472 23.74 33.50 3.74
CA CYS B 472 23.02 34.35 2.81
C CYS B 472 23.67 34.32 1.44
N SER B 473 22.93 34.80 0.44
CA SER B 473 23.41 34.81 -0.94
C SER B 473 24.68 35.61 -1.08
N ALA B 474 24.83 36.70 -0.33
CA ALA B 474 26.01 37.54 -0.43
C ALA B 474 27.27 36.90 0.11
N HIS B 475 27.19 35.63 0.55
CA HIS B 475 28.37 34.96 1.06
C HIS B 475 29.43 34.83 -0.02
N ARG B 476 29.03 34.45 -1.23
CA ARG B 476 29.93 34.29 -2.37
C ARG B 476 29.12 34.64 -3.62
N GLU B 477 29.42 35.78 -4.24
CA GLU B 477 28.61 36.25 -5.35
C GLU B 477 29.46 36.40 -6.60
N PRO B 478 29.05 35.79 -7.73
CA PRO B 478 29.86 35.85 -8.94
C PRO B 478 29.51 37.02 -9.82
N ARG B 479 30.52 37.50 -10.55
CA ARG B 479 30.34 38.63 -11.45
C ARG B 479 31.22 38.43 -12.68
N LEU B 480 30.79 39.01 -13.80
CA LEU B 480 31.53 38.94 -15.05
C LEU B 480 31.62 40.35 -15.61
N VAL B 481 32.83 40.74 -16.05
CA VAL B 481 33.04 42.13 -16.46
C VAL B 481 33.66 42.24 -17.86
N GLY B 482 34.83 41.63 -18.06
CA GLY B 482 35.65 41.93 -19.21
C GLY B 482 35.30 41.16 -20.47
N GLY B 483 34.17 41.50 -21.09
CA GLY B 483 33.75 40.85 -22.32
C GLY B 483 32.78 41.74 -23.06
N ASP B 484 32.82 41.66 -24.40
CA ASP B 484 31.93 42.46 -25.22
C ASP B 484 30.62 41.75 -25.56
N ILE B 485 30.50 40.46 -25.26
CA ILE B 485 29.25 39.74 -25.47
C ILE B 485 28.60 39.59 -24.10
N PRO B 486 27.29 39.82 -23.98
CA PRO B 486 26.65 39.97 -22.67
C PRO B 486 27.04 39.00 -21.56
N CYS B 487 27.05 37.70 -21.82
CA CYS B 487 27.24 36.77 -20.72
C CYS B 487 28.61 36.09 -20.76
N SER B 488 29.69 36.86 -20.62
CA SER B 488 31.02 36.28 -20.73
C SER B 488 32.03 37.16 -20.01
N GLY B 489 33.16 36.55 -19.66
CA GLY B 489 34.30 37.25 -19.11
C GLY B 489 34.90 36.56 -17.90
N ARG B 490 35.90 37.18 -17.28
CA ARG B 490 36.51 36.59 -16.10
C ARG B 490 35.49 36.56 -14.95
N VAL B 491 35.76 35.68 -14.00
CA VAL B 491 34.86 35.46 -12.86
C VAL B 491 35.50 36.06 -11.62
N GLU B 492 34.76 36.96 -10.97
CA GLU B 492 35.12 37.53 -9.68
C GLU B 492 34.04 37.18 -8.68
N VAL B 493 34.44 36.90 -7.45
CA VAL B 493 33.51 36.53 -6.39
C VAL B 493 33.64 37.52 -5.25
N LYS B 494 32.50 37.89 -4.66
CA LYS B 494 32.44 38.87 -3.58
C LYS B 494 32.30 38.14 -2.25
N HIS B 495 33.20 38.46 -1.31
CA HIS B 495 33.13 37.91 0.04
C HIS B 495 32.50 38.93 0.98
N GLY B 496 31.19 39.10 0.81
CA GLY B 496 30.44 40.05 1.61
C GLY B 496 30.68 41.50 1.25
N ASP B 497 31.94 41.94 1.34
CA ASP B 497 32.28 43.32 0.99
C ASP B 497 33.60 43.44 0.24
N THR B 498 34.27 42.35 -0.12
CA THR B 498 35.56 42.41 -0.79
C THR B 498 35.54 41.48 -2.00
N TRP B 499 36.52 41.66 -2.88
CA TRP B 499 36.52 41.04 -4.19
C TRP B 499 37.86 40.37 -4.44
N GLY B 500 37.97 39.72 -5.60
CA GLY B 500 39.18 39.02 -5.97
C GLY B 500 38.95 38.23 -7.23
N SER B 501 40.04 37.64 -7.73
CA SER B 501 39.99 36.86 -8.96
C SER B 501 39.96 35.37 -8.65
N ILE B 502 39.46 34.61 -9.63
CA ILE B 502 39.29 33.17 -9.52
C ILE B 502 40.26 32.49 -10.49
N CYS B 503 41.01 31.52 -9.99
CA CYS B 503 41.92 30.76 -10.84
C CYS B 503 41.13 29.76 -11.69
N ASP B 504 41.78 29.26 -12.74
CA ASP B 504 41.18 28.24 -13.59
C ASP B 504 41.45 26.82 -13.11
N SER B 505 42.28 26.65 -12.08
CA SER B 505 42.64 25.31 -11.61
C SER B 505 41.53 24.66 -10.80
N ASP B 506 40.79 25.45 -10.03
CA ASP B 506 39.83 24.95 -9.05
C ASP B 506 38.38 25.25 -9.43
N PHE B 507 38.10 25.41 -10.72
CA PHE B 507 36.76 25.70 -11.20
C PHE B 507 36.32 24.61 -12.16
N SER B 508 35.12 24.07 -11.95
CA SER B 508 34.63 22.92 -12.67
C SER B 508 33.27 23.21 -13.30
N LEU B 509 32.93 22.39 -14.30
CA LEU B 509 31.70 22.61 -15.07
C LEU B 509 30.46 22.63 -14.19
N GLU B 510 30.44 21.83 -13.12
CA GLU B 510 29.28 21.82 -12.23
C GLU B 510 29.08 23.19 -11.59
N ALA B 511 30.17 23.83 -11.16
CA ALA B 511 30.09 25.18 -10.62
C ALA B 511 29.65 26.17 -11.71
N ALA B 512 30.20 26.02 -12.91
CA ALA B 512 29.84 26.93 -14.00
C ALA B 512 28.35 26.88 -14.32
N SER B 513 27.77 25.68 -14.37
CA SER B 513 26.34 25.58 -14.65
C SER B 513 25.52 26.37 -13.65
N VAL B 514 25.95 26.39 -12.38
CA VAL B 514 25.28 27.20 -11.38
C VAL B 514 25.57 28.68 -11.63
N LEU B 515 26.81 28.99 -12.00
CA LEU B 515 27.19 30.39 -12.21
C LEU B 515 26.29 31.03 -13.26
N CYS B 516 26.10 30.35 -14.38
CA CYS B 516 25.17 30.82 -15.40
C CYS B 516 23.71 30.65 -14.98
N ARG B 517 23.40 29.75 -14.06
CA ARG B 517 22.02 29.56 -13.65
C ARG B 517 21.53 30.74 -12.81
N GLU B 518 22.30 31.14 -11.80
CA GLU B 518 21.91 32.26 -10.95
C GLU B 518 21.99 33.59 -11.69
N LEU B 519 23.00 33.74 -12.55
CA LEU B 519 23.08 34.93 -13.41
C LEU B 519 21.89 35.04 -14.35
N GLN B 520 21.14 33.94 -14.54
CA GLN B 520 20.04 33.90 -15.50
C GLN B 520 20.53 34.16 -16.92
N CYS B 521 21.69 33.57 -17.25
CA CYS B 521 22.20 33.58 -18.60
C CYS B 521 22.03 32.23 -19.28
N GLY B 522 21.14 31.39 -18.77
CA GLY B 522 20.87 30.10 -19.41
C GLY B 522 21.74 29.01 -18.82
N THR B 523 22.35 28.22 -19.70
CA THR B 523 23.25 27.14 -19.32
C THR B 523 24.60 27.33 -19.99
N VAL B 524 25.59 26.58 -19.53
CA VAL B 524 26.94 26.74 -20.04
C VAL B 524 27.01 26.23 -21.48
N VAL B 525 27.58 27.04 -22.36
CA VAL B 525 27.91 26.60 -23.72
C VAL B 525 29.40 26.53 -23.96
N SER B 526 30.22 27.05 -23.05
CA SER B 526 31.67 26.90 -23.14
C SER B 526 32.29 27.38 -21.85
N ILE B 527 33.32 26.66 -21.40
CA ILE B 527 34.12 27.03 -20.25
C ILE B 527 35.56 27.23 -20.71
N LEU B 528 36.15 28.36 -20.34
CA LEU B 528 37.43 28.78 -20.88
C LEU B 528 38.42 29.03 -19.74
N GLY B 529 39.69 28.78 -20.02
CA GLY B 529 40.75 28.99 -19.07
C GLY B 529 41.70 30.10 -19.49
N GLY B 530 42.67 30.36 -18.61
CA GLY B 530 43.68 31.37 -18.86
C GLY B 530 43.11 32.78 -18.86
N ALA B 531 43.99 33.74 -19.07
CA ALA B 531 43.57 35.13 -19.18
C ALA B 531 43.08 35.44 -20.58
N HIS B 532 42.16 34.62 -21.10
CA HIS B 532 41.60 34.85 -22.42
C HIS B 532 40.79 36.15 -22.46
N PHE B 533 40.02 36.41 -21.42
CA PHE B 533 39.19 37.60 -21.33
C PHE B 533 39.93 38.79 -20.72
N GLY B 534 41.20 38.61 -20.35
CA GLY B 534 41.97 39.68 -19.75
C GLY B 534 42.51 39.35 -18.36
N GLU B 535 43.74 39.76 -18.10
CA GLU B 535 44.36 39.50 -16.81
C GLU B 535 43.78 40.43 -15.75
N GLY B 536 43.60 39.89 -14.54
CA GLY B 536 43.05 40.67 -13.46
C GLY B 536 44.06 41.62 -12.84
N ASN B 537 43.54 42.59 -12.09
CA ASN B 537 44.35 43.60 -11.42
C ASN B 537 43.95 43.73 -9.96
N GLY B 538 43.86 42.60 -9.26
CA GLY B 538 43.47 42.63 -7.88
C GLY B 538 43.96 41.41 -7.13
N GLN B 539 43.39 41.21 -5.94
CA GLN B 539 43.73 40.06 -5.11
C GLN B 539 43.18 38.79 -5.74
N ILE B 540 43.78 37.66 -5.37
CA ILE B 540 43.47 36.37 -5.96
C ILE B 540 42.77 35.49 -4.92
N TRP B 541 41.60 34.96 -5.29
CA TRP B 541 40.91 33.99 -4.47
C TRP B 541 41.42 32.58 -4.78
N ALA B 542 41.39 31.72 -3.77
CA ALA B 542 41.76 30.31 -3.92
C ALA B 542 40.74 29.48 -3.16
N GLU B 543 39.88 28.78 -3.90
CA GLU B 543 38.76 28.08 -3.27
C GLU B 543 38.31 26.94 -4.16
N GLU B 544 38.27 25.73 -3.61
CA GLU B 544 37.89 24.54 -4.35
C GLU B 544 36.37 24.50 -4.51
N PHE B 545 35.89 24.58 -5.74
CA PHE B 545 34.47 24.50 -6.03
C PHE B 545 34.06 23.04 -6.19
N GLN B 546 33.06 22.62 -5.42
CA GLN B 546 32.63 21.23 -5.35
C GLN B 546 31.12 21.14 -5.45
N CYS B 547 30.56 21.75 -6.49
CA CYS B 547 29.12 21.73 -6.71
C CYS B 547 28.69 20.37 -7.23
N GLU B 548 27.52 19.90 -6.78
CA GLU B 548 26.99 18.65 -7.31
C GLU B 548 26.42 18.83 -8.72
N GLY B 549 26.05 20.04 -9.10
CA GLY B 549 25.61 20.32 -10.45
C GLY B 549 24.28 21.02 -10.56
N HIS B 550 23.33 20.70 -9.67
CA HIS B 550 22.00 21.26 -9.71
C HIS B 550 21.77 22.34 -8.65
N GLU B 551 22.84 22.84 -8.02
CA GLU B 551 22.70 23.85 -6.99
C GLU B 551 22.19 25.16 -7.57
N SER B 552 21.52 25.95 -6.73
CA SER B 552 20.98 27.23 -7.17
C SER B 552 22.00 28.35 -7.09
N HIS B 553 22.96 28.27 -6.18
CA HIS B 553 23.96 29.32 -6.01
C HIS B 553 25.29 28.69 -5.67
N LEU B 554 26.36 29.46 -5.90
CA LEU B 554 27.70 28.99 -5.53
C LEU B 554 27.82 28.82 -4.02
N SER B 555 27.24 29.75 -3.26
CA SER B 555 27.32 29.66 -1.80
C SER B 555 26.67 28.39 -1.27
N LEU B 556 25.62 27.91 -1.94
CA LEU B 556 24.94 26.70 -1.49
C LEU B 556 25.86 25.48 -1.59
N CYS B 557 26.68 25.42 -2.64
CA CYS B 557 27.58 24.28 -2.81
C CYS B 557 28.55 24.21 -1.62
N PRO B 558 28.94 23.01 -1.22
CA PRO B 558 30.00 22.87 -0.21
C PRO B 558 31.27 23.58 -0.66
N VAL B 559 32.19 23.72 0.29
CA VAL B 559 33.43 24.47 0.07
C VAL B 559 34.51 23.86 0.95
N ALA B 560 35.72 23.69 0.38
CA ALA B 560 36.93 23.25 1.04
C ALA B 560 37.66 24.45 1.63
N PRO B 561 38.39 24.26 2.73
CA PRO B 561 39.15 25.38 3.30
C PRO B 561 40.19 25.90 2.32
N ARG B 562 40.58 27.15 2.52
CA ARG B 562 41.53 27.79 1.62
C ARG B 562 42.88 27.09 1.69
N PRO B 563 43.56 26.90 0.57
CA PRO B 563 44.93 26.37 0.61
C PRO B 563 45.93 27.48 0.86
N GLU B 564 47.17 27.07 1.13
CA GLU B 564 48.23 28.03 1.40
C GLU B 564 48.80 28.64 0.12
N GLY B 565 48.59 28.01 -1.04
CA GLY B 565 49.13 28.51 -2.28
C GLY B 565 48.22 29.50 -2.98
N THR B 566 48.77 30.15 -4.00
CA THR B 566 48.04 31.12 -4.82
C THR B 566 48.47 30.96 -6.26
N CYS B 567 47.56 31.28 -7.18
CA CYS B 567 47.85 31.14 -8.61
C CYS B 567 48.47 32.44 -9.11
N SER B 568 49.15 32.33 -10.25
CA SER B 568 49.62 33.51 -10.96
C SER B 568 48.45 34.19 -11.68
N HIS B 569 48.59 35.51 -11.89
CA HIS B 569 47.50 36.27 -12.48
C HIS B 569 47.19 35.87 -13.92
N SER B 570 48.07 35.10 -14.56
CA SER B 570 47.80 34.61 -15.90
C SER B 570 46.94 33.35 -15.90
N ARG B 571 46.33 33.02 -14.76
CA ARG B 571 45.57 31.79 -14.59
C ARG B 571 44.10 32.06 -14.29
N ASP B 572 43.58 33.20 -14.73
CA ASP B 572 42.18 33.52 -14.50
C ASP B 572 41.27 32.58 -15.28
N VAL B 573 40.00 32.55 -14.91
CA VAL B 573 39.04 31.67 -15.55
C VAL B 573 38.01 32.49 -16.31
N GLY B 574 37.09 31.82 -16.99
CA GLY B 574 36.03 32.51 -17.70
C GLY B 574 35.02 31.50 -18.22
N VAL B 575 33.86 32.02 -18.61
CA VAL B 575 32.75 31.19 -19.09
C VAL B 575 31.95 31.98 -20.10
N VAL B 576 31.14 31.27 -20.87
CA VAL B 576 30.12 31.84 -21.74
C VAL B 576 28.89 30.95 -21.65
N CYS B 577 27.72 31.55 -21.52
CA CYS B 577 26.49 30.81 -21.35
C CYS B 577 25.63 30.92 -22.60
N SER B 578 24.46 30.30 -22.55
CA SER B 578 23.67 30.07 -23.75
C SER B 578 22.99 31.31 -24.30
N ARG B 579 22.79 32.34 -23.46
CA ARG B 579 21.88 33.43 -23.74
C ARG B 579 22.57 34.66 -24.30
N TYR B 580 23.61 34.48 -25.12
CA TYR B 580 24.45 35.58 -25.55
C TYR B 580 24.04 36.18 -26.89
N THR B 581 22.75 36.17 -27.21
CA THR B 581 22.22 36.85 -28.39
C THR B 581 21.37 38.04 -27.98
N GLU B 582 21.82 39.24 -28.34
CA GLU B 582 21.11 40.48 -28.02
C GLU B 582 20.05 40.75 -29.09
N ILE B 583 18.79 40.62 -28.71
CA ILE B 583 17.68 40.81 -29.65
C ILE B 583 16.82 41.94 -29.09
N ARG B 584 16.49 42.90 -29.94
CA ARG B 584 15.61 44.00 -29.57
C ARG B 584 14.77 44.42 -30.75
N LEU B 585 13.60 44.97 -30.45
CA LEU B 585 12.64 45.40 -31.45
C LEU B 585 12.65 46.92 -31.56
N VAL B 586 12.59 47.42 -32.80
CA VAL B 586 12.68 48.84 -33.07
C VAL B 586 11.62 49.22 -34.10
N ASN B 587 11.31 50.52 -34.15
CA ASN B 587 10.38 51.12 -35.09
C ASN B 587 8.93 50.71 -34.84
N GLY B 588 8.64 50.16 -33.67
CA GLY B 588 7.27 49.88 -33.27
C GLY B 588 6.77 50.87 -32.23
N LYS B 589 5.46 51.11 -32.25
CA LYS B 589 4.85 51.96 -31.24
C LYS B 589 5.09 51.41 -29.83
N THR B 590 4.92 50.11 -29.65
CA THR B 590 5.33 49.38 -28.47
C THR B 590 6.54 48.50 -28.78
N PRO B 591 7.43 48.28 -27.80
CA PRO B 591 8.63 47.46 -28.07
C PRO B 591 8.31 46.00 -28.41
N CYS B 592 7.04 45.61 -28.33
CA CYS B 592 6.63 44.23 -28.56
C CYS B 592 6.15 43.98 -29.97
N GLU B 593 6.31 44.95 -30.88
CA GLU B 593 5.81 44.81 -32.25
C GLU B 593 6.81 45.20 -33.33
N GLY B 594 7.91 45.85 -33.00
CA GLY B 594 8.84 46.32 -34.01
C GLY B 594 9.59 45.21 -34.71
N ARG B 595 10.43 45.61 -35.66
CA ARG B 595 11.23 44.66 -36.42
C ARG B 595 12.33 44.07 -35.54
N VAL B 596 12.77 42.87 -35.91
CA VAL B 596 13.68 42.07 -35.09
C VAL B 596 15.11 42.28 -35.56
N GLU B 597 15.99 42.64 -34.62
CA GLU B 597 17.37 42.98 -34.91
C GLU B 597 18.31 42.10 -34.11
N LEU B 598 19.58 42.07 -34.53
CA LEU B 598 20.56 41.13 -33.98
C LEU B 598 21.95 41.71 -34.21
N LYS B 599 22.94 41.14 -33.53
CA LYS B 599 24.33 41.58 -33.63
C LYS B 599 25.23 40.41 -34.00
N THR B 600 26.23 40.69 -34.84
CA THR B 600 27.38 39.79 -35.00
C THR B 600 28.60 40.64 -35.32
N LEU B 601 29.75 40.23 -34.77
CA LEU B 601 31.05 40.81 -35.12
C LEU B 601 31.08 42.32 -34.93
N GLY B 602 30.54 42.79 -33.81
CA GLY B 602 30.67 44.20 -33.48
C GLY B 602 29.79 45.14 -34.28
N ALA B 603 28.79 44.62 -34.98
CA ALA B 603 27.88 45.47 -35.74
C ALA B 603 26.45 44.96 -35.57
N TRP B 604 25.53 45.89 -35.39
CA TRP B 604 24.11 45.55 -35.32
C TRP B 604 23.62 45.09 -36.68
N GLY B 605 22.35 44.70 -36.75
CA GLY B 605 21.75 44.33 -38.01
C GLY B 605 20.28 43.99 -37.81
N SER B 606 19.64 43.62 -38.92
CA SER B 606 18.24 43.22 -38.94
C SER B 606 18.10 41.79 -39.42
N LEU B 607 17.21 41.04 -38.78
CA LEU B 607 17.04 39.62 -39.07
C LEU B 607 16.28 39.39 -40.36
N CYS B 608 16.73 38.40 -41.14
CA CYS B 608 15.99 37.92 -42.30
C CYS B 608 14.93 36.92 -41.86
N ASN B 609 13.72 37.07 -42.38
CA ASN B 609 12.58 36.22 -42.04
C ASN B 609 12.47 34.97 -42.89
N SER B 610 13.45 34.72 -43.78
CA SER B 610 13.34 33.63 -44.74
C SER B 610 13.04 32.30 -44.06
N HIS B 611 13.64 32.05 -42.90
CA HIS B 611 13.38 30.85 -42.10
C HIS B 611 13.06 31.30 -40.68
N TRP B 612 11.79 31.63 -40.43
CA TRP B 612 11.39 32.18 -39.14
C TRP B 612 9.87 32.00 -39.07
N ASP B 613 9.42 31.19 -38.12
CA ASP B 613 8.03 30.80 -38.00
C ASP B 613 7.38 31.48 -36.79
N ILE B 614 6.17 31.04 -36.46
CA ILE B 614 5.46 31.54 -35.29
C ILE B 614 6.15 31.08 -34.00
N GLU B 615 6.84 29.94 -34.02
CA GLU B 615 7.51 29.44 -32.82
C GLU B 615 8.59 30.42 -32.35
N ASP B 616 9.48 30.82 -33.27
CA ASP B 616 10.48 31.83 -32.93
C ASP B 616 9.84 33.15 -32.52
N ALA B 617 8.61 33.42 -32.96
CA ALA B 617 7.96 34.64 -32.49
C ALA B 617 7.48 34.45 -31.07
N HIS B 618 6.97 33.26 -30.75
CA HIS B 618 6.53 32.99 -29.39
C HIS B 618 7.70 33.16 -28.42
N VAL B 619 8.84 32.58 -28.79
CA VAL B 619 10.01 32.64 -27.91
C VAL B 619 10.48 34.09 -27.77
N LEU B 620 10.53 34.84 -28.86
CA LEU B 620 11.07 36.20 -28.75
C LEU B 620 10.11 37.13 -28.03
N CYS B 621 8.80 36.84 -28.08
CA CYS B 621 7.85 37.58 -27.25
C CYS B 621 7.99 37.22 -25.78
N GLN B 622 8.20 35.94 -25.48
CA GLN B 622 8.38 35.53 -24.09
C GLN B 622 9.68 36.07 -23.50
N GLN B 623 10.70 36.26 -24.32
CA GLN B 623 11.96 36.82 -23.84
C GLN B 623 11.76 38.18 -23.16
N LEU B 624 11.03 39.08 -23.83
CA LEU B 624 10.83 40.44 -23.34
C LEU B 624 9.53 40.62 -22.57
N LYS B 625 8.98 39.55 -22.01
CA LYS B 625 7.76 39.60 -21.21
C LYS B 625 6.57 40.15 -21.99
N CYS B 626 6.60 40.02 -23.32
CA CYS B 626 5.50 40.44 -24.17
C CYS B 626 4.41 39.37 -24.30
N GLY B 627 4.53 38.27 -23.57
CA GLY B 627 3.49 37.24 -23.64
C GLY B 627 3.63 36.36 -24.87
N VAL B 628 2.49 35.83 -25.30
CA VAL B 628 2.47 34.96 -26.48
C VAL B 628 2.49 35.80 -27.74
N ALA B 629 2.96 35.19 -28.83
CA ALA B 629 3.03 35.86 -30.12
C ALA B 629 1.67 35.82 -30.80
N LEU B 630 1.44 36.80 -31.68
CA LEU B 630 0.20 36.91 -32.43
C LEU B 630 0.40 36.74 -33.92
N SER B 631 1.33 37.47 -34.52
CA SER B 631 1.53 37.39 -35.97
C SER B 631 2.93 37.86 -36.32
N THR B 632 3.35 37.52 -37.53
CA THR B 632 4.68 37.83 -38.05
C THR B 632 4.51 38.51 -39.40
N PRO B 633 4.50 39.84 -39.41
CA PRO B 633 4.26 40.55 -40.68
C PRO B 633 5.33 40.26 -41.72
N GLY B 634 4.92 40.29 -42.99
CA GLY B 634 5.82 40.03 -44.09
C GLY B 634 6.20 41.29 -44.84
N GLY B 635 7.26 41.22 -45.65
CA GLY B 635 7.75 42.39 -46.32
C GLY B 635 8.48 43.33 -45.36
N ALA B 636 8.75 44.53 -45.85
CA ALA B 636 9.37 45.56 -45.03
C ALA B 636 8.33 46.28 -44.18
N ARG B 637 7.54 45.51 -43.43
CA ARG B 637 6.38 46.06 -42.75
C ARG B 637 6.74 47.02 -41.62
N PHE B 638 8.01 47.10 -41.24
CA PHE B 638 8.46 48.07 -40.24
C PHE B 638 9.71 48.80 -40.68
N GLY B 639 9.99 48.83 -41.98
CA GLY B 639 11.19 49.47 -42.47
C GLY B 639 12.33 48.49 -42.70
N LYS B 640 13.04 48.65 -43.81
CA LYS B 640 14.15 47.75 -44.11
C LYS B 640 15.29 47.91 -43.11
N GLY B 641 15.53 49.13 -42.66
CA GLY B 641 16.63 49.41 -41.76
C GLY B 641 17.92 49.73 -42.49
N ASN B 642 18.81 50.43 -41.78
CA ASN B 642 20.09 50.83 -42.36
C ASN B 642 21.19 49.80 -42.14
N GLY B 643 21.00 48.83 -41.24
CA GLY B 643 22.01 47.85 -40.96
C GLY B 643 21.98 46.69 -41.94
N GLN B 644 22.95 45.79 -41.75
CA GLN B 644 23.05 44.61 -42.60
C GLN B 644 21.92 43.63 -42.28
N ILE B 645 21.54 42.83 -43.27
CA ILE B 645 20.53 41.80 -43.09
C ILE B 645 21.24 40.53 -42.64
N TRP B 646 20.83 40.00 -41.49
CA TRP B 646 21.50 38.83 -40.93
C TRP B 646 20.89 37.55 -41.46
N ARG B 647 21.72 36.51 -41.53
CA ARG B 647 21.38 35.25 -42.16
C ARG B 647 21.46 34.10 -41.17
N HIS B 648 20.97 34.32 -39.96
CA HIS B 648 20.95 33.29 -38.91
C HIS B 648 19.60 32.59 -38.92
N MET B 649 19.57 31.37 -39.46
CA MET B 649 18.35 30.58 -39.50
C MET B 649 18.05 30.04 -38.11
N PHE B 650 16.92 30.44 -37.54
CA PHE B 650 16.54 30.01 -36.20
C PHE B 650 15.58 28.83 -36.26
N HIS B 651 15.79 27.87 -35.37
CA HIS B 651 15.04 26.62 -35.35
C HIS B 651 14.53 26.33 -33.94
N CYS B 652 14.01 27.35 -33.27
CA CYS B 652 13.53 27.17 -31.90
C CYS B 652 12.49 26.07 -31.82
N THR B 653 12.56 25.26 -30.75
CA THR B 653 11.55 24.26 -30.46
C THR B 653 10.30 24.86 -29.84
N GLY B 654 10.33 26.13 -29.46
CA GLY B 654 9.14 26.80 -28.96
C GLY B 654 8.88 26.63 -27.48
N THR B 655 9.84 26.14 -26.71
CA THR B 655 9.67 26.02 -25.27
C THR B 655 10.68 26.84 -24.47
N GLU B 656 11.93 26.92 -24.93
CA GLU B 656 12.90 27.80 -24.28
C GLU B 656 12.39 29.24 -24.32
N GLN B 657 12.97 30.09 -23.46
CA GLN B 657 12.50 31.47 -23.36
C GLN B 657 13.54 32.51 -23.77
N HIS B 658 14.52 32.15 -24.61
CA HIS B 658 15.42 33.18 -25.12
C HIS B 658 15.87 32.71 -26.50
N MET B 659 16.29 33.68 -27.32
CA MET B 659 16.84 33.37 -28.65
C MET B 659 18.13 32.59 -28.55
N GLY B 660 19.04 33.00 -27.68
CA GLY B 660 20.33 32.33 -27.59
C GLY B 660 20.24 30.86 -27.21
N ASP B 661 19.17 30.46 -26.54
CA ASP B 661 19.03 29.06 -26.16
C ASP B 661 18.84 28.18 -27.39
N CYS B 662 18.10 28.67 -28.38
CA CYS B 662 17.65 27.86 -29.49
C CYS B 662 18.82 27.37 -30.33
N PRO B 663 18.64 26.27 -31.08
CA PRO B 663 19.59 25.93 -32.13
C PRO B 663 19.61 27.04 -33.18
N VAL B 664 20.81 27.36 -33.67
CA VAL B 664 20.96 28.45 -34.61
C VAL B 664 22.23 28.22 -35.41
N THR B 665 22.15 28.53 -36.70
CA THR B 665 23.23 28.28 -37.63
C THR B 665 23.12 29.33 -38.74
N ALA B 666 24.27 29.81 -39.19
CA ALA B 666 24.28 30.81 -40.26
C ALA B 666 25.41 30.59 -41.26
N LEU B 667 26.14 29.48 -41.17
CA LEU B 667 27.34 29.31 -41.98
C LEU B 667 26.96 29.33 -43.45
N GLY B 668 27.36 30.39 -44.15
CA GLY B 668 27.01 30.59 -45.53
C GLY B 668 25.55 30.37 -45.87
N ALA B 669 24.67 30.98 -45.09
CA ALA B 669 23.25 30.95 -45.43
C ALA B 669 22.99 31.76 -46.71
N SER B 670 21.94 31.37 -47.42
CA SER B 670 21.64 31.99 -48.70
C SER B 670 21.43 33.49 -48.54
N LEU B 671 21.71 34.23 -49.61
CA LEU B 671 21.51 35.67 -49.61
C LEU B 671 20.03 36.00 -49.43
N CYS B 672 19.75 36.95 -48.53
CA CYS B 672 18.40 37.36 -48.20
C CYS B 672 17.96 38.52 -49.09
N PRO B 673 16.78 38.42 -49.73
CA PRO B 673 16.27 39.55 -50.51
C PRO B 673 16.02 40.76 -49.61
N SER B 674 16.09 41.94 -50.24
CA SER B 674 16.23 43.18 -49.48
C SER B 674 15.04 43.43 -48.56
N GLU B 675 13.83 43.26 -49.07
CA GLU B 675 12.64 43.70 -48.35
C GLU B 675 12.16 42.72 -47.29
N GLN B 676 12.81 41.57 -47.15
CA GLN B 676 12.38 40.53 -46.23
C GLN B 676 13.11 40.69 -44.90
N VAL B 677 12.61 41.62 -44.09
CA VAL B 677 13.10 41.86 -42.73
C VAL B 677 12.06 41.33 -41.77
N ALA B 678 12.51 40.53 -40.80
CA ALA B 678 11.58 39.86 -39.90
C ALA B 678 10.98 40.82 -38.90
N SER B 679 9.73 40.55 -38.53
CA SER B 679 9.04 41.31 -37.50
C SER B 679 8.07 40.38 -36.79
N VAL B 680 7.66 40.79 -35.59
CA VAL B 680 6.77 39.99 -34.75
C VAL B 680 5.74 40.92 -34.14
N ILE B 681 4.51 40.42 -34.01
CA ILE B 681 3.45 41.10 -33.26
C ILE B 681 3.14 40.26 -32.03
N CYS B 682 3.47 40.77 -30.86
CA CYS B 682 3.26 40.08 -29.60
C CYS B 682 1.96 40.53 -28.94
N SER B 683 1.46 39.69 -28.03
CA SER B 683 0.21 39.98 -27.34
C SER B 683 0.37 41.09 -26.30
N GLY B 684 1.54 41.18 -25.67
CA GLY B 684 1.76 42.14 -24.61
C GLY B 684 1.31 41.70 -23.23
N ASN B 685 0.90 40.45 -23.07
CA ASN B 685 0.44 39.95 -21.78
C ASN B 685 1.62 39.80 -20.81
N GLN B 718 7.78 17.80 -32.07
CA GLN B 718 8.37 16.96 -31.04
C GLN B 718 9.31 15.94 -31.66
N LEU B 719 10.03 16.36 -32.70
CA LEU B 719 10.91 15.49 -33.45
C LEU B 719 12.36 15.84 -33.14
N ARG B 720 13.17 14.82 -32.84
CA ARG B 720 14.60 15.00 -32.69
C ARG B 720 15.30 13.82 -33.32
N LEU B 721 16.52 14.04 -33.78
CA LEU B 721 17.37 12.99 -34.31
C LEU B 721 18.45 12.70 -33.29
N VAL B 722 18.53 11.45 -32.86
CA VAL B 722 19.31 11.05 -31.69
C VAL B 722 20.48 10.20 -32.15
N ASN B 723 21.64 10.44 -31.53
CA ASN B 723 22.87 9.67 -31.67
C ASN B 723 23.49 9.86 -33.04
N GLY B 724 22.90 10.68 -33.90
CA GLY B 724 23.42 10.85 -35.25
C GLY B 724 24.61 11.76 -35.36
N GLY B 725 24.81 12.63 -34.37
CA GLY B 725 25.76 13.71 -34.53
C GLY B 725 25.12 14.81 -35.35
N GLY B 726 25.27 16.06 -34.93
CA GLY B 726 24.56 17.13 -35.60
C GLY B 726 23.08 17.06 -35.28
N ARG B 727 22.34 17.98 -35.92
CA ARG B 727 20.91 18.08 -35.68
C ARG B 727 20.05 17.53 -36.80
N CYS B 728 20.58 17.45 -38.03
CA CYS B 728 19.78 17.09 -39.20
C CYS B 728 20.05 15.66 -39.67
N ALA B 729 20.34 14.73 -38.75
CA ALA B 729 20.61 13.35 -39.13
C ALA B 729 20.58 12.49 -37.87
N GLY B 730 20.22 11.23 -38.06
CA GLY B 730 20.30 10.24 -37.02
C GLY B 730 19.01 9.44 -36.92
N ARG B 731 19.01 8.51 -35.97
CA ARG B 731 17.77 7.81 -35.63
C ARG B 731 16.72 8.82 -35.22
N VAL B 732 15.51 8.61 -35.70
CA VAL B 732 14.41 9.56 -35.48
C VAL B 732 13.56 9.05 -34.33
N GLU B 733 13.11 9.97 -33.48
CA GLU B 733 12.30 9.62 -32.33
C GLU B 733 11.14 10.59 -32.18
N ILE B 734 10.04 10.08 -31.63
CA ILE B 734 8.83 10.87 -31.39
C ILE B 734 8.38 10.67 -29.94
N TYR B 735 7.83 11.72 -29.35
CA TYR B 735 7.42 11.74 -27.96
C TYR B 735 5.92 11.52 -27.89
N HIS B 736 5.50 10.38 -27.33
CA HIS B 736 4.08 10.05 -27.26
C HIS B 736 3.87 9.00 -26.18
N GLU B 737 2.63 8.93 -25.66
CA GLU B 737 2.38 8.46 -24.28
C GLU B 737 3.29 9.14 -23.27
N GLY B 738 3.70 10.37 -23.54
CA GLY B 738 4.65 11.04 -22.67
C GLY B 738 5.97 10.32 -22.56
N SER B 739 6.35 9.56 -23.59
CA SER B 739 7.58 8.80 -23.58
C SER B 739 8.20 8.89 -24.97
N TRP B 740 9.51 8.73 -25.04
CA TRP B 740 10.20 8.90 -26.31
C TRP B 740 10.32 7.55 -26.99
N GLY B 741 10.10 7.52 -28.31
CA GLY B 741 10.20 6.28 -29.05
C GLY B 741 10.56 6.52 -30.49
N THR B 742 11.05 5.48 -31.14
CA THR B 742 11.60 5.54 -32.49
C THR B 742 10.65 4.89 -33.49
N ILE B 743 11.01 4.97 -34.76
CA ILE B 743 10.18 4.53 -35.87
C ILE B 743 10.83 3.34 -36.54
N CYS B 744 10.06 2.27 -36.75
CA CYS B 744 10.60 1.05 -37.32
C CYS B 744 11.05 1.28 -38.76
N ASP B 745 11.84 0.34 -39.27
CA ASP B 745 12.55 0.50 -40.53
C ASP B 745 11.77 0.00 -41.74
N ASP B 746 10.76 -0.84 -41.55
CA ASP B 746 10.05 -1.42 -42.69
C ASP B 746 9.39 -0.33 -43.54
N SER B 747 9.41 -0.53 -44.85
CA SER B 747 8.88 0.40 -45.84
C SER B 747 9.52 1.77 -45.80
N TRP B 748 10.68 1.90 -45.17
CA TRP B 748 11.37 3.20 -45.06
C TRP B 748 12.12 3.50 -46.34
N ASP B 749 11.64 4.51 -47.07
CA ASP B 749 12.18 4.88 -48.37
C ASP B 749 12.37 6.39 -48.41
N LEU B 750 13.17 6.85 -49.38
CA LEU B 750 13.63 8.23 -49.39
C LEU B 750 12.48 9.23 -49.45
N SER B 751 11.30 8.81 -49.95
CA SER B 751 10.16 9.71 -49.96
C SER B 751 9.71 10.02 -48.54
N ASP B 752 9.66 9.01 -47.67
CA ASP B 752 9.23 9.21 -46.29
C ASP B 752 10.14 10.20 -45.59
N ALA B 753 11.45 10.05 -45.78
CA ALA B 753 12.45 10.86 -45.11
C ALA B 753 12.32 12.34 -45.46
N HIS B 754 11.66 12.67 -46.57
CA HIS B 754 11.46 14.07 -46.93
C HIS B 754 10.68 14.82 -45.86
N VAL B 755 9.64 14.17 -45.31
CA VAL B 755 8.71 14.86 -44.43
C VAL B 755 9.38 15.21 -43.11
N VAL B 756 10.19 14.31 -42.56
CA VAL B 756 10.80 14.55 -41.26
C VAL B 756 11.69 15.78 -41.28
N CYS B 757 12.49 15.94 -42.34
CA CYS B 757 13.45 17.03 -42.38
C CYS B 757 12.88 18.33 -42.95
N ARG B 758 11.72 18.27 -43.60
CA ARG B 758 10.92 19.46 -43.76
C ARG B 758 10.31 19.87 -42.42
N GLN B 759 9.96 18.88 -41.60
CA GLN B 759 9.42 19.16 -40.28
C GLN B 759 10.47 19.76 -39.36
N LEU B 760 11.72 19.30 -39.51
CA LEU B 760 12.84 19.89 -38.80
C LEU B 760 13.44 21.09 -39.52
N GLY B 761 13.00 21.37 -40.75
CA GLY B 761 13.54 22.47 -41.51
C GLY B 761 14.89 22.20 -42.14
N CYS B 762 15.31 20.93 -42.20
CA CYS B 762 16.65 20.56 -42.63
C CYS B 762 16.74 20.32 -44.14
N GLY B 763 15.84 20.91 -44.93
CA GLY B 763 15.92 20.68 -46.34
C GLY B 763 15.42 19.30 -46.73
N GLU B 764 15.88 18.84 -47.89
CA GLU B 764 15.43 17.56 -48.39
C GLU B 764 16.24 16.43 -47.77
N ALA B 765 15.67 15.22 -47.84
CA ALA B 765 16.34 14.04 -47.35
C ALA B 765 17.37 13.52 -48.37
N ILE B 766 18.46 12.99 -47.85
CA ILE B 766 19.47 12.36 -48.70
C ILE B 766 19.71 10.90 -48.34
N ASN B 767 19.22 10.43 -47.20
CA ASN B 767 19.40 9.04 -46.85
C ASN B 767 18.30 8.63 -45.89
N ALA B 768 17.92 7.35 -45.96
CA ALA B 768 16.92 6.77 -45.07
C ALA B 768 17.41 5.37 -44.74
N THR B 769 17.74 5.12 -43.47
CA THR B 769 18.60 4.03 -43.08
C THR B 769 17.89 3.13 -42.08
N GLY B 770 18.22 1.84 -42.14
CA GLY B 770 17.65 0.87 -41.23
C GLY B 770 18.72 -0.05 -40.66
N SER B 771 18.30 -1.15 -40.05
CA SER B 771 19.19 -2.06 -39.31
C SER B 771 19.92 -1.33 -38.18
N ALA B 772 19.26 -0.34 -37.58
CA ALA B 772 19.79 0.41 -36.45
C ALA B 772 21.17 1.00 -36.76
N HIS B 773 21.22 1.75 -37.85
CA HIS B 773 22.47 2.38 -38.27
C HIS B 773 23.04 3.25 -37.15
N PHE B 774 22.19 4.06 -36.52
CA PHE B 774 22.61 5.01 -35.48
C PHE B 774 22.34 4.49 -34.08
N GLY B 775 22.52 3.19 -33.85
CA GLY B 775 22.37 2.63 -32.52
C GLY B 775 21.02 1.96 -32.30
N GLU B 776 20.95 1.20 -31.22
CA GLU B 776 19.75 0.50 -30.83
C GLU B 776 18.92 1.41 -29.94
N GLY B 777 17.74 1.80 -30.41
CA GLY B 777 16.88 2.63 -29.60
C GLY B 777 16.32 1.87 -28.41
N THR B 778 16.03 2.63 -27.35
CA THR B 778 15.56 2.07 -26.09
C THR B 778 14.12 2.52 -25.85
N GLY B 779 13.41 1.78 -25.01
CA GLY B 779 12.05 2.12 -24.69
C GLY B 779 11.04 1.61 -25.70
N PRO B 780 9.96 2.37 -25.87
CA PRO B 780 8.87 1.90 -26.72
C PRO B 780 9.17 2.04 -28.21
N ILE B 781 8.50 1.20 -28.99
CA ILE B 781 8.46 1.30 -30.44
C ILE B 781 7.02 1.62 -30.85
N TRP B 782 6.84 2.78 -31.49
CA TRP B 782 5.51 3.32 -31.72
C TRP B 782 5.02 3.15 -33.16
N LEU B 783 5.73 3.71 -34.12
CA LEU B 783 5.31 3.73 -35.51
C LEU B 783 5.98 2.59 -36.27
N ASP B 784 5.18 1.79 -36.98
CA ASP B 784 5.72 0.62 -37.68
C ASP B 784 6.04 0.93 -39.14
N GLU B 785 5.05 1.35 -39.92
CA GLU B 785 5.22 1.60 -41.35
C GLU B 785 4.66 2.97 -41.72
N MET B 786 5.33 3.64 -42.65
CA MET B 786 5.01 5.00 -43.03
C MET B 786 4.84 5.07 -44.54
N LYS B 787 3.74 5.67 -44.98
CA LYS B 787 3.38 5.75 -46.39
C LYS B 787 2.94 7.16 -46.76
N CYS B 788 3.69 8.16 -46.30
CA CYS B 788 3.44 9.54 -46.68
C CYS B 788 3.42 9.73 -48.19
N ASN B 789 2.86 10.83 -48.66
CA ASN B 789 2.93 11.17 -50.07
C ASN B 789 4.23 11.87 -50.44
N GLY B 790 5.04 12.25 -49.46
CA GLY B 790 6.23 13.04 -49.68
C GLY B 790 6.01 14.53 -49.66
N LYS B 791 4.76 14.98 -49.56
CA LYS B 791 4.43 16.40 -49.53
C LYS B 791 3.91 16.86 -48.17
N GLU B 792 3.89 15.97 -47.17
CA GLU B 792 3.25 16.29 -45.91
C GLU B 792 4.03 17.36 -45.15
N SER B 793 3.30 18.09 -44.31
CA SER B 793 3.91 19.11 -43.47
C SER B 793 4.42 18.55 -42.14
N ARG B 794 3.65 17.65 -41.53
CA ARG B 794 4.04 17.03 -40.28
C ARG B 794 3.84 15.52 -40.38
N ILE B 795 4.69 14.77 -39.66
CA ILE B 795 4.74 13.33 -39.82
C ILE B 795 3.46 12.68 -39.31
N TRP B 796 2.79 13.29 -38.32
CA TRP B 796 1.59 12.68 -37.75
C TRP B 796 0.40 12.72 -38.70
N GLN B 797 0.55 13.27 -39.90
CA GLN B 797 -0.51 13.26 -40.90
C GLN B 797 -0.32 12.17 -41.95
N CYS B 798 0.69 11.32 -41.79
CA CYS B 798 0.94 10.27 -42.77
C CYS B 798 0.08 9.04 -42.49
N HIS B 799 -0.06 8.21 -43.52
CA HIS B 799 -0.72 6.92 -43.38
C HIS B 799 0.19 5.98 -42.58
N SER B 800 -0.31 5.51 -41.44
CA SER B 800 0.44 4.58 -40.62
C SER B 800 -0.54 3.78 -39.77
N HIS B 801 -0.06 2.63 -39.29
CA HIS B 801 -0.92 1.73 -38.54
C HIS B 801 -1.33 2.28 -37.18
N GLY B 802 -0.84 3.45 -36.79
CA GLY B 802 -1.23 4.00 -35.51
C GLY B 802 -0.26 3.62 -34.40
N TRP B 803 -0.16 4.51 -33.42
CA TRP B 803 0.80 4.31 -32.33
C TRP B 803 0.58 2.97 -31.67
N GLY B 804 1.68 2.29 -31.34
CA GLY B 804 1.64 1.04 -30.61
C GLY B 804 1.54 -0.21 -31.45
N GLN B 805 1.16 -0.09 -32.72
CA GLN B 805 1.03 -1.23 -33.62
C GLN B 805 2.34 -1.45 -34.35
N GLN B 806 2.92 -2.64 -34.20
CA GLN B 806 4.25 -2.91 -34.76
C GLN B 806 4.51 -4.41 -34.72
N ASN B 807 5.48 -4.83 -35.54
CA ASN B 807 5.93 -6.21 -35.59
C ASN B 807 7.45 -6.30 -35.69
N CYS B 808 8.15 -5.34 -35.10
CA CYS B 808 9.59 -5.18 -35.26
C CYS B 808 10.33 -5.57 -33.98
N ARG B 809 11.65 -5.44 -34.03
CA ARG B 809 12.54 -5.60 -32.88
C ARG B 809 13.48 -4.41 -32.85
N HIS B 810 14.16 -4.23 -31.71
CA HIS B 810 15.05 -3.08 -31.56
C HIS B 810 16.23 -3.10 -32.53
N LYS B 811 16.50 -4.24 -33.16
CA LYS B 811 17.61 -4.32 -34.11
C LYS B 811 17.24 -3.76 -35.48
N GLU B 812 16.09 -3.12 -35.61
CA GLU B 812 15.59 -2.65 -36.90
C GLU B 812 15.07 -1.23 -36.77
N ASP B 813 15.74 -0.41 -35.98
CA ASP B 813 15.35 0.99 -35.85
C ASP B 813 15.81 1.77 -37.07
N ALA B 814 15.03 2.79 -37.43
CA ALA B 814 15.24 3.53 -38.66
C ALA B 814 16.00 4.82 -38.39
N GLY B 815 16.37 5.50 -39.47
CA GLY B 815 17.06 6.76 -39.35
C GLY B 815 16.94 7.56 -40.63
N VAL B 816 17.46 8.78 -40.59
CA VAL B 816 17.47 9.65 -41.76
C VAL B 816 18.72 10.52 -41.69
N ILE B 817 19.30 10.81 -42.85
CA ILE B 817 20.33 11.83 -43.01
C ILE B 817 19.85 12.83 -44.04
N CYS B 818 20.04 14.12 -43.75
CA CYS B 818 19.44 15.19 -44.53
C CYS B 818 20.46 16.24 -44.89
N SER B 819 20.14 17.00 -45.93
CA SER B 819 21.11 17.86 -46.62
C SER B 819 21.77 18.85 -45.67
N GLU B 820 21.11 19.21 -44.57
CA GLU B 820 21.62 20.24 -43.68
C GLU B 820 22.46 19.69 -42.54
N PHE B 821 22.72 18.39 -42.51
CA PHE B 821 23.75 17.87 -41.62
C PHE B 821 25.12 18.36 -42.05
N MET B 822 25.92 18.76 -41.06
CA MET B 822 27.25 19.26 -41.29
C MET B 822 28.19 18.52 -40.37
N SER B 823 29.44 18.35 -40.79
CA SER B 823 30.47 17.75 -39.96
C SER B 823 31.81 18.28 -40.44
N LEU B 824 32.86 17.84 -39.75
CA LEU B 824 34.17 18.41 -39.95
C LEU B 824 35.20 17.30 -39.83
N ARG B 825 36.42 17.62 -40.25
CA ARG B 825 37.51 16.65 -40.30
C ARG B 825 38.78 17.40 -40.70
N LEU B 826 39.92 16.92 -40.19
CA LEU B 826 41.22 17.31 -40.68
C LEU B 826 41.97 16.04 -41.04
N THR B 827 42.42 15.92 -42.28
CA THR B 827 42.97 14.67 -42.77
C THR B 827 44.28 14.91 -43.50
N SER B 828 44.99 13.81 -43.74
CA SER B 828 46.25 13.82 -44.45
C SER B 828 46.35 12.55 -45.30
N GLU B 829 47.43 12.46 -46.07
CA GLU B 829 47.61 11.29 -46.94
C GLU B 829 47.77 10.01 -46.14
N ALA B 830 48.21 10.11 -44.89
CA ALA B 830 48.47 8.93 -44.05
C ALA B 830 47.48 8.77 -42.90
N SER B 831 46.40 9.54 -42.89
CA SER B 831 45.43 9.45 -41.80
C SER B 831 44.06 9.86 -42.32
N ARG B 832 43.07 8.98 -42.12
CA ARG B 832 41.70 9.31 -42.50
C ARG B 832 41.15 10.45 -41.67
N GLU B 833 41.38 10.42 -40.35
CA GLU B 833 40.87 11.45 -39.45
C GLU B 833 41.97 11.85 -38.48
N ALA B 834 42.19 13.16 -38.37
CA ALA B 834 43.15 13.73 -37.42
C ALA B 834 42.76 15.19 -37.21
N CYS B 835 43.68 15.96 -36.61
CA CYS B 835 43.55 17.41 -36.54
C CYS B 835 44.86 18.07 -36.98
N ALA B 836 45.38 17.63 -38.13
CA ALA B 836 46.50 18.30 -38.78
C ALA B 836 46.45 18.00 -40.27
N GLY B 837 46.10 18.99 -41.08
CA GLY B 837 46.01 18.80 -42.50
C GLY B 837 44.98 19.73 -43.11
N ARG B 838 44.50 19.36 -44.30
CA ARG B 838 43.49 20.16 -44.98
C ARG B 838 42.17 20.08 -44.24
N LEU B 839 41.43 21.17 -44.23
CA LEU B 839 40.14 21.25 -43.56
C LEU B 839 39.02 20.97 -44.56
N GLU B 840 38.15 20.03 -44.23
CA GLU B 840 37.02 19.69 -45.09
C GLU B 840 35.74 19.76 -44.28
N VAL B 841 34.66 20.11 -44.97
CA VAL B 841 33.35 20.30 -44.35
C VAL B 841 32.34 19.39 -45.03
N PHE B 842 31.49 18.79 -44.22
CA PHE B 842 30.42 17.93 -44.71
C PHE B 842 29.15 18.79 -44.77
N TYR B 843 28.45 18.73 -45.90
CA TYR B 843 27.22 19.50 -46.10
C TYR B 843 26.60 19.02 -47.39
N ASN B 844 25.27 18.90 -47.40
CA ASN B 844 24.53 18.52 -48.59
C ASN B 844 24.86 17.11 -49.05
N GLY B 845 25.40 16.30 -48.15
CA GLY B 845 25.74 14.94 -48.47
C GLY B 845 27.08 14.76 -49.17
N ALA B 846 27.93 15.78 -49.19
CA ALA B 846 29.17 15.73 -49.94
C ALA B 846 30.21 16.56 -49.22
N TRP B 847 31.47 16.24 -49.48
CA TRP B 847 32.58 16.86 -48.79
C TRP B 847 33.18 17.97 -49.64
N GLY B 848 33.80 18.94 -48.96
CA GLY B 848 34.43 20.05 -49.65
C GLY B 848 35.38 20.80 -48.76
N THR B 849 36.30 21.54 -49.38
CA THR B 849 37.37 22.21 -48.67
C THR B 849 36.97 23.64 -48.30
N VAL B 850 37.56 24.13 -47.20
CA VAL B 850 37.25 25.45 -46.64
C VAL B 850 38.19 26.48 -47.23
N GLY B 851 37.71 27.72 -47.31
CA GLY B 851 38.48 28.76 -48.00
C GLY B 851 39.54 29.40 -47.12
N LYS B 852 40.69 29.68 -47.74
CA LYS B 852 41.79 30.35 -47.07
C LYS B 852 41.61 31.86 -47.00
N SER B 853 40.97 32.46 -47.99
CA SER B 853 40.80 33.90 -48.01
C SER B 853 39.96 34.39 -46.84
N SER B 854 40.36 35.53 -46.27
CA SER B 854 39.68 36.15 -45.14
C SER B 854 39.64 35.22 -43.92
N MET B 855 40.77 34.57 -43.63
CA MET B 855 40.86 33.65 -42.50
C MET B 855 41.47 34.37 -41.30
N SER B 856 40.71 34.46 -40.21
CA SER B 856 41.14 35.14 -39.00
C SER B 856 41.84 34.17 -38.06
N GLU B 857 42.40 34.71 -36.98
CA GLU B 857 43.03 33.88 -35.97
C GLU B 857 42.03 33.17 -35.06
N THR B 858 40.82 33.71 -34.93
CA THR B 858 39.81 33.05 -34.10
C THR B 858 39.25 31.81 -34.78
N THR B 859 39.22 31.82 -36.12
CA THR B 859 38.66 30.70 -36.86
C THR B 859 39.42 29.41 -36.58
N VAL B 860 40.74 29.43 -36.75
CA VAL B 860 41.53 28.22 -36.57
C VAL B 860 41.40 27.70 -35.14
N GLY B 861 41.27 28.60 -34.16
CA GLY B 861 41.03 28.17 -32.79
C GLY B 861 39.70 27.48 -32.65
N VAL B 862 38.66 28.03 -33.27
CA VAL B 862 37.35 27.41 -33.21
C VAL B 862 37.40 26.03 -33.88
N VAL B 863 38.09 25.95 -35.02
CA VAL B 863 38.16 24.69 -35.76
C VAL B 863 38.80 23.61 -34.89
N CYS B 864 39.95 23.94 -34.29
CA CYS B 864 40.62 22.95 -33.44
C CYS B 864 39.75 22.60 -32.25
N ARG B 865 39.02 23.57 -31.70
CA ARG B 865 38.21 23.29 -30.52
C ARG B 865 37.06 22.36 -30.87
N GLN B 866 36.51 22.51 -32.08
CA GLN B 866 35.46 21.62 -32.54
C GLN B 866 36.02 20.21 -32.77
N LEU B 867 37.27 20.12 -33.24
CA LEU B 867 37.86 18.79 -33.42
C LEU B 867 38.40 18.19 -32.13
N GLY B 868 38.40 18.95 -31.03
CA GLY B 868 38.72 18.38 -29.74
C GLY B 868 40.18 18.15 -29.46
N CYS B 869 41.07 18.85 -30.15
CA CYS B 869 42.50 18.78 -29.86
C CYS B 869 43.00 20.02 -29.15
N ALA B 870 42.85 21.20 -29.74
CA ALA B 870 43.53 22.39 -29.25
C ALA B 870 42.59 23.59 -29.29
N ASP B 871 42.94 24.61 -28.52
CA ASP B 871 42.20 25.86 -28.50
C ASP B 871 42.73 26.87 -29.51
N LYS B 872 43.83 26.57 -30.18
CA LYS B 872 44.42 27.47 -31.17
C LYS B 872 44.93 26.64 -32.34
N GLY B 873 45.28 27.33 -33.43
CA GLY B 873 45.79 26.66 -34.60
C GLY B 873 46.68 27.57 -35.41
N LYS B 874 47.48 26.95 -36.28
CA LYS B 874 48.39 27.65 -37.17
C LYS B 874 48.24 27.11 -38.59
N ILE B 875 48.27 28.01 -39.56
CA ILE B 875 48.26 27.63 -40.97
C ILE B 875 49.70 27.36 -41.39
N ASN B 876 49.88 26.46 -42.35
CA ASN B 876 51.20 26.11 -42.84
C ASN B 876 51.09 25.67 -44.29
N PRO B 877 52.16 25.79 -45.06
CA PRO B 877 52.17 25.20 -46.41
C PRO B 877 52.10 23.69 -46.35
N ALA B 878 51.69 23.10 -47.47
CA ALA B 878 51.52 21.66 -47.56
C ALA B 878 51.89 21.19 -48.96
N SER B 879 51.79 19.89 -49.18
CA SER B 879 52.14 19.27 -50.44
C SER B 879 51.04 19.51 -51.47
N LEU B 880 51.38 19.25 -52.73
CA LEU B 880 50.45 19.41 -53.85
C LEU B 880 49.59 18.17 -54.09
N ASP B 881 49.80 17.11 -53.32
CA ASP B 881 49.12 15.83 -53.53
C ASP B 881 47.70 15.93 -52.99
N LYS B 882 46.79 16.43 -53.83
CA LYS B 882 45.37 16.42 -53.50
C LYS B 882 44.91 14.99 -53.26
N ALA B 883 44.29 14.77 -52.10
CA ALA B 883 43.82 13.43 -51.76
C ALA B 883 42.65 13.02 -52.65
N MET B 884 41.52 13.71 -52.54
CA MET B 884 40.35 13.45 -53.38
C MET B 884 40.04 14.57 -54.37
N SER B 885 40.63 15.76 -54.21
CA SER B 885 40.36 16.90 -55.08
C SER B 885 38.87 17.27 -55.06
N ILE B 886 38.34 17.40 -53.85
CA ILE B 886 36.93 17.71 -53.61
C ILE B 886 36.63 19.14 -54.03
N PRO B 887 35.36 19.53 -54.19
CA PRO B 887 35.04 20.92 -54.50
C PRO B 887 35.27 21.83 -53.31
N MET B 888 35.20 23.14 -53.58
CA MET B 888 35.29 24.16 -52.55
C MET B 888 33.88 24.53 -52.09
N TRP B 889 33.62 24.38 -50.79
CA TRP B 889 32.27 24.60 -50.29
C TRP B 889 32.00 26.09 -50.03
N VAL B 890 32.73 26.68 -49.07
CA VAL B 890 32.49 28.06 -48.63
C VAL B 890 33.81 28.81 -48.57
N ASP B 891 33.78 30.09 -48.96
CA ASP B 891 35.00 30.85 -49.23
C ASP B 891 35.61 31.49 -47.98
N ASN B 892 34.90 32.40 -47.32
CA ASN B 892 35.51 33.30 -46.34
C ASN B 892 34.86 33.10 -44.96
N VAL B 893 35.53 32.36 -44.09
CA VAL B 893 35.03 32.11 -42.74
C VAL B 893 35.67 33.11 -41.78
N GLN B 894 34.89 33.56 -40.81
CA GLN B 894 35.39 34.51 -39.80
C GLN B 894 34.63 34.27 -38.50
N CYS B 895 35.22 33.51 -37.61
CA CYS B 895 34.54 33.10 -36.38
C CYS B 895 34.63 34.22 -35.34
N PRO B 896 33.51 34.68 -34.80
CA PRO B 896 33.52 35.69 -33.75
C PRO B 896 33.89 35.07 -32.40
N LYS B 897 33.90 35.90 -31.37
CA LYS B 897 34.14 35.42 -30.01
C LYS B 897 32.86 34.86 -29.43
N GLY B 898 32.98 33.72 -28.74
CA GLY B 898 31.87 33.13 -28.04
C GLY B 898 31.40 31.75 -28.50
N PRO B 899 31.28 31.50 -29.81
CA PRO B 899 30.70 30.23 -30.24
C PRO B 899 31.64 29.07 -29.98
N ASP B 900 31.06 27.87 -29.91
CA ASP B 900 31.80 26.66 -29.60
C ASP B 900 32.02 25.76 -30.80
N THR B 901 31.40 26.06 -31.94
CA THR B 901 31.53 25.25 -33.13
C THR B 901 31.74 26.18 -34.32
N LEU B 902 31.72 25.61 -35.52
CA LEU B 902 31.88 26.39 -36.75
C LEU B 902 30.58 26.66 -37.48
N TRP B 903 29.46 26.10 -37.02
CA TRP B 903 28.22 26.22 -37.78
C TRP B 903 27.53 27.56 -37.58
N GLN B 904 27.93 28.34 -36.59
CA GLN B 904 27.34 29.65 -36.38
C GLN B 904 28.10 30.75 -37.10
N CYS B 905 29.43 30.63 -37.17
CA CYS B 905 30.29 31.66 -37.73
C CYS B 905 29.86 32.02 -39.14
N PRO B 906 29.54 33.29 -39.42
CA PRO B 906 28.88 33.63 -40.68
C PRO B 906 29.87 33.89 -41.79
N SER B 907 29.39 33.70 -43.03
CA SER B 907 30.25 33.75 -44.20
C SER B 907 29.36 33.83 -45.45
N SER B 908 29.99 33.68 -46.61
CA SER B 908 29.27 33.84 -47.87
C SER B 908 28.40 32.62 -48.13
N PRO B 909 27.27 32.79 -48.84
CA PRO B 909 26.36 31.67 -49.05
C PRO B 909 26.98 30.57 -49.90
N TRP B 910 26.41 29.38 -49.79
CA TRP B 910 26.96 28.22 -50.47
C TRP B 910 26.92 28.39 -51.98
N GLU B 911 27.95 27.84 -52.64
CA GLU B 911 28.01 27.70 -54.08
C GLU B 911 29.13 26.70 -54.41
N LYS B 912 28.84 25.70 -55.22
CA LYS B 912 29.82 24.67 -55.51
C LYS B 912 30.70 25.09 -56.69
N ARG B 913 32.01 24.99 -56.50
CA ARG B 913 32.98 25.38 -57.51
C ARG B 913 34.27 24.62 -57.28
N LEU B 914 35.09 24.55 -58.31
CA LEU B 914 36.43 24.02 -58.18
C LEU B 914 37.38 25.09 -57.66
N ALA B 915 38.47 24.65 -57.05
CA ALA B 915 39.43 25.57 -56.44
C ALA B 915 40.83 24.98 -56.54
N SER B 916 41.82 25.87 -56.58
CA SER B 916 43.20 25.47 -56.64
C SER B 916 43.70 24.99 -55.29
N PRO B 917 44.77 24.19 -55.25
CA PRO B 917 45.33 23.78 -53.95
C PRO B 917 45.82 24.95 -53.10
N SER B 918 46.16 26.08 -53.72
CA SER B 918 46.60 27.25 -52.96
C SER B 918 45.48 27.84 -52.12
N GLU B 919 44.22 27.59 -52.49
CA GLU B 919 43.08 28.12 -51.77
C GLU B 919 42.58 27.17 -50.67
N GLU B 920 43.23 26.03 -50.49
CA GLU B 920 42.80 25.07 -49.48
C GLU B 920 43.37 25.43 -48.12
N THR B 921 42.52 25.33 -47.08
CA THR B 921 42.94 25.63 -45.72
C THR B 921 43.63 24.42 -45.10
N TRP B 922 44.89 24.58 -44.73
CA TRP B 922 45.68 23.53 -44.11
C TRP B 922 46.01 23.99 -42.69
N ILE B 923 45.56 23.24 -41.70
CA ILE B 923 45.62 23.65 -40.31
C ILE B 923 46.38 22.61 -39.51
N THR B 924 47.10 23.05 -38.49
CA THR B 924 47.74 22.17 -37.53
C THR B 924 47.41 22.68 -36.14
N CYS B 925 46.90 21.78 -35.29
CA CYS B 925 46.49 22.14 -33.94
C CYS B 925 47.58 21.76 -32.96
N ASP B 926 47.95 22.69 -32.10
CA ASP B 926 48.93 22.42 -31.05
C ASP B 926 48.29 21.67 -29.88
N VAL C 2 -24.12 1.39 26.66
CA VAL C 2 -24.60 0.05 26.35
C VAL C 2 -25.05 -0.03 24.91
N LEU C 3 -25.02 -1.23 24.34
CA LEU C 3 -25.38 -1.45 22.94
C LEU C 3 -26.89 -1.62 22.82
N SER C 4 -27.54 -0.69 22.13
CA SER C 4 -28.95 -0.78 21.82
C SER C 4 -29.16 -1.60 20.57
N PRO C 5 -30.39 -2.05 20.30
CA PRO C 5 -30.62 -2.83 19.06
C PRO C 5 -30.18 -2.09 17.80
N ALA C 6 -30.42 -0.78 17.72
CA ALA C 6 -29.98 -0.02 16.56
C ALA C 6 -28.46 -0.05 16.43
N ASP C 7 -27.75 0.07 17.54
CA ASP C 7 -26.30 0.01 17.51
C ASP C 7 -25.83 -1.35 17.00
N LYS C 8 -26.49 -2.43 17.43
CA LYS C 8 -26.11 -3.76 16.97
C LYS C 8 -26.37 -3.94 15.49
N THR C 9 -27.48 -3.40 14.98
CA THR C 9 -27.72 -3.44 13.54
C THR C 9 -26.62 -2.69 12.78
N ASN C 10 -26.26 -1.50 13.27
CA ASN C 10 -25.24 -0.72 12.59
C ASN C 10 -23.90 -1.45 12.60
N VAL C 11 -23.54 -2.06 13.73
CA VAL C 11 -22.29 -2.81 13.83
C VAL C 11 -22.30 -3.98 12.86
N LYS C 12 -23.42 -4.71 12.80
CA LYS C 12 -23.50 -5.84 11.88
C LYS C 12 -23.34 -5.40 10.44
N ALA C 13 -24.03 -4.33 10.04
CA ALA C 13 -23.90 -3.83 8.68
C ALA C 13 -22.48 -3.41 8.36
N ALA C 14 -21.87 -2.63 9.26
CA ALA C 14 -20.51 -2.13 9.01
C ALA C 14 -19.52 -3.28 8.90
N TRP C 15 -19.58 -4.22 9.85
CA TRP C 15 -18.63 -5.32 9.83
C TRP C 15 -18.90 -6.29 8.69
N GLY C 16 -20.14 -6.37 8.19
CA GLY C 16 -20.38 -7.11 6.97
C GLY C 16 -19.73 -6.45 5.76
N LYS C 17 -19.85 -5.13 5.66
CA LYS C 17 -19.18 -4.44 4.56
C LYS C 17 -17.66 -4.52 4.67
N VAL C 18 -17.13 -4.65 5.89
CA VAL C 18 -15.69 -4.86 6.05
C VAL C 18 -15.27 -6.13 5.31
N GLY C 19 -15.97 -7.23 5.54
CA GLY C 19 -15.81 -8.43 4.73
C GLY C 19 -14.43 -9.03 4.83
N ALA C 20 -13.91 -9.48 3.67
CA ALA C 20 -12.68 -10.25 3.62
C ALA C 20 -11.45 -9.41 3.93
N HIS C 21 -11.55 -8.09 3.85
CA HIS C 21 -10.42 -7.22 4.15
C HIS C 21 -10.12 -7.11 5.64
N ALA C 22 -10.72 -7.96 6.47
CA ALA C 22 -10.61 -7.82 7.91
C ALA C 22 -9.16 -7.96 8.37
N GLY C 23 -8.45 -8.96 7.86
CA GLY C 23 -7.06 -9.14 8.27
C GLY C 23 -6.17 -7.98 7.89
N GLU C 24 -6.36 -7.45 6.67
CA GLU C 24 -5.60 -6.29 6.25
C GLU C 24 -5.88 -5.10 7.15
N TYR C 25 -7.15 -4.88 7.50
CA TYR C 25 -7.50 -3.76 8.35
C TYR C 25 -6.90 -3.91 9.74
N GLY C 26 -6.94 -5.13 10.28
CA GLY C 26 -6.36 -5.35 11.59
C GLY C 26 -4.86 -5.15 11.62
N ALA C 27 -4.16 -5.67 10.59
CA ALA C 27 -2.73 -5.47 10.51
C ALA C 27 -2.39 -3.99 10.38
N GLU C 28 -3.16 -3.26 9.55
CA GLU C 28 -2.92 -1.83 9.42
C GLU C 28 -3.16 -1.10 10.73
N ALA C 29 -4.19 -1.51 11.48
CA ALA C 29 -4.46 -0.89 12.78
C ALA C 29 -3.31 -1.13 13.74
N LEU C 30 -2.79 -2.36 13.76
CA LEU C 30 -1.63 -2.64 14.62
C LEU C 30 -0.43 -1.79 14.21
N GLU C 31 -0.21 -1.64 12.90
CA GLU C 31 0.89 -0.81 12.44
C GLU C 31 0.70 0.64 12.88
N ARG C 32 -0.52 1.17 12.76
CA ARG C 32 -0.81 2.52 13.20
C ARG C 32 -0.51 2.68 14.69
N MET C 33 -0.97 1.73 15.50
CA MET C 33 -0.75 1.80 16.94
C MET C 33 0.74 1.79 17.26
N PHE C 34 1.49 0.89 16.62
CA PHE C 34 2.92 0.79 16.90
C PHE C 34 3.66 2.04 16.47
N LEU C 35 3.23 2.66 15.37
CA LEU C 35 3.91 3.87 14.90
C LEU C 35 3.56 5.10 15.72
N SER C 36 2.33 5.18 16.23
CA SER C 36 1.88 6.37 16.93
C SER C 36 2.10 6.30 18.43
N PHE C 37 2.08 5.10 19.00
CA PHE C 37 2.22 4.90 20.45
C PHE C 37 3.31 3.89 20.69
N PRO C 38 4.57 4.33 20.69
CA PRO C 38 5.69 3.37 20.79
C PRO C 38 5.66 2.52 22.06
N THR C 39 5.03 3.01 23.13
CA THR C 39 5.01 2.27 24.38
C THR C 39 4.28 0.95 24.26
N THR C 40 3.40 0.80 23.27
CA THR C 40 2.66 -0.44 23.08
C THR C 40 3.56 -1.59 22.62
N LYS C 41 4.75 -1.29 22.10
CA LYS C 41 5.65 -2.32 21.61
C LYS C 41 6.25 -3.17 22.72
N THR C 42 6.11 -2.75 23.98
CA THR C 42 6.72 -3.46 25.10
C THR C 42 6.12 -4.86 25.27
N TYR C 43 4.91 -5.09 24.79
CA TYR C 43 4.23 -6.36 24.97
C TYR C 43 4.51 -7.36 23.86
N PHE C 44 5.32 -6.99 22.87
CA PHE C 44 5.68 -7.87 21.77
C PHE C 44 7.20 -7.94 21.62
N PRO C 45 7.93 -8.31 22.68
CA PRO C 45 9.39 -8.26 22.61
C PRO C 45 9.98 -9.17 21.53
N HIS C 46 9.36 -10.32 21.28
CA HIS C 46 9.86 -11.29 20.32
C HIS C 46 9.33 -11.05 18.91
N PHE C 47 8.59 -9.96 18.70
CA PHE C 47 7.99 -9.69 17.40
C PHE C 47 8.89 -8.79 16.58
N ASP C 48 9.09 -9.14 15.31
CA ASP C 48 9.73 -8.28 14.34
C ASP C 48 8.72 -7.23 13.91
N LEU C 49 8.77 -6.06 14.55
CA LEU C 49 7.77 -5.02 14.34
C LEU C 49 8.11 -4.11 13.16
N SER C 50 8.89 -4.60 12.20
CA SER C 50 9.19 -3.82 11.02
C SER C 50 7.99 -3.74 10.09
N HIS C 51 8.11 -2.88 9.08
CA HIS C 51 7.04 -2.68 8.10
C HIS C 51 6.68 -3.99 7.39
N GLY C 52 5.39 -4.28 7.31
CA GLY C 52 4.89 -5.41 6.55
C GLY C 52 5.28 -6.78 7.06
N SER C 53 5.80 -6.87 8.28
CA SER C 53 6.24 -8.15 8.83
C SER C 53 5.07 -9.13 8.87
N ALA C 54 5.32 -10.35 8.39
CA ALA C 54 4.26 -11.35 8.34
C ALA C 54 3.73 -11.69 9.73
N GLN C 55 4.57 -11.58 10.76
CA GLN C 55 4.09 -11.81 12.12
C GLN C 55 3.02 -10.80 12.51
N VAL C 56 3.24 -9.52 12.17
CA VAL C 56 2.24 -8.50 12.45
C VAL C 56 0.98 -8.77 11.65
N LYS C 57 1.12 -9.21 10.40
CA LYS C 57 -0.06 -9.54 9.60
C LYS C 57 -0.86 -10.66 10.23
N GLY C 58 -0.18 -11.71 10.72
CA GLY C 58 -0.88 -12.80 11.36
C GLY C 58 -1.59 -12.36 12.63
N HIS C 59 -0.93 -11.55 13.44
CA HIS C 59 -1.57 -11.05 14.66
C HIS C 59 -2.77 -10.18 14.32
N GLY C 60 -2.66 -9.36 13.28
CA GLY C 60 -3.78 -8.53 12.86
C GLY C 60 -4.96 -9.35 12.40
N LYS C 61 -4.71 -10.41 11.62
CA LYS C 61 -5.79 -11.28 11.20
C LYS C 61 -6.42 -11.99 12.38
N LYS C 62 -5.61 -12.38 13.37
CA LYS C 62 -6.16 -12.98 14.58
C LYS C 62 -7.10 -12.00 15.30
N VAL C 63 -6.68 -10.75 15.42
CA VAL C 63 -7.51 -9.75 16.08
C VAL C 63 -8.81 -9.54 15.31
N ALA C 64 -8.72 -9.45 13.98
CA ALA C 64 -9.92 -9.27 13.18
C ALA C 64 -10.87 -10.45 13.29
N ASP C 65 -10.32 -11.67 13.32
CA ASP C 65 -11.16 -12.85 13.50
C ASP C 65 -11.86 -12.83 14.85
N ALA C 66 -11.14 -12.42 15.90
CA ALA C 66 -11.76 -12.30 17.22
C ALA C 66 -12.88 -11.28 17.20
N LEU C 67 -12.67 -10.15 16.54
CA LEU C 67 -13.70 -9.12 16.46
C LEU C 67 -14.92 -9.62 15.70
N THR C 68 -14.70 -10.36 14.60
CA THR C 68 -15.82 -10.91 13.84
C THR C 68 -16.60 -11.91 14.67
N ASN C 69 -15.89 -12.77 15.43
CA ASN C 69 -16.56 -13.67 16.35
C ASN C 69 -17.39 -12.91 17.37
N ALA C 70 -16.86 -11.81 17.90
CA ALA C 70 -17.60 -10.99 18.83
C ALA C 70 -18.86 -10.41 18.19
N VAL C 71 -18.75 -9.92 16.95
CA VAL C 71 -19.90 -9.34 16.28
C VAL C 71 -20.97 -10.41 16.07
N ALA C 72 -20.55 -11.64 15.77
CA ALA C 72 -21.52 -12.72 15.64
C ALA C 72 -22.27 -12.97 16.94
N HIS C 73 -21.55 -12.95 18.06
CA HIS C 73 -22.10 -13.22 19.39
C HIS C 73 -22.29 -11.96 20.21
N VAL C 74 -22.78 -10.89 19.58
CA VAL C 74 -22.87 -9.58 20.22
C VAL C 74 -23.71 -9.64 21.50
N ASP C 75 -24.64 -10.58 21.59
CA ASP C 75 -25.47 -10.70 22.78
C ASP C 75 -24.80 -11.47 23.91
N ASP C 76 -23.72 -12.19 23.63
CA ASP C 76 -23.03 -12.98 24.64
C ASP C 76 -21.51 -12.80 24.48
N MET C 77 -21.08 -11.55 24.32
CA MET C 77 -19.66 -11.26 24.17
C MET C 77 -18.79 -11.79 25.30
N PRO C 78 -19.14 -11.65 26.59
CA PRO C 78 -18.23 -12.13 27.64
C PRO C 78 -17.84 -13.59 27.49
N ASN C 79 -18.77 -14.44 27.05
CA ASN C 79 -18.43 -15.85 26.83
C ASN C 79 -17.61 -16.02 25.56
N ALA C 80 -17.89 -15.23 24.52
CA ALA C 80 -17.15 -15.35 23.28
C ALA C 80 -15.69 -14.96 23.45
N LEU C 81 -15.40 -14.00 24.34
CA LEU C 81 -14.04 -13.52 24.57
C LEU C 81 -13.49 -13.96 25.92
N SER C 82 -13.98 -15.09 26.44
CA SER C 82 -13.56 -15.52 27.78
C SER C 82 -12.07 -15.83 27.82
N ALA C 83 -11.59 -16.61 26.86
CA ALA C 83 -10.19 -17.00 26.86
C ALA C 83 -9.28 -15.82 26.60
N LEU C 84 -9.65 -14.96 25.65
CA LEU C 84 -8.84 -13.78 25.38
C LEU C 84 -8.82 -12.84 26.57
N SER C 85 -9.95 -12.71 27.26
CA SER C 85 -10.01 -11.89 28.47
C SER C 85 -9.05 -12.41 29.52
N ASP C 86 -9.09 -13.72 29.76
CA ASP C 86 -8.18 -14.29 30.76
C ASP C 86 -6.73 -14.12 30.32
N LEU C 87 -6.47 -14.27 29.02
CA LEU C 87 -5.10 -14.19 28.52
C LEU C 87 -4.53 -12.80 28.74
N HIS C 88 -5.26 -11.77 28.31
CA HIS C 88 -4.75 -10.41 28.41
C HIS C 88 -4.70 -9.94 29.86
N ALA C 89 -5.72 -10.30 30.65
CA ALA C 89 -5.76 -9.78 32.00
C ALA C 89 -4.74 -10.45 32.91
N HIS C 90 -4.57 -11.78 32.80
CA HIS C 90 -3.75 -12.51 33.75
C HIS C 90 -2.36 -12.88 33.23
N LYS C 91 -2.24 -13.38 32.00
CA LYS C 91 -0.93 -13.85 31.56
C LYS C 91 -0.03 -12.71 31.11
N LEU C 92 -0.57 -11.80 30.30
CA LEU C 92 0.22 -10.72 29.74
C LEU C 92 0.18 -9.46 30.60
N ARG C 93 -0.91 -9.25 31.35
CA ARG C 93 -1.09 -8.05 32.17
C ARG C 93 -0.96 -6.78 31.33
N VAL C 94 -1.78 -6.71 30.29
CA VAL C 94 -1.82 -5.53 29.44
C VAL C 94 -2.64 -4.45 30.13
N ASP C 95 -2.07 -3.24 30.20
CA ASP C 95 -2.74 -2.16 30.89
C ASP C 95 -3.92 -1.67 30.06
N PRO C 96 -5.03 -1.28 30.70
CA PRO C 96 -6.24 -0.92 29.94
C PRO C 96 -6.08 0.28 29.02
N VAL C 97 -5.08 1.14 29.21
CA VAL C 97 -4.93 2.30 28.33
C VAL C 97 -4.69 1.86 26.90
N ASN C 98 -3.91 0.79 26.72
CA ASN C 98 -3.54 0.34 25.38
C ASN C 98 -4.76 -0.04 24.54
N PHE C 99 -5.82 -0.51 25.17
CA PHE C 99 -6.99 -0.95 24.43
C PHE C 99 -7.72 0.21 23.74
N LYS C 100 -7.84 1.35 24.42
CA LYS C 100 -8.44 2.51 23.78
C LYS C 100 -7.60 2.99 22.61
N LEU C 101 -6.28 2.93 22.75
CA LEU C 101 -5.38 3.26 21.66
C LEU C 101 -5.67 2.40 20.43
N LEU C 102 -5.76 1.08 20.62
CA LEU C 102 -5.99 0.19 19.50
C LEU C 102 -7.38 0.38 18.92
N SER C 103 -8.38 0.65 19.76
CA SER C 103 -9.72 0.91 19.25
C SER C 103 -9.74 2.15 18.38
N HIS C 104 -9.06 3.21 18.83
CA HIS C 104 -8.97 4.42 18.01
C HIS C 104 -8.26 4.14 16.69
N CYS C 105 -7.19 3.35 16.73
CA CYS C 105 -6.48 3.00 15.50
C CYS C 105 -7.39 2.23 14.55
N LEU C 106 -8.17 1.31 15.08
CA LEU C 106 -9.11 0.55 14.24
C LEU C 106 -10.13 1.47 13.60
N LEU C 107 -10.69 2.39 14.37
CA LEU C 107 -11.67 3.32 13.81
C LEU C 107 -11.03 4.19 12.73
N VAL C 108 -9.79 4.63 12.96
CA VAL C 108 -9.10 5.43 11.96
C VAL C 108 -8.91 4.63 10.67
N THR C 109 -8.47 3.38 10.79
CA THR C 109 -8.27 2.53 9.63
C THR C 109 -9.57 2.38 8.83
N LEU C 110 -10.64 1.94 9.50
CA LEU C 110 -11.89 1.71 8.79
C LEU C 110 -12.44 3.00 8.19
N ALA C 111 -12.36 4.11 8.91
CA ALA C 111 -12.85 5.38 8.38
C ALA C 111 -12.04 5.78 7.14
N ALA C 112 -10.73 5.53 7.17
CA ALA C 112 -9.91 5.81 5.99
C ALA C 112 -10.34 4.96 4.81
N HIS C 113 -10.64 3.68 5.03
CA HIS C 113 -10.88 2.77 3.93
C HIS C 113 -12.36 2.64 3.56
N LEU C 114 -13.29 3.02 4.43
CA LEU C 114 -14.72 2.91 4.17
C LEU C 114 -15.41 4.25 4.38
N PRO C 115 -15.10 5.27 3.56
CA PRO C 115 -15.70 6.59 3.79
C PRO C 115 -17.22 6.60 3.77
N ALA C 116 -17.84 5.81 2.90
CA ALA C 116 -19.30 5.90 2.73
C ALA C 116 -20.03 5.26 3.90
N GLU C 117 -19.43 4.28 4.56
CA GLU C 117 -20.09 3.54 5.62
C GLU C 117 -20.10 4.28 6.95
N PHE C 118 -19.14 5.17 7.19
CA PHE C 118 -18.99 5.83 8.49
C PHE C 118 -19.88 7.07 8.60
N THR C 119 -21.19 6.82 8.55
CA THR C 119 -22.14 7.83 9.00
C THR C 119 -21.92 8.03 10.50
N PRO C 120 -22.13 9.23 11.03
CA PRO C 120 -21.85 9.46 12.46
C PRO C 120 -22.54 8.47 13.39
N ALA C 121 -23.78 8.06 13.07
CA ALA C 121 -24.45 7.06 13.89
C ALA C 121 -23.69 5.75 13.90
N VAL C 122 -23.23 5.30 12.74
CA VAL C 122 -22.45 4.07 12.67
C VAL C 122 -21.13 4.23 13.40
N HIS C 123 -20.54 5.43 13.35
CA HIS C 123 -19.31 5.70 14.08
C HIS C 123 -19.53 5.54 15.58
N ALA C 124 -20.62 6.10 16.10
CA ALA C 124 -20.94 5.97 17.51
C ALA C 124 -21.19 4.51 17.89
N SER C 125 -21.90 3.78 17.03
CA SER C 125 -22.17 2.37 17.31
C SER C 125 -20.89 1.56 17.35
N LEU C 126 -19.96 1.83 16.43
CA LEU C 126 -18.68 1.12 16.43
C LEU C 126 -17.85 1.48 17.66
N ASP C 127 -17.92 2.74 18.09
CA ASP C 127 -17.25 3.11 19.34
C ASP C 127 -17.81 2.28 20.49
N LYS C 128 -19.14 2.19 20.57
CA LYS C 128 -19.76 1.41 21.63
C LYS C 128 -19.32 -0.04 21.60
N PHE C 129 -19.29 -0.64 20.40
CA PHE C 129 -18.92 -2.05 20.29
C PHE C 129 -17.48 -2.27 20.72
N LEU C 130 -16.57 -1.40 20.27
CA LEU C 130 -15.16 -1.56 20.65
C LEU C 130 -14.96 -1.29 22.13
N ALA C 131 -15.72 -0.35 22.71
CA ALA C 131 -15.64 -0.11 24.14
C ALA C 131 -16.11 -1.33 24.93
N SER C 132 -17.18 -1.98 24.47
CA SER C 132 -17.64 -3.20 25.14
C SER C 132 -16.59 -4.29 25.05
N VAL C 133 -15.99 -4.48 23.88
CA VAL C 133 -14.95 -5.49 23.74
C VAL C 133 -13.78 -5.19 24.67
N SER C 134 -13.34 -3.93 24.70
CA SER C 134 -12.23 -3.55 25.57
C SER C 134 -12.57 -3.79 27.04
N THR C 135 -13.78 -3.42 27.45
CA THR C 135 -14.16 -3.60 28.84
C THR C 135 -14.18 -5.07 29.21
N VAL C 136 -14.68 -5.92 28.32
CA VAL C 136 -14.66 -7.35 28.57
C VAL C 136 -13.23 -7.86 28.70
N LEU C 137 -12.34 -7.39 27.82
CA LEU C 137 -10.98 -7.91 27.81
C LEU C 137 -10.12 -7.38 28.95
N THR C 138 -10.51 -6.28 29.59
CA THR C 138 -9.75 -5.72 30.70
C THR C 138 -10.42 -5.88 32.05
N SER C 139 -11.61 -6.47 32.10
CA SER C 139 -12.38 -6.48 33.35
C SER C 139 -11.65 -7.26 34.45
N LYS C 140 -11.04 -8.39 34.09
CA LYS C 140 -10.36 -9.22 35.08
C LYS C 140 -8.99 -8.68 35.46
N TYR C 141 -8.52 -7.63 34.79
CA TYR C 141 -7.22 -7.05 35.11
C TYR C 141 -7.17 -6.65 36.58
N ARG C 142 -6.19 -7.17 37.29
CA ARG C 142 -5.97 -6.82 38.68
C ARG C 142 -4.53 -7.12 39.05
N HIS D 3 8.31 18.63 20.33
CA HIS D 3 9.23 18.74 19.20
C HIS D 3 8.71 17.93 18.03
N LEU D 4 8.92 18.41 16.82
CA LEU D 4 8.59 17.67 15.61
C LEU D 4 9.75 17.75 14.63
N THR D 5 10.11 16.61 14.05
CA THR D 5 11.18 16.58 13.08
C THR D 5 10.77 17.34 11.82
N PRO D 6 11.74 17.88 11.07
CA PRO D 6 11.37 18.62 9.85
C PRO D 6 10.52 17.84 8.88
N GLU D 7 10.75 16.53 8.76
CA GLU D 7 9.90 15.70 7.92
C GLU D 7 8.47 15.70 8.44
N GLU D 8 8.30 15.56 9.75
CA GLU D 8 6.96 15.55 10.34
C GLU D 8 6.26 16.88 10.13
N LYS D 9 6.97 18.00 10.35
CA LYS D 9 6.38 19.31 10.12
C LYS D 9 5.98 19.48 8.66
N SER D 10 6.82 19.01 7.74
CA SER D 10 6.48 19.07 6.33
C SER D 10 5.20 18.30 6.04
N ALA D 11 5.10 17.08 6.57
CA ALA D 11 3.90 16.27 6.34
C ALA D 11 2.67 16.96 6.91
N VAL D 12 2.79 17.49 8.13
CA VAL D 12 1.63 18.13 8.78
C VAL D 12 1.16 19.31 7.95
N THR D 13 2.08 20.21 7.59
CA THR D 13 1.69 21.42 6.88
C THR D 13 1.30 21.17 5.44
N ALA D 14 1.77 20.08 4.84
CA ALA D 14 1.38 19.76 3.47
C ALA D 14 -0.07 19.25 3.41
N LEU D 15 -0.43 18.35 4.32
CA LEU D 15 -1.80 17.83 4.32
C LEU D 15 -2.81 18.89 4.74
N TRP D 16 -2.42 19.76 5.67
CA TRP D 16 -3.33 20.76 6.20
C TRP D 16 -3.80 21.77 5.17
N GLY D 17 -3.14 21.85 4.01
CA GLY D 17 -3.54 22.81 3.00
C GLY D 17 -4.81 22.42 2.27
N LYS D 18 -5.14 21.13 2.24
CA LYS D 18 -6.31 20.64 1.52
C LYS D 18 -7.55 20.57 2.40
N VAL D 19 -7.51 21.14 3.60
CA VAL D 19 -8.61 21.05 4.54
C VAL D 19 -9.59 22.19 4.29
N ASN D 20 -10.89 21.87 4.33
CA ASN D 20 -11.93 22.89 4.28
C ASN D 20 -12.17 23.38 5.70
N VAL D 21 -11.66 24.57 6.01
CA VAL D 21 -11.71 25.06 7.38
C VAL D 21 -13.15 25.32 7.83
N ASP D 22 -14.09 25.47 6.90
CA ASP D 22 -15.48 25.71 7.25
C ASP D 22 -16.30 24.43 7.34
N GLU D 23 -15.71 23.26 7.12
CA GLU D 23 -16.42 22.00 7.17
C GLU D 23 -15.90 21.05 8.24
N VAL D 24 -14.59 20.82 8.28
CA VAL D 24 -14.03 19.76 9.12
C VAL D 24 -14.31 20.04 10.59
N GLY D 25 -14.22 21.30 11.00
CA GLY D 25 -14.43 21.63 12.41
C GLY D 25 -15.81 21.26 12.91
N GLY D 26 -16.85 21.62 12.14
CA GLY D 26 -18.20 21.30 12.55
C GLY D 26 -18.43 19.80 12.62
N GLU D 27 -17.90 19.06 11.65
CA GLU D 27 -18.04 17.62 11.65
C GLU D 27 -17.37 17.01 12.88
N ALA D 28 -16.15 17.47 13.19
CA ALA D 28 -15.44 16.95 14.36
C ALA D 28 -16.21 17.24 15.64
N LEU D 29 -16.72 18.47 15.79
CA LEU D 29 -17.44 18.83 17.00
C LEU D 29 -18.72 18.03 17.13
N GLY D 30 -19.46 17.84 16.03
CA GLY D 30 -20.66 17.05 16.08
C GLY D 30 -20.38 15.60 16.44
N ARG D 31 -19.32 15.03 15.87
CA ARG D 31 -18.96 13.66 16.22
C ARG D 31 -18.56 13.55 17.67
N LEU D 32 -17.86 14.55 18.20
CA LEU D 32 -17.55 14.56 19.63
C LEU D 32 -18.83 14.55 20.46
N LEU D 33 -19.78 15.41 20.10
CA LEU D 33 -21.01 15.50 20.89
C LEU D 33 -21.84 14.22 20.81
N VAL D 34 -21.83 13.54 19.66
CA VAL D 34 -22.59 12.30 19.52
C VAL D 34 -21.90 11.15 20.26
N VAL D 35 -20.61 10.95 19.98
CA VAL D 35 -19.88 9.81 20.52
C VAL D 35 -19.75 9.91 22.04
N TYR D 36 -19.58 11.13 22.56
CA TYR D 36 -19.39 11.37 24.00
C TYR D 36 -20.47 12.32 24.48
N PRO D 37 -21.62 11.80 24.92
CA PRO D 37 -22.78 12.68 25.18
C PRO D 37 -22.53 13.74 26.23
N TRP D 38 -21.71 13.48 27.25
CA TRP D 38 -21.54 14.44 28.33
C TRP D 38 -20.96 15.76 27.83
N THR D 39 -20.34 15.77 26.64
CA THR D 39 -19.81 17.01 26.07
C THR D 39 -20.92 17.99 25.71
N GLN D 40 -22.15 17.51 25.54
CA GLN D 40 -23.28 18.40 25.26
C GLN D 40 -23.59 19.31 26.43
N ARG D 41 -23.12 18.97 27.63
CA ARG D 41 -23.42 19.76 28.82
C ARG D 41 -22.94 21.20 28.68
N PHE D 42 -21.83 21.41 27.98
CA PHE D 42 -21.24 22.74 27.86
C PHE D 42 -21.89 23.58 26.77
N PHE D 43 -22.74 22.98 25.93
CA PHE D 43 -23.34 23.68 24.80
C PHE D 43 -24.86 23.65 24.88
N GLU D 44 -25.41 23.92 26.06
CA GLU D 44 -26.86 23.88 26.23
C GLU D 44 -27.54 25.03 25.49
N SER D 45 -26.80 26.05 25.09
CA SER D 45 -27.36 27.20 24.39
C SER D 45 -27.58 26.93 22.90
N PHE D 46 -27.09 25.80 22.38
CA PHE D 46 -27.15 25.53 20.95
C PHE D 46 -28.48 24.94 20.52
N GLY D 47 -29.41 24.71 21.45
CA GLY D 47 -30.70 24.17 21.10
C GLY D 47 -30.74 22.65 21.09
N ASP D 48 -31.41 22.08 20.09
CA ASP D 48 -31.63 20.64 20.05
C ASP D 48 -30.31 19.92 19.79
N LEU D 49 -29.92 19.04 20.72
CA LEU D 49 -28.71 18.25 20.58
C LEU D 49 -28.96 16.78 20.91
N SER D 50 -30.23 16.36 20.91
CA SER D 50 -30.62 15.07 21.48
C SER D 50 -30.47 13.90 20.52
N THR D 51 -30.26 14.14 19.24
CA THR D 51 -30.12 13.07 18.25
C THR D 51 -28.95 13.39 17.35
N PRO D 52 -28.33 12.37 16.74
CA PRO D 52 -27.23 12.64 15.81
C PRO D 52 -27.61 13.57 14.66
N ASP D 53 -28.82 13.41 14.11
CA ASP D 53 -29.26 14.28 13.02
C ASP D 53 -29.37 15.72 13.48
N ALA D 54 -29.92 15.94 14.68
CA ALA D 54 -30.04 17.30 15.21
C ALA D 54 -28.67 17.93 15.43
N VAL D 55 -27.71 17.14 15.93
CA VAL D 55 -26.37 17.66 16.16
C VAL D 55 -25.71 18.02 14.83
N MET D 56 -25.75 17.11 13.86
CA MET D 56 -25.05 17.33 12.60
C MET D 56 -25.70 18.41 11.74
N GLY D 57 -26.98 18.70 11.95
CA GLY D 57 -27.64 19.76 11.23
C GLY D 57 -27.69 21.11 11.93
N ASN D 58 -26.98 21.25 13.04
CA ASN D 58 -27.06 22.47 13.83
C ASN D 58 -26.13 23.53 13.24
N PRO D 59 -26.61 24.76 13.04
CA PRO D 59 -25.70 25.81 12.52
C PRO D 59 -24.70 26.31 13.55
N LYS D 60 -25.12 26.41 14.82
CA LYS D 60 -24.20 26.88 15.85
C LYS D 60 -23.03 25.91 16.02
N VAL D 61 -23.30 24.61 15.86
CA VAL D 61 -22.23 23.62 15.94
C VAL D 61 -21.21 23.86 14.85
N LYS D 62 -21.66 24.15 13.62
CA LYS D 62 -20.73 24.39 12.53
C LYS D 62 -19.95 25.68 12.74
N ALA D 63 -20.61 26.73 13.20
CA ALA D 63 -19.90 27.97 13.50
C ALA D 63 -18.81 27.75 14.54
N HIS D 64 -19.13 27.01 15.61
CA HIS D 64 -18.14 26.82 16.66
C HIS D 64 -17.04 25.88 16.22
N GLY D 65 -17.35 24.89 15.39
CA GLY D 65 -16.31 24.06 14.82
C GLY D 65 -15.37 24.85 13.93
N LYS D 66 -15.93 25.82 13.19
CA LYS D 66 -15.09 26.73 12.42
C LYS D 66 -14.15 27.50 13.33
N LYS D 67 -14.66 28.01 14.45
CA LYS D 67 -13.81 28.73 15.38
C LYS D 67 -12.71 27.82 15.94
N VAL D 68 -13.08 26.60 16.32
CA VAL D 68 -12.13 25.66 16.91
C VAL D 68 -11.04 25.31 15.91
N LEU D 69 -11.42 25.05 14.66
CA LEU D 69 -10.41 24.70 13.66
C LEU D 69 -9.55 25.89 13.29
N GLY D 70 -10.10 27.10 13.36
CA GLY D 70 -9.26 28.28 13.18
C GLY D 70 -8.21 28.39 14.27
N ALA D 71 -8.61 28.18 15.51
CA ALA D 71 -7.64 28.18 16.60
C ALA D 71 -6.61 27.07 16.43
N PHE D 72 -7.06 25.89 16.00
CA PHE D 72 -6.13 24.78 15.75
C PHE D 72 -5.12 25.13 14.68
N SER D 73 -5.57 25.74 13.58
CA SER D 73 -4.67 26.13 12.50
C SER D 73 -3.69 27.19 12.96
N ASP D 74 -4.15 28.14 13.78
CA ASP D 74 -3.24 29.13 14.35
C ASP D 74 -2.11 28.46 15.12
N GLY D 75 -2.44 27.43 15.90
CA GLY D 75 -1.41 26.69 16.60
C GLY D 75 -0.45 25.95 15.68
N LEU D 76 -0.91 25.55 14.50
CA LEU D 76 -0.06 24.83 13.57
C LEU D 76 1.10 25.66 13.05
N ALA D 77 1.03 26.98 13.20
CA ALA D 77 2.13 27.86 12.81
C ALA D 77 3.07 28.17 13.97
N HIS D 78 2.77 27.68 15.17
CA HIS D 78 3.56 27.94 16.36
C HIS D 78 3.88 26.64 17.09
N LEU D 79 4.24 25.59 16.35
CA LEU D 79 4.32 24.25 16.92
C LEU D 79 5.36 24.12 18.01
N ASP D 80 6.29 25.07 18.14
CA ASP D 80 7.32 25.00 19.15
C ASP D 80 6.98 25.79 20.41
N ASN D 81 5.92 26.60 20.37
CA ASN D 81 5.52 27.45 21.50
C ASN D 81 4.02 27.33 21.72
N LEU D 82 3.55 26.08 21.78
CA LEU D 82 2.13 25.82 21.99
C LEU D 82 1.63 26.37 23.31
N LYS D 83 2.43 26.24 24.37
CA LYS D 83 2.01 26.68 25.69
C LYS D 83 1.56 28.14 25.69
N GLY D 84 2.36 29.02 25.09
CA GLY D 84 2.00 30.42 25.06
C GLY D 84 0.94 30.77 24.04
N THR D 85 0.84 29.99 22.96
CA THR D 85 -0.18 30.26 21.95
C THR D 85 -1.58 30.11 22.51
N PHE D 86 -1.78 29.16 23.43
CA PHE D 86 -3.10 28.79 23.89
C PHE D 86 -3.38 29.23 25.33
N ALA D 87 -2.65 30.24 25.81
CA ALA D 87 -2.80 30.66 27.20
C ALA D 87 -4.20 31.19 27.47
N THR D 88 -4.69 32.08 26.58
CA THR D 88 -6.00 32.69 26.81
C THR D 88 -7.12 31.67 26.74
N LEU D 89 -7.06 30.75 25.77
CA LEU D 89 -8.08 29.72 25.66
C LEU D 89 -8.05 28.79 26.88
N SER D 90 -6.86 28.46 27.36
CA SER D 90 -6.77 27.64 28.56
C SER D 90 -7.38 28.35 29.76
N GLU D 91 -7.08 29.65 29.91
CA GLU D 91 -7.67 30.42 31.00
C GLU D 91 -9.19 30.43 30.89
N LEU D 92 -9.71 30.61 29.68
CA LEU D 92 -11.16 30.59 29.49
C LEU D 92 -11.75 29.25 29.92
N HIS D 93 -11.20 28.16 29.38
CA HIS D 93 -11.78 26.85 29.59
C HIS D 93 -11.66 26.39 31.04
N CYS D 94 -10.69 26.91 31.78
CA CYS D 94 -10.64 26.56 33.20
C CYS D 94 -11.49 27.49 34.05
N ASP D 95 -11.41 28.80 33.79
CA ASP D 95 -12.04 29.77 34.70
C ASP D 95 -13.56 29.74 34.58
N LYS D 96 -14.09 29.69 33.37
CA LYS D 96 -15.52 29.85 33.21
C LYS D 96 -16.27 28.53 33.06
N LEU D 97 -15.76 27.61 32.26
CA LEU D 97 -16.49 26.39 31.93
C LEU D 97 -16.10 25.20 32.79
N HIS D 98 -14.84 25.11 33.25
CA HIS D 98 -14.36 23.98 34.05
C HIS D 98 -14.41 22.68 33.25
N VAL D 99 -13.80 22.71 32.08
CA VAL D 99 -13.78 21.56 31.19
C VAL D 99 -12.60 20.67 31.57
N ASP D 100 -12.87 19.38 31.75
CA ASP D 100 -11.83 18.45 32.13
C ASP D 100 -10.81 18.31 31.00
N PRO D 101 -9.52 18.23 31.32
CA PRO D 101 -8.51 18.21 30.25
C PRO D 101 -8.62 17.01 29.31
N GLU D 102 -9.26 15.92 29.72
CA GLU D 102 -9.36 14.77 28.84
C GLU D 102 -10.27 15.03 27.65
N ASN D 103 -11.19 15.97 27.78
CA ASN D 103 -12.08 16.28 26.66
C ASN D 103 -11.33 16.85 25.48
N PHE D 104 -10.24 17.57 25.73
CA PHE D 104 -9.39 18.06 24.66
C PHE D 104 -8.78 16.91 23.86
N ARG D 105 -8.33 15.87 24.55
CA ARG D 105 -7.75 14.71 23.87
C ARG D 105 -8.80 13.95 23.08
N LEU D 106 -10.03 13.85 23.61
CA LEU D 106 -11.11 13.24 22.86
C LEU D 106 -11.38 14.01 21.57
N LEU D 107 -11.42 15.33 21.65
CA LEU D 107 -11.66 16.14 20.46
C LEU D 107 -10.52 15.99 19.46
N GLY D 108 -9.27 15.95 19.95
CA GLY D 108 -8.15 15.74 19.05
C GLY D 108 -8.24 14.41 18.32
N ASN D 109 -8.58 13.35 19.04
CA ASN D 109 -8.71 12.04 18.40
C ASN D 109 -9.84 12.03 17.39
N VAL D 110 -10.96 12.69 17.70
CA VAL D 110 -12.06 12.79 16.75
C VAL D 110 -11.62 13.58 15.51
N LEU D 111 -10.80 14.61 15.71
CA LEU D 111 -10.29 15.38 14.58
C LEU D 111 -9.39 14.52 13.70
N VAL D 112 -8.57 13.67 14.33
CA VAL D 112 -7.74 12.74 13.56
C VAL D 112 -8.61 11.79 12.75
N CYS D 113 -9.68 11.27 13.36
CA CYS D 113 -10.59 10.38 12.65
C CYS D 113 -11.23 11.09 11.47
N VAL D 114 -11.66 12.34 11.66
CA VAL D 114 -12.29 13.10 10.58
C VAL D 114 -11.29 13.34 9.45
N LEU D 115 -10.05 13.67 9.80
CA LEU D 115 -9.02 13.87 8.78
C LEU D 115 -8.79 12.60 7.98
N ALA D 116 -8.71 11.46 8.65
CA ALA D 116 -8.57 10.18 7.95
C ALA D 116 -9.77 9.94 7.04
N HIS D 117 -10.97 10.19 7.54
CA HIS D 117 -12.20 10.00 6.76
C HIS D 117 -12.16 10.83 5.48
N HIS D 118 -11.74 12.09 5.58
CA HIS D 118 -11.76 12.97 4.42
C HIS D 118 -10.65 12.64 3.44
N PHE D 119 -9.44 12.36 3.92
CA PHE D 119 -8.28 12.27 3.06
C PHE D 119 -7.92 10.83 2.69
N GLY D 120 -8.72 9.86 3.12
CA GLY D 120 -8.61 8.50 2.62
C GLY D 120 -7.23 7.90 2.80
N LYS D 121 -6.75 7.24 1.73
CA LYS D 121 -5.52 6.47 1.80
C LYS D 121 -4.29 7.35 1.88
N GLU D 122 -4.41 8.64 1.57
CA GLU D 122 -3.31 9.57 1.71
C GLU D 122 -2.89 9.75 3.16
N PHE D 123 -3.77 9.41 4.10
CA PHE D 123 -3.51 9.58 5.53
C PHE D 123 -2.74 8.35 6.06
N THR D 124 -1.54 8.21 5.53
CA THR D 124 -0.65 7.11 5.84
C THR D 124 -0.25 7.16 7.32
N PRO D 125 0.20 6.05 7.88
CA PRO D 125 0.48 6.02 9.33
C PRO D 125 1.46 7.10 9.78
N PRO D 126 2.52 7.42 9.02
CA PRO D 126 3.43 8.48 9.49
C PRO D 126 2.77 9.83 9.71
N VAL D 127 1.90 10.26 8.78
CA VAL D 127 1.23 11.54 8.99
C VAL D 127 0.26 11.44 10.16
N GLN D 128 -0.31 10.25 10.38
CA GLN D 128 -1.16 10.07 11.55
C GLN D 128 -0.36 10.25 12.83
N ALA D 129 0.84 9.69 12.88
CA ALA D 129 1.68 9.86 14.07
C ALA D 129 2.05 11.33 14.28
N ALA D 130 2.37 12.03 13.19
CA ALA D 130 2.66 13.45 13.30
C ALA D 130 1.47 14.21 13.87
N TYR D 131 0.28 13.92 13.37
CA TYR D 131 -0.91 14.63 13.85
C TYR D 131 -1.26 14.23 15.27
N GLN D 132 -0.93 13.00 15.67
CA GLN D 132 -1.08 12.61 17.06
C GLN D 132 -0.19 13.46 17.96
N LYS D 133 1.06 13.67 17.54
CA LYS D 133 1.94 14.55 18.31
C LYS D 133 1.37 15.96 18.38
N VAL D 134 0.84 16.46 17.27
CA VAL D 134 0.28 17.82 17.23
C VAL D 134 -0.89 17.94 18.20
N VAL D 135 -1.84 17.01 18.13
CA VAL D 135 -3.04 17.10 18.97
C VAL D 135 -2.70 16.86 20.44
N ALA D 136 -1.76 15.97 20.72
CA ALA D 136 -1.30 15.81 22.10
C ALA D 136 -0.71 17.10 22.63
N GLY D 137 0.09 17.79 21.81
CA GLY D 137 0.64 19.06 22.22
C GLY D 137 -0.44 20.10 22.49
N VAL D 138 -1.43 20.18 21.61
CA VAL D 138 -2.51 21.15 21.78
C VAL D 138 -3.29 20.86 23.06
N ALA D 139 -3.58 19.58 23.31
CA ALA D 139 -4.31 19.20 24.51
C ALA D 139 -3.52 19.54 25.77
N ASN D 140 -2.21 19.23 25.78
CA ASN D 140 -1.39 19.58 26.93
C ASN D 140 -1.33 21.08 27.14
N ALA D 141 -1.26 21.84 26.05
CA ALA D 141 -1.23 23.30 26.17
C ALA D 141 -2.52 23.82 26.76
N LEU D 142 -3.66 23.32 26.30
CA LEU D 142 -4.96 23.73 26.83
C LEU D 142 -5.25 23.15 28.20
N ALA D 143 -4.43 22.21 28.69
CA ALA D 143 -4.74 21.52 29.94
C ALA D 143 -4.97 22.50 31.08
N HIS D 144 -4.03 23.42 31.27
CA HIS D 144 -4.12 24.40 32.36
C HIS D 144 -2.94 25.38 32.30
N SER E 47 -12.95 35.79 83.80
CA SER E 47 -13.56 34.64 83.14
C SER E 47 -12.92 34.39 81.78
N VAL E 48 -12.93 33.13 81.34
CA VAL E 48 -12.63 32.79 79.97
C VAL E 48 -13.76 31.92 79.42
N ARG E 49 -14.00 32.05 78.12
CA ARG E 49 -14.94 31.20 77.39
C ARG E 49 -14.19 30.42 76.33
N TYR E 50 -14.29 29.09 76.37
CA TYR E 50 -13.60 28.25 75.40
C TYR E 50 -14.40 28.19 74.11
N GLN E 51 -13.70 28.26 72.98
CA GLN E 51 -14.32 28.12 71.67
C GLN E 51 -13.43 27.27 70.78
N CYS E 52 -14.08 26.52 69.91
CA CYS E 52 -13.39 25.63 68.98
C CYS E 52 -13.16 26.37 67.67
N LYS E 53 -12.00 26.13 67.06
CA LYS E 53 -11.64 26.86 65.86
C LYS E 53 -12.48 26.39 64.67
N ASN E 54 -12.19 26.97 63.52
CA ASN E 54 -12.92 26.67 62.29
C ASN E 54 -12.93 25.18 61.98
N TYR E 55 -14.09 24.69 61.52
CA TYR E 55 -14.33 23.28 61.20
C TYR E 55 -14.25 22.37 62.40
N TYR E 56 -14.37 22.89 63.61
CA TYR E 56 -14.41 22.06 64.80
C TYR E 56 -15.64 22.44 65.61
N LYS E 57 -15.89 21.69 66.69
CA LYS E 57 -17.05 21.93 67.52
C LYS E 57 -16.86 21.25 68.87
N LEU E 58 -17.29 21.92 69.93
CA LEU E 58 -17.23 21.34 71.27
C LEU E 58 -18.32 20.28 71.43
N ARG E 59 -17.94 19.12 71.96
CA ARG E 59 -18.88 18.01 72.10
C ARG E 59 -19.24 17.69 73.54
N THR E 60 -18.48 18.17 74.52
CA THR E 60 -18.77 17.87 75.91
C THR E 60 -20.01 18.62 76.37
N GLU E 61 -20.58 18.16 77.48
CA GLU E 61 -21.79 18.77 78.02
C GLU E 61 -21.41 19.97 78.88
N GLY E 62 -22.38 20.50 79.62
CA GLY E 62 -22.12 21.64 80.48
C GLY E 62 -21.94 22.90 79.66
N ASP E 63 -20.91 23.68 80.03
CA ASP E 63 -20.66 24.97 79.40
C ASP E 63 -19.15 25.19 79.30
N GLY E 64 -18.73 25.85 78.23
CA GLY E 64 -17.33 26.11 77.98
C GLY E 64 -16.78 27.34 78.64
N VAL E 65 -17.57 28.04 79.44
CA VAL E 65 -17.12 29.21 80.18
C VAL E 65 -16.56 28.76 81.53
N TYR E 66 -15.32 29.17 81.81
CA TYR E 66 -14.65 28.81 83.05
C TYR E 66 -14.23 30.08 83.77
N THR E 67 -14.65 30.19 85.04
CA THR E 67 -14.34 31.33 85.89
C THR E 67 -13.19 30.99 86.83
N LEU E 68 -12.28 31.92 87.01
CA LEU E 68 -11.12 31.69 87.88
C LEU E 68 -11.54 31.78 89.34
N ASN E 69 -10.90 30.97 90.18
CA ASN E 69 -11.26 30.80 91.57
C ASN E 69 -10.44 31.69 92.49
N ASN E 70 -10.77 31.66 93.78
CA ASN E 70 -9.84 32.13 94.81
C ASN E 70 -8.78 31.08 95.12
N GLU E 71 -9.04 29.83 94.77
CA GLU E 71 -8.05 28.75 94.80
C GLU E 71 -7.19 28.73 93.55
N LYS E 72 -7.38 29.71 92.65
CA LYS E 72 -6.68 29.80 91.37
C LYS E 72 -6.81 28.50 90.58
N GLN E 73 -8.00 27.92 90.64
CA GLN E 73 -8.39 26.76 89.84
C GLN E 73 -9.38 27.24 88.79
N TRP E 74 -9.39 26.57 87.64
CA TRP E 74 -10.29 26.91 86.55
C TRP E 74 -11.49 25.97 86.61
N ILE E 75 -12.64 26.50 87.03
CA ILE E 75 -13.79 25.69 87.42
C ILE E 75 -15.02 26.20 86.69
N ASN E 76 -15.57 25.37 85.80
CA ASN E 76 -16.86 25.63 85.21
C ASN E 76 -17.94 25.10 86.16
N LYS E 77 -18.88 25.96 86.54
CA LYS E 77 -19.85 25.62 87.57
C LYS E 77 -20.74 24.45 87.20
N ALA E 78 -20.62 23.93 85.98
CA ALA E 78 -21.37 22.74 85.57
C ALA E 78 -20.54 21.47 85.63
N VAL E 79 -19.43 21.41 84.89
CA VAL E 79 -18.57 20.23 84.86
C VAL E 79 -17.37 20.35 85.77
N GLY E 80 -17.19 21.46 86.47
CA GLY E 80 -16.09 21.64 87.39
C GLY E 80 -14.71 21.74 86.77
N ASP E 81 -13.84 20.80 87.13
CA ASP E 81 -12.45 20.79 86.69
C ASP E 81 -12.25 20.27 85.26
N LYS E 82 -13.25 19.64 84.67
CA LYS E 82 -13.05 18.92 83.41
C LYS E 82 -13.15 19.86 82.22
N LEU E 83 -12.14 19.86 81.38
CA LEU E 83 -12.14 20.71 80.20
C LEU E 83 -13.05 20.11 79.14
N PRO E 84 -13.41 20.88 78.11
CA PRO E 84 -14.05 20.32 76.93
C PRO E 84 -13.03 19.86 75.89
N GLU E 85 -13.55 19.20 74.86
CA GLU E 85 -12.75 18.79 73.72
C GLU E 85 -13.45 19.22 72.45
N CYS E 86 -12.66 19.44 71.41
CA CYS E 86 -13.17 19.91 70.13
C CYS E 86 -13.24 18.77 69.13
N GLU E 87 -14.45 18.43 68.68
CA GLU E 87 -14.62 17.42 67.67
C GLU E 87 -14.65 18.12 66.31
N ALA E 88 -14.80 17.36 65.24
CA ALA E 88 -14.72 17.92 63.89
C ALA E 88 -16.09 17.88 63.23
N VAL E 89 -16.41 18.93 62.48
CA VAL E 89 -17.64 18.92 61.70
C VAL E 89 -17.60 17.76 60.73
N CYS E 90 -18.71 17.05 60.62
CA CYS E 90 -18.81 15.88 59.75
C CYS E 90 -19.90 16.10 58.71
N GLY E 91 -19.51 16.62 57.55
CA GLY E 91 -20.43 16.67 56.43
C GLY E 91 -20.75 18.06 55.92
N LYS E 92 -20.13 19.11 56.44
CA LYS E 92 -20.42 20.48 56.01
C LYS E 92 -19.28 21.00 55.14
N PRO E 93 -19.32 20.75 53.83
CA PRO E 93 -18.22 21.21 52.98
C PRO E 93 -18.28 22.71 52.77
N LYS E 94 -17.11 23.34 52.73
CA LYS E 94 -17.04 24.79 52.64
C LYS E 94 -17.80 25.30 51.42
N ASN E 95 -17.39 24.88 50.24
CA ASN E 95 -18.05 25.30 49.00
C ASN E 95 -18.74 24.10 48.35
N PRO E 96 -19.96 23.74 48.79
CA PRO E 96 -20.68 22.60 48.21
C PRO E 96 -20.74 22.58 46.69
N ALA E 97 -20.99 21.39 46.14
CA ALA E 97 -21.17 21.17 44.70
C ALA E 97 -20.11 21.88 43.86
N HIS E 107 -19.10 13.18 34.72
CA HIS E 107 -17.79 13.67 34.38
C HIS E 107 -17.69 15.18 34.55
N LEU E 108 -17.73 15.64 35.79
CA LEU E 108 -17.57 17.05 36.12
C LEU E 108 -16.30 17.23 36.92
N ASP E 109 -15.47 18.16 36.49
CA ASP E 109 -14.23 18.44 37.21
C ASP E 109 -14.53 18.89 38.62
N ALA E 110 -13.76 18.40 39.58
CA ALA E 110 -13.92 18.76 40.97
C ALA E 110 -12.93 19.87 41.29
N LYS E 111 -13.44 21.07 41.45
CA LYS E 111 -12.70 22.23 41.95
C LYS E 111 -13.46 22.81 43.13
N GLY E 112 -14.34 22.01 43.71
CA GLY E 112 -15.20 22.43 44.78
C GLY E 112 -14.90 21.75 46.10
N SER E 113 -15.88 21.00 46.62
CA SER E 113 -15.76 20.43 47.97
C SER E 113 -16.13 18.95 48.09
N PHE E 114 -15.17 18.07 47.83
CA PHE E 114 -15.32 16.64 48.13
C PHE E 114 -14.19 16.26 49.06
N PRO E 115 -14.10 16.91 50.23
CA PRO E 115 -12.93 16.70 51.11
C PRO E 115 -12.77 15.29 51.66
N TRP E 116 -13.87 14.55 51.80
CA TRP E 116 -13.80 13.18 52.30
C TRP E 116 -13.13 12.21 51.35
N GLN E 117 -12.87 12.59 50.11
CA GLN E 117 -12.32 11.65 49.16
C GLN E 117 -10.82 11.48 49.42
N ALA E 118 -10.38 10.22 49.44
CA ALA E 118 -8.98 9.90 49.57
C ALA E 118 -8.53 9.07 48.38
N LYS E 119 -7.24 9.12 48.12
CA LYS E 119 -6.62 8.39 47.02
C LYS E 119 -5.61 7.44 47.61
N MET E 120 -5.72 6.15 47.26
CA MET E 120 -4.79 5.15 47.76
C MET E 120 -4.20 4.41 46.57
N VAL E 121 -2.89 4.23 46.60
CA VAL E 121 -2.15 3.62 45.50
C VAL E 121 -1.49 2.35 46.02
N SER E 122 -1.72 1.24 45.32
CA SER E 122 -1.13 -0.03 45.68
C SER E 122 0.34 -0.06 45.24
N HIS E 123 1.06 -1.07 45.73
CA HIS E 123 2.49 -1.14 45.48
C HIS E 123 2.83 -1.59 44.06
N HIS E 124 1.84 -1.77 43.19
CA HIS E 124 2.10 -1.92 41.76
C HIS E 124 1.42 -0.82 40.96
N ASN E 125 1.26 0.35 41.58
CA ASN E 125 0.90 1.60 40.90
C ASN E 125 -0.54 1.62 40.42
N LEU E 126 -1.43 0.85 41.04
CA LEU E 126 -2.86 0.92 40.74
C LEU E 126 -3.56 1.82 41.75
N THR E 127 -4.40 2.71 41.26
CA THR E 127 -5.06 3.73 42.05
C THR E 127 -6.48 3.30 42.37
N THR E 128 -6.89 3.49 43.62
CA THR E 128 -8.27 3.22 44.04
C THR E 128 -8.70 4.37 44.94
N GLY E 129 -9.83 4.21 45.62
CA GLY E 129 -10.39 5.28 46.42
C GLY E 129 -10.69 4.83 47.85
N ALA E 130 -10.85 5.82 48.71
CA ALA E 130 -11.28 5.59 50.09
C ALA E 130 -12.04 6.82 50.58
N THR E 131 -12.87 6.60 51.60
CA THR E 131 -13.72 7.63 52.16
C THR E 131 -13.31 7.90 53.61
N LEU E 132 -13.18 9.18 53.96
CA LEU E 132 -12.75 9.58 55.29
C LEU E 132 -13.98 9.68 56.20
N ILE E 133 -14.09 8.78 57.16
CA ILE E 133 -15.28 8.70 58.01
C ILE E 133 -15.14 9.59 59.24
N ASN E 134 -13.99 9.57 59.90
CA ASN E 134 -13.69 10.51 60.97
C ASN E 134 -12.23 10.92 60.85
N GLU E 135 -11.71 11.57 61.88
CA GLU E 135 -10.37 12.14 61.80
C GLU E 135 -9.26 11.09 61.73
N GLN E 136 -9.55 9.83 62.07
CA GLN E 136 -8.49 8.83 62.15
C GLN E 136 -8.82 7.54 61.42
N TRP E 137 -10.02 7.39 60.88
CA TRP E 137 -10.42 6.15 60.21
C TRP E 137 -10.94 6.45 58.81
N LEU E 138 -10.69 5.53 57.89
CA LEU E 138 -11.19 5.61 56.53
C LEU E 138 -11.91 4.32 56.17
N LEU E 139 -12.85 4.41 55.25
CA LEU E 139 -13.67 3.29 54.82
C LEU E 139 -13.43 3.03 53.36
N THR E 140 -13.15 1.78 53.01
CA THR E 140 -12.77 1.43 51.65
C THR E 140 -13.33 0.06 51.32
N THR E 141 -12.92 -0.45 50.17
CA THR E 141 -13.34 -1.75 49.65
C THR E 141 -12.30 -2.81 49.98
N ALA E 142 -12.76 -3.99 50.37
CA ALA E 142 -11.84 -5.06 50.74
C ALA E 142 -10.97 -5.48 49.55
N LYS E 143 -11.59 -5.59 48.37
CA LYS E 143 -10.84 -5.96 47.17
C LYS E 143 -9.72 -4.96 46.89
N ASN E 144 -9.90 -3.70 47.30
CA ASN E 144 -8.84 -2.72 47.17
C ASN E 144 -7.62 -3.11 47.98
N LEU E 145 -7.84 -3.59 49.20
CA LEU E 145 -6.74 -3.94 50.09
C LEU E 145 -6.03 -5.22 49.67
N PHE E 146 -6.75 -6.13 49.00
CA PHE E 146 -6.20 -7.39 48.54
C PHE E 146 -5.50 -7.29 47.20
N LEU E 147 -5.10 -6.10 46.77
CA LEU E 147 -4.42 -5.95 45.49
C LEU E 147 -2.98 -6.45 45.61
N ASN E 148 -2.59 -7.31 44.67
CA ASN E 148 -1.21 -7.81 44.54
C ASN E 148 -0.80 -8.68 45.73
N HIS E 149 -1.68 -9.60 46.10
CA HIS E 149 -1.33 -10.72 46.98
C HIS E 149 -2.53 -11.65 47.10
N SER E 150 -2.23 -12.91 47.43
CA SER E 150 -3.25 -13.93 47.57
C SER E 150 -4.22 -13.56 48.70
N GLU E 151 -5.49 -13.95 48.52
CA GLU E 151 -6.51 -13.58 49.49
C GLU E 151 -6.32 -14.27 50.84
N ASN E 152 -5.28 -15.09 51.00
CA ASN E 152 -4.91 -15.63 52.29
C ASN E 152 -4.12 -14.64 53.14
N ALA E 153 -3.72 -13.51 52.57
CA ALA E 153 -2.87 -12.56 53.28
C ALA E 153 -3.59 -11.95 54.46
N THR E 154 -2.87 -11.76 55.55
CA THR E 154 -3.44 -11.15 56.74
C THR E 154 -3.46 -9.63 56.62
N ALA E 155 -4.23 -8.99 57.50
CA ALA E 155 -4.31 -7.54 57.52
C ALA E 155 -2.97 -6.89 57.86
N LYS E 156 -2.10 -7.61 58.58
CA LYS E 156 -0.78 -7.09 58.92
C LYS E 156 0.14 -7.02 57.71
N ASP E 157 -0.11 -7.83 56.68
CA ASP E 157 0.68 -7.79 55.46
C ASP E 157 0.20 -6.75 54.46
N ILE E 158 -0.93 -6.09 54.72
CA ILE E 158 -1.49 -5.12 53.79
C ILE E 158 -1.14 -3.69 54.19
N ALA E 159 -1.20 -3.38 55.48
CA ALA E 159 -0.94 -2.03 55.97
C ALA E 159 0.39 -1.44 55.51
N PRO E 160 1.52 -2.14 55.59
CA PRO E 160 2.81 -1.52 55.21
C PRO E 160 3.06 -1.45 53.71
N THR E 161 2.06 -1.70 52.87
CA THR E 161 2.23 -1.72 51.43
C THR E 161 1.33 -0.73 50.69
N LEU E 162 0.70 0.20 51.41
CA LEU E 162 -0.24 1.13 50.83
C LEU E 162 0.20 2.56 51.07
N THR E 163 -0.02 3.41 50.06
CA THR E 163 0.16 4.84 50.19
C THR E 163 -1.22 5.51 50.08
N LEU E 164 -1.47 6.50 50.93
CA LEU E 164 -2.77 7.12 51.03
C LEU E 164 -2.62 8.63 51.03
N TYR E 165 -3.35 9.29 50.14
CA TYR E 165 -3.32 10.74 49.99
C TYR E 165 -4.68 11.33 50.33
N VAL E 166 -4.66 12.55 50.89
CA VAL E 166 -5.86 13.34 51.11
C VAL E 166 -5.58 14.75 50.61
N GLY E 167 -6.65 15.46 50.27
CA GLY E 167 -6.53 16.85 49.87
C GLY E 167 -5.61 17.02 48.68
N LYS E 168 -4.75 18.04 48.76
CA LYS E 168 -3.81 18.36 47.68
C LYS E 168 -2.54 17.53 47.84
N LYS E 169 -2.68 16.24 47.50
CA LYS E 169 -1.57 15.28 47.51
C LYS E 169 -0.86 15.22 48.85
N GLN E 170 -1.60 15.42 49.94
CA GLN E 170 -1.03 15.30 51.27
C GLN E 170 -0.97 13.84 51.67
N LEU E 171 0.21 13.37 52.04
CA LEU E 171 0.40 11.97 52.40
C LEU E 171 0.07 11.75 53.88
N VAL E 172 -0.61 10.64 54.15
CA VAL E 172 -0.94 10.23 55.51
C VAL E 172 -0.51 8.79 55.70
N GLU E 173 -0.01 8.48 56.90
CA GLU E 173 0.50 7.15 57.20
C GLU E 173 -0.59 6.26 57.76
N ILE E 174 -0.42 4.95 57.55
CA ILE E 174 -1.41 3.94 57.94
C ILE E 174 -0.83 3.11 59.07
N GLU E 175 -1.64 2.85 60.09
CA GLU E 175 -1.25 2.06 61.25
C GLU E 175 -1.75 0.62 61.19
N LYS E 176 -3.03 0.42 60.91
CA LYS E 176 -3.58 -0.92 60.82
C LYS E 176 -4.81 -0.90 59.92
N VAL E 177 -5.18 -2.09 59.45
CA VAL E 177 -6.30 -2.29 58.55
C VAL E 177 -7.20 -3.37 59.14
N VAL E 178 -8.52 -3.14 59.06
CA VAL E 178 -9.50 -4.07 59.61
C VAL E 178 -10.46 -4.44 58.49
N LEU E 179 -10.35 -5.67 58.00
CA LEU E 179 -11.28 -6.18 57.02
C LEU E 179 -12.56 -6.65 57.70
N HIS E 180 -13.63 -6.71 56.93
CA HIS E 180 -14.90 -7.18 57.48
C HIS E 180 -14.78 -8.67 57.79
N PRO E 181 -15.41 -9.14 58.87
CA PRO E 181 -15.40 -10.58 59.16
C PRO E 181 -16.02 -11.41 58.05
N ASN E 182 -16.94 -10.84 57.28
CA ASN E 182 -17.64 -11.55 56.22
C ASN E 182 -17.41 -10.87 54.88
N TYR E 183 -16.17 -10.52 54.57
CA TYR E 183 -15.90 -9.67 53.41
C TYR E 183 -16.23 -10.33 52.09
N SER E 184 -16.51 -11.64 52.08
CA SER E 184 -16.99 -12.28 50.87
C SER E 184 -18.41 -11.86 50.53
N GLN E 185 -19.18 -11.37 51.52
CA GLN E 185 -20.53 -10.89 51.32
C GLN E 185 -20.67 -9.40 51.54
N VAL E 186 -20.04 -8.87 52.59
CA VAL E 186 -20.01 -7.42 52.83
C VAL E 186 -18.60 -6.95 52.57
N ASP E 187 -18.34 -6.49 51.36
CA ASP E 187 -16.99 -6.22 50.86
C ASP E 187 -16.60 -4.82 51.34
N ILE E 188 -16.05 -4.74 52.54
CA ILE E 188 -15.74 -3.47 53.19
C ILE E 188 -14.49 -3.66 54.05
N GLY E 189 -13.72 -2.58 54.19
CA GLY E 189 -12.56 -2.60 55.07
C GLY E 189 -12.31 -1.23 55.65
N LEU E 190 -11.61 -1.21 56.79
CA LEU E 190 -11.31 0.01 57.52
C LEU E 190 -9.81 0.26 57.54
N ILE E 191 -9.43 1.53 57.42
CA ILE E 191 -8.04 1.96 57.51
C ILE E 191 -7.91 2.89 58.70
N LYS E 192 -6.91 2.63 59.55
CA LYS E 192 -6.60 3.49 60.69
C LYS E 192 -5.30 4.23 60.44
N LEU E 193 -5.35 5.56 60.55
CA LEU E 193 -4.16 6.39 60.42
C LEU E 193 -3.38 6.44 61.73
N LYS E 194 -2.07 6.69 61.62
CA LYS E 194 -1.24 6.75 62.82
C LYS E 194 -1.65 7.91 63.73
N GLN E 195 -1.98 9.05 63.15
CA GLN E 195 -2.39 10.22 63.92
C GLN E 195 -3.58 10.89 63.25
N LYS E 196 -4.36 11.59 64.07
CA LYS E 196 -5.55 12.26 63.57
C LYS E 196 -5.19 13.25 62.48
N VAL E 197 -6.02 13.29 61.44
CA VAL E 197 -5.84 14.24 60.36
C VAL E 197 -6.43 15.58 60.77
N SER E 198 -5.79 16.67 60.35
CA SER E 198 -6.23 18.01 60.70
C SER E 198 -7.31 18.45 59.73
N VAL E 199 -8.52 18.70 60.25
CA VAL E 199 -9.64 19.06 59.40
C VAL E 199 -9.48 20.49 58.92
N ASN E 200 -9.65 20.69 57.62
CA ASN E 200 -9.52 22.01 57.01
C ASN E 200 -10.36 22.02 55.73
N GLU E 201 -10.13 23.02 54.89
CA GLU E 201 -10.94 23.19 53.70
C GLU E 201 -10.80 22.03 52.73
N ARG E 202 -9.64 21.37 52.74
CA ARG E 202 -9.36 20.29 51.81
C ARG E 202 -9.55 18.90 52.40
N VAL E 203 -9.54 18.78 53.73
CA VAL E 203 -9.74 17.50 54.41
C VAL E 203 -10.86 17.65 55.41
N MET E 204 -11.87 16.79 55.30
CA MET E 204 -13.04 16.83 56.18
C MET E 204 -13.82 15.53 56.07
N PRO E 205 -14.22 14.93 57.19
CA PRO E 205 -14.98 13.68 57.14
C PRO E 205 -16.39 13.87 56.60
N ILE E 206 -16.97 12.76 56.17
CA ILE E 206 -18.39 12.69 55.81
C ILE E 206 -19.01 11.67 56.76
N CYS E 207 -19.58 12.14 57.85
CA CYS E 207 -19.94 11.18 58.88
C CYS E 207 -21.21 10.43 58.50
N LEU E 208 -21.42 9.31 59.19
CA LEU E 208 -22.34 8.29 58.75
C LEU E 208 -23.78 8.74 58.94
N PRO E 209 -24.71 8.14 58.22
CA PRO E 209 -26.12 8.56 58.31
C PRO E 209 -26.89 7.85 59.40
N SER E 210 -28.01 8.45 59.76
CA SER E 210 -28.92 7.87 60.74
C SER E 210 -30.14 7.19 60.11
N LYS E 211 -30.45 7.52 58.86
CA LYS E 211 -31.59 6.95 58.17
C LYS E 211 -31.20 6.58 56.76
N ASP E 212 -32.04 5.77 56.11
CA ASP E 212 -31.71 5.17 54.83
C ASP E 212 -32.13 6.14 53.73
N TYR E 213 -31.15 6.64 52.98
CA TYR E 213 -31.38 7.53 51.86
C TYR E 213 -31.36 6.81 50.52
N ALA E 214 -31.21 5.48 50.53
CA ALA E 214 -31.15 4.70 49.29
C ALA E 214 -32.55 4.45 48.74
N GLU E 215 -33.32 5.52 48.57
CA GLU E 215 -34.64 5.40 47.97
C GLU E 215 -34.53 5.43 46.46
N VAL E 216 -35.44 4.71 45.80
CA VAL E 216 -35.42 4.67 44.34
C VAL E 216 -35.64 6.08 43.80
N GLY E 217 -34.75 6.53 42.94
CA GLY E 217 -34.83 7.84 42.34
C GLY E 217 -33.91 8.87 42.96
N ARG E 218 -33.43 8.63 44.18
CA ARG E 218 -32.52 9.57 44.83
C ARG E 218 -31.25 9.71 44.00
N VAL E 219 -30.80 10.95 43.82
CA VAL E 219 -29.59 11.24 43.06
C VAL E 219 -28.46 11.49 44.04
N GLY E 220 -27.38 10.75 43.89
CA GLY E 220 -26.22 10.91 44.75
C GLY E 220 -24.99 11.31 43.96
N TYR E 221 -23.99 11.84 44.66
CA TYR E 221 -22.76 12.28 44.03
C TYR E 221 -21.67 11.27 44.32
N VAL E 222 -20.89 10.93 43.30
CA VAL E 222 -19.80 9.96 43.43
C VAL E 222 -18.54 10.60 42.89
N SER E 223 -17.57 10.83 43.77
CA SER E 223 -16.25 11.30 43.37
C SER E 223 -15.34 10.09 43.16
N GLY E 224 -14.35 10.24 42.29
CA GLY E 224 -13.51 9.11 41.95
C GLY E 224 -12.18 9.52 41.37
N TRP E 225 -11.17 8.71 41.65
CA TRP E 225 -9.82 8.88 41.12
C TRP E 225 -9.50 7.86 40.05
N GLY E 226 -10.50 7.17 39.53
CA GLY E 226 -10.31 6.06 38.63
C GLY E 226 -10.18 6.47 37.19
N ARG E 227 -10.31 5.47 36.32
CA ARG E 227 -9.96 5.61 34.92
C ARG E 227 -11.07 6.32 34.15
N ASN E 228 -10.68 7.18 33.21
CA ASN E 228 -11.58 7.99 32.43
C ASN E 228 -11.88 7.29 31.10
N ALA E 229 -12.48 8.03 30.17
CA ALA E 229 -12.93 7.43 28.91
C ALA E 229 -11.78 6.83 28.12
N ASN E 230 -10.57 7.36 28.28
CA ASN E 230 -9.39 6.79 27.64
C ASN E 230 -8.73 5.71 28.49
N PHE E 231 -9.43 5.18 29.48
CA PHE E 231 -8.91 4.16 30.40
C PHE E 231 -7.60 4.61 31.03
N LYS E 232 -7.44 5.91 31.24
CA LYS E 232 -6.30 6.47 31.93
C LYS E 232 -6.73 6.99 33.30
N PHE E 233 -5.93 6.72 34.32
CA PHE E 233 -6.24 7.24 35.64
C PHE E 233 -6.33 8.76 35.58
N THR E 234 -7.39 9.30 36.18
CA THR E 234 -7.66 10.73 36.05
C THR E 234 -6.60 11.56 36.75
N ASP E 235 -6.17 12.64 36.09
CA ASP E 235 -5.21 13.55 36.69
C ASP E 235 -5.88 14.42 37.77
N HIS E 236 -7.11 14.86 37.52
CA HIS E 236 -7.86 15.68 38.45
C HIS E 236 -9.11 14.94 38.91
N LEU E 237 -9.53 15.24 40.13
CA LEU E 237 -10.70 14.59 40.71
C LEU E 237 -11.97 14.98 39.96
N LYS E 238 -12.84 14.02 39.73
CA LYS E 238 -14.09 14.22 39.01
C LYS E 238 -15.24 13.67 39.85
N TYR E 239 -16.45 14.15 39.56
CA TYR E 239 -17.65 13.64 40.20
C TYR E 239 -18.79 13.57 39.21
N VAL E 240 -19.81 12.78 39.56
CA VAL E 240 -20.91 12.49 38.67
C VAL E 240 -22.16 12.23 39.51
N MET E 241 -23.32 12.62 39.00
CA MET E 241 -24.58 12.49 39.73
C MET E 241 -25.35 11.29 39.20
N LEU E 242 -25.63 10.33 40.07
CA LEU E 242 -26.21 9.05 39.71
C LEU E 242 -27.48 8.80 40.51
N PRO E 243 -28.51 8.24 39.88
CA PRO E 243 -29.73 7.89 40.61
C PRO E 243 -29.69 6.46 41.13
N VAL E 244 -30.52 6.21 42.14
CA VAL E 244 -30.65 4.87 42.70
C VAL E 244 -31.65 4.08 41.86
N ALA E 245 -31.26 2.90 41.43
CA ALA E 245 -32.12 2.03 40.65
C ALA E 245 -32.78 0.99 41.55
N ASP E 246 -33.80 0.33 41.00
CA ASP E 246 -34.52 -0.67 41.77
C ASP E 246 -33.79 -2.00 41.71
N GLN E 247 -33.88 -2.74 42.82
CA GLN E 247 -33.04 -3.93 42.99
C GLN E 247 -33.35 -5.00 41.94
N ASP E 248 -34.64 -5.20 41.63
CA ASP E 248 -35.03 -6.29 40.75
C ASP E 248 -34.35 -6.20 39.39
N GLN E 249 -34.37 -5.01 38.79
CA GLN E 249 -33.73 -4.83 37.49
C GLN E 249 -32.23 -5.09 37.55
N CYS E 250 -31.57 -4.61 38.60
CA CYS E 250 -30.13 -4.82 38.74
C CYS E 250 -29.80 -6.30 38.89
N ILE E 251 -30.57 -7.00 39.74
CA ILE E 251 -30.33 -8.42 39.96
C ILE E 251 -30.57 -9.19 38.68
N ARG E 252 -31.64 -8.89 37.96
CA ARG E 252 -31.87 -9.58 36.69
C ARG E 252 -30.77 -9.27 35.69
N HIS E 253 -30.31 -8.02 35.66
CA HIS E 253 -29.25 -7.62 34.74
C HIS E 253 -27.97 -8.39 34.97
N TYR E 254 -27.65 -8.72 36.22
CA TYR E 254 -26.36 -9.37 36.49
C TYR E 254 -26.45 -10.86 36.73
N GLU E 255 -27.53 -11.35 37.33
CA GLU E 255 -27.65 -12.73 37.78
C GLU E 255 -28.75 -13.49 37.07
N GLY E 256 -29.56 -12.85 36.25
CA GLY E 256 -30.62 -13.52 35.53
C GLY E 256 -32.00 -13.49 36.15
N SER E 257 -32.12 -13.85 37.42
CA SER E 257 -33.42 -13.94 38.06
C SER E 257 -33.28 -13.56 39.52
N THR E 258 -34.40 -13.15 40.11
CA THR E 258 -34.46 -12.86 41.55
C THR E 258 -34.71 -14.11 42.37
N VAL E 259 -34.89 -15.26 41.74
CA VAL E 259 -35.08 -16.54 42.42
C VAL E 259 -33.73 -17.13 42.74
N PRO E 260 -33.49 -17.58 43.98
CA PRO E 260 -32.16 -18.11 44.33
C PRO E 260 -31.66 -19.20 43.39
N GLU E 261 -32.53 -20.10 42.95
CA GLU E 261 -32.15 -21.07 41.93
C GLU E 261 -32.34 -20.45 40.55
N LYS E 262 -31.89 -21.18 39.53
CA LYS E 262 -31.88 -20.75 38.13
C LYS E 262 -31.37 -19.31 38.00
N LYS E 263 -30.34 -18.97 38.76
CA LYS E 263 -29.50 -17.81 38.50
C LYS E 263 -28.28 -18.22 37.69
N THR E 264 -27.84 -17.34 36.81
CA THR E 264 -26.67 -17.58 35.98
C THR E 264 -25.85 -16.31 35.88
N PRO E 265 -24.55 -16.41 35.68
CA PRO E 265 -23.76 -15.20 35.44
C PRO E 265 -24.04 -14.60 34.07
N LYS E 266 -24.70 -13.44 34.05
CA LYS E 266 -25.04 -12.75 32.81
C LYS E 266 -24.38 -11.38 32.71
N SER E 267 -23.34 -11.14 33.50
CA SER E 267 -22.73 -9.83 33.58
C SER E 267 -22.18 -9.43 32.21
N PRO E 268 -22.57 -8.27 31.68
CA PRO E 268 -22.05 -7.84 30.37
C PRO E 268 -20.55 -7.60 30.35
N VAL E 269 -19.89 -7.54 31.51
CA VAL E 269 -18.46 -7.27 31.57
C VAL E 269 -17.65 -8.50 31.94
N GLY E 270 -18.30 -9.62 32.24
CA GLY E 270 -17.60 -10.84 32.53
C GLY E 270 -17.21 -11.04 33.98
N VAL E 271 -17.49 -10.08 34.86
CA VAL E 271 -17.18 -10.19 36.27
C VAL E 271 -18.46 -9.92 37.06
N GLN E 272 -18.72 -10.76 38.06
CA GLN E 272 -19.98 -10.71 38.78
C GLN E 272 -19.84 -9.81 40.01
N PRO E 273 -20.77 -8.88 40.23
CA PRO E 273 -20.78 -8.13 41.48
C PRO E 273 -21.31 -8.96 42.63
N ILE E 274 -21.06 -8.46 43.84
CA ILE E 274 -21.60 -9.06 45.05
C ILE E 274 -22.95 -8.39 45.32
N LEU E 275 -24.03 -9.07 44.91
CA LEU E 275 -25.38 -8.56 45.09
C LEU E 275 -26.05 -9.34 46.20
N ASN E 276 -26.55 -8.63 47.20
CA ASN E 276 -27.21 -9.23 48.36
C ASN E 276 -27.95 -8.12 49.10
N GLU E 277 -28.44 -8.44 50.30
CA GLU E 277 -29.27 -7.52 51.07
C GLU E 277 -28.49 -6.33 51.61
N HIS E 278 -27.17 -6.34 51.56
CA HIS E 278 -26.34 -5.23 52.04
C HIS E 278 -25.94 -4.27 50.94
N THR E 279 -26.54 -4.38 49.76
CA THR E 279 -26.11 -3.62 48.59
C THR E 279 -27.30 -2.92 47.95
N PHE E 280 -27.00 -1.86 47.21
CA PHE E 280 -27.97 -1.22 46.35
C PHE E 280 -27.27 -0.79 45.06
N CYS E 281 -28.07 -0.60 44.01
CA CYS E 281 -27.57 -0.32 42.68
C CYS E 281 -27.92 1.09 42.25
N ALA E 282 -27.02 1.69 41.46
CA ALA E 282 -27.22 3.02 40.91
C ALA E 282 -26.92 2.99 39.42
N GLY E 283 -27.79 3.64 38.64
CA GLY E 283 -27.68 3.62 37.20
C GLY E 283 -26.81 4.74 36.66
N MET E 284 -26.75 4.83 35.34
CA MET E 284 -25.98 5.87 34.69
C MET E 284 -26.67 7.22 34.82
N SER E 285 -25.94 8.27 34.45
CA SER E 285 -26.42 9.64 34.60
C SER E 285 -27.28 10.04 33.42
N LYS E 286 -27.69 11.32 33.40
CA LYS E 286 -28.50 11.83 32.30
C LYS E 286 -27.75 11.80 30.98
N TYR E 287 -26.42 11.87 31.02
CA TYR E 287 -25.60 11.93 29.82
C TYR E 287 -24.82 10.65 29.59
N GLN E 288 -25.24 9.55 30.22
CA GLN E 288 -24.65 8.23 30.04
C GLN E 288 -23.21 8.18 30.57
N GLU E 289 -22.98 8.77 31.73
CA GLU E 289 -21.71 8.71 32.42
C GLU E 289 -21.79 7.68 33.54
N ASP E 290 -20.72 6.91 33.72
CA ASP E 290 -20.71 5.84 34.71
C ASP E 290 -19.33 5.76 35.33
N THR E 291 -19.27 5.09 36.48
CA THR E 291 -18.00 4.81 37.13
C THR E 291 -17.25 3.71 36.38
N CYS E 292 -15.93 3.73 36.52
CA CYS E 292 -15.05 2.75 35.88
C CYS E 292 -13.98 2.35 36.88
N TYR E 293 -12.97 1.63 36.39
CA TYR E 293 -11.97 1.03 37.27
C TYR E 293 -11.30 2.09 38.14
N GLY E 294 -11.16 1.77 39.42
CA GLY E 294 -10.48 2.64 40.36
C GLY E 294 -11.39 3.49 41.21
N ASP E 295 -12.67 3.58 40.89
CA ASP E 295 -13.61 4.35 41.71
C ASP E 295 -14.07 3.61 42.94
N ALA E 296 -13.75 2.32 43.06
CA ALA E 296 -14.21 1.55 44.20
C ALA E 296 -13.65 2.11 45.51
N GLY E 297 -14.46 2.05 46.56
CA GLY E 297 -14.11 2.65 47.82
C GLY E 297 -14.64 4.06 48.02
N SER E 298 -15.06 4.71 46.95
CA SER E 298 -15.67 6.03 47.04
C SER E 298 -17.08 5.95 47.60
N ALA E 299 -17.56 7.09 48.07
CA ALA E 299 -18.85 7.15 48.76
C ALA E 299 -19.93 7.64 47.82
N PHE E 300 -21.16 7.17 48.07
CA PHE E 300 -22.37 7.64 47.40
C PHE E 300 -22.99 8.70 48.29
N ALA E 301 -22.58 9.96 48.07
CA ALA E 301 -22.94 11.05 48.96
C ALA E 301 -24.31 11.61 48.59
N VAL E 302 -25.16 11.81 49.59
CA VAL E 302 -26.48 12.38 49.42
C VAL E 302 -26.56 13.69 50.20
N HIS E 303 -27.07 14.73 49.57
CA HIS E 303 -27.23 16.03 50.20
C HIS E 303 -28.62 16.10 50.84
N ASP E 304 -28.66 16.23 52.15
CA ASP E 304 -29.93 16.34 52.89
C ASP E 304 -30.26 17.83 53.00
N LEU E 305 -31.22 18.27 52.18
CA LEU E 305 -31.51 19.70 52.08
C LEU E 305 -32.15 20.26 53.34
N GLU E 306 -32.77 19.41 54.16
CA GLU E 306 -33.36 19.90 55.40
C GLU E 306 -32.31 20.23 56.45
N GLU E 307 -31.15 19.59 56.37
CA GLU E 307 -30.08 19.82 57.34
C GLU E 307 -28.81 20.36 56.72
N ASP E 308 -28.72 20.47 55.39
CA ASP E 308 -27.53 20.96 54.71
C ASP E 308 -26.30 20.19 55.18
N THR E 309 -26.41 18.86 55.17
CA THR E 309 -25.32 17.98 55.54
C THR E 309 -25.19 16.90 54.47
N TRP E 310 -23.95 16.49 54.20
CA TRP E 310 -23.66 15.46 53.21
C TRP E 310 -23.43 14.13 53.92
N TYR E 311 -24.12 13.09 53.47
CA TYR E 311 -24.17 11.82 54.16
C TYR E 311 -23.65 10.72 53.25
N ALA E 312 -22.87 9.79 53.82
CA ALA E 312 -22.33 8.67 53.07
C ALA E 312 -23.36 7.55 53.10
N THR E 313 -24.11 7.40 52.01
CA THR E 313 -25.16 6.39 51.94
C THR E 313 -24.63 5.05 51.47
N GLY E 314 -23.56 5.03 50.69
CA GLY E 314 -23.02 3.77 50.22
C GLY E 314 -21.58 3.91 49.77
N ILE E 315 -20.87 2.79 49.79
CA ILE E 315 -19.49 2.69 49.35
C ILE E 315 -19.45 1.85 48.10
N LEU E 316 -18.80 2.35 47.05
CA LEU E 316 -18.83 1.67 45.77
C LEU E 316 -18.03 0.39 45.83
N SER E 317 -18.65 -0.71 45.39
CA SER E 317 -18.03 -2.03 45.40
C SER E 317 -17.71 -2.54 44.01
N PHE E 318 -18.65 -2.45 43.09
CA PHE E 318 -18.48 -2.93 41.72
C PHE E 318 -18.25 -1.71 40.82
N ASP E 319 -16.99 -1.49 40.44
CA ASP E 319 -16.60 -0.37 39.60
C ASP E 319 -16.16 -0.82 38.21
N LYS E 320 -16.74 -1.91 37.71
CA LYS E 320 -16.34 -2.49 36.44
C LYS E 320 -17.42 -2.38 35.37
N SER E 321 -18.41 -1.52 35.58
CA SER E 321 -19.45 -1.35 34.57
C SER E 321 -18.93 -0.54 33.38
N CYS E 322 -18.33 0.62 33.65
CA CYS E 322 -17.65 1.42 32.63
C CYS E 322 -18.53 1.70 31.43
N ALA E 323 -19.81 1.98 31.68
CA ALA E 323 -20.83 2.30 30.69
C ALA E 323 -21.16 1.13 29.78
N VAL E 324 -20.54 -0.03 29.98
CA VAL E 324 -20.92 -1.22 29.24
C VAL E 324 -21.97 -2.03 29.99
N ALA E 325 -21.96 -1.96 31.31
CA ALA E 325 -23.03 -2.49 32.13
C ALA E 325 -23.82 -1.33 32.73
N GLU E 326 -25.12 -1.55 32.93
CA GLU E 326 -26.00 -0.43 33.23
C GLU E 326 -25.88 0.07 34.66
N TYR E 327 -25.59 -0.80 35.62
CA TYR E 327 -25.68 -0.46 37.02
C TYR E 327 -24.35 -0.69 37.72
N GLY E 328 -24.08 0.14 38.73
CA GLY E 328 -22.98 -0.05 39.65
C GLY E 328 -23.51 -0.39 41.03
N VAL E 329 -22.74 -1.17 41.78
CA VAL E 329 -23.21 -1.77 43.02
C VAL E 329 -22.48 -1.11 44.19
N TYR E 330 -23.25 -0.66 45.18
CA TYR E 330 -22.73 0.06 46.33
C TYR E 330 -23.13 -0.69 47.60
N VAL E 331 -22.27 -0.63 48.61
CA VAL E 331 -22.52 -1.29 49.89
C VAL E 331 -23.18 -0.30 50.82
N LYS E 332 -24.35 -0.66 51.35
CA LYS E 332 -25.09 0.22 52.25
C LYS E 332 -24.27 0.50 53.51
N VAL E 333 -24.17 1.79 53.86
CA VAL E 333 -23.48 2.17 55.08
C VAL E 333 -24.32 1.84 56.30
N THR E 334 -25.65 1.98 56.19
CA THR E 334 -26.53 1.72 57.32
C THR E 334 -26.46 0.26 57.75
N SER E 335 -26.13 -0.64 56.83
CA SER E 335 -26.01 -2.06 57.14
C SER E 335 -24.68 -2.42 57.78
N ILE E 336 -23.71 -1.50 57.82
CA ILE E 336 -22.39 -1.76 58.37
C ILE E 336 -22.05 -0.80 59.50
N GLN E 337 -23.01 0.01 59.95
CA GLN E 337 -22.70 1.08 60.89
C GLN E 337 -22.28 0.52 62.25
N ASP E 338 -22.91 -0.57 62.69
CA ASP E 338 -22.58 -1.16 63.98
C ASP E 338 -21.17 -1.72 64.01
N TRP E 339 -20.77 -2.44 62.95
CA TRP E 339 -19.40 -2.96 62.90
C TRP E 339 -18.39 -1.84 62.84
N VAL E 340 -18.69 -0.78 62.09
CA VAL E 340 -17.77 0.35 62.01
C VAL E 340 -17.59 0.97 63.38
N GLN E 341 -18.69 1.27 64.07
CA GLN E 341 -18.60 1.90 65.38
C GLN E 341 -17.89 0.99 66.38
N LYS E 342 -18.12 -0.32 66.27
CA LYS E 342 -17.48 -1.24 67.20
C LYS E 342 -15.99 -1.31 66.97
N THR E 343 -15.56 -1.23 65.71
CA THR E 343 -14.13 -1.27 65.42
C THR E 343 -13.44 0.02 65.83
N ILE E 344 -14.09 1.16 65.61
CA ILE E 344 -13.51 2.43 66.06
C ILE E 344 -13.37 2.44 67.58
N ALA E 345 -14.43 2.04 68.29
CA ALA E 345 -14.38 2.08 69.75
C ALA E 345 -13.39 1.06 70.31
N GLU E 346 -13.26 -0.10 69.67
CA GLU E 346 -12.36 -1.13 70.14
C GLU E 346 -10.89 -0.81 69.87
N ASN E 347 -10.61 0.34 69.24
CA ASN E 347 -9.23 0.73 68.97
C ASN E 347 -9.03 2.22 69.26
N PRO F 36 -4.87 30.08 81.72
CA PRO F 36 -5.76 28.92 81.58
C PRO F 36 -5.14 27.81 80.74
N PRO F 37 -5.52 26.56 81.00
CA PRO F 37 -5.01 25.45 80.19
C PRO F 37 -5.60 25.45 78.79
N GLU F 38 -4.82 24.90 77.86
CA GLU F 38 -5.27 24.73 76.49
C GLU F 38 -6.15 23.48 76.37
N ILE F 39 -7.06 23.50 75.41
CA ILE F 39 -7.76 22.30 74.97
C ILE F 39 -7.40 22.05 73.52
N ALA F 40 -7.48 20.78 73.12
CA ALA F 40 -7.14 20.40 71.76
C ALA F 40 -8.01 21.14 70.74
N HIS F 41 -7.33 21.81 69.79
CA HIS F 41 -7.98 22.54 68.70
C HIS F 41 -8.96 23.60 69.21
N GLY F 42 -8.58 24.29 70.28
CA GLY F 42 -9.46 25.27 70.87
C GLY F 42 -8.67 26.43 71.44
N TYR F 43 -9.34 27.57 71.55
CA TYR F 43 -8.70 28.81 71.97
C TYR F 43 -9.55 29.48 73.04
N VAL F 44 -8.95 30.47 73.68
CA VAL F 44 -9.55 31.14 74.82
C VAL F 44 -9.98 32.57 74.50
#